data_5TAB
# 
_entry.id   5TAB 
# 
_audit_conform.dict_name       mmcif_pdbx.dic 
_audit_conform.dict_version    5.387 
_audit_conform.dict_location   http://mmcif.pdb.org/dictionaries/ascii/mmcif_pdbx.dic 
# 
loop_
_database_2.database_id 
_database_2.database_code 
_database_2.pdbx_database_accession 
_database_2.pdbx_DOI 
PDB   5TAB         pdb_00005tab 10.2210/pdb5tab/pdb 
WWPDB D_1000223952 ?            ?                   
# 
loop_
_pdbx_audit_revision_history.ordinal 
_pdbx_audit_revision_history.data_content_type 
_pdbx_audit_revision_history.major_revision 
_pdbx_audit_revision_history.minor_revision 
_pdbx_audit_revision_history.revision_date 
1 'Structure model' 1 0 2016-10-26 
2 'Structure model' 1 1 2017-09-20 
3 'Structure model' 1 2 2018-05-16 
4 'Structure model' 1 3 2019-12-25 
5 'Structure model' 1 4 2024-03-06 
# 
_pdbx_audit_revision_details.ordinal             1 
_pdbx_audit_revision_details.revision_ordinal    1 
_pdbx_audit_revision_details.data_content_type   'Structure model' 
_pdbx_audit_revision_details.provider            repository 
_pdbx_audit_revision_details.type                'Initial release' 
_pdbx_audit_revision_details.description         ? 
_pdbx_audit_revision_details.details             ? 
# 
loop_
_pdbx_audit_revision_group.ordinal 
_pdbx_audit_revision_group.revision_ordinal 
_pdbx_audit_revision_group.data_content_type 
_pdbx_audit_revision_group.group 
1 2 'Structure model' 'Author supporting evidence' 
2 2 'Structure model' 'Derived calculations'       
3 3 'Structure model' 'Data collection'            
4 3 'Structure model' 'Database references'        
5 4 'Structure model' 'Author supporting evidence' 
6 5 'Structure model' 'Data collection'            
7 5 'Structure model' 'Database references'        
# 
loop_
_pdbx_audit_revision_category.ordinal 
_pdbx_audit_revision_category.revision_ordinal 
_pdbx_audit_revision_category.data_content_type 
_pdbx_audit_revision_category.category 
1 2 'Structure model' pdbx_audit_support    
2 2 'Structure model' pdbx_struct_oper_list 
3 3 'Structure model' citation              
4 4 'Structure model' pdbx_audit_support    
5 5 'Structure model' chem_comp_atom        
6 5 'Structure model' chem_comp_bond        
7 5 'Structure model' database_2            
# 
loop_
_pdbx_audit_revision_item.ordinal 
_pdbx_audit_revision_item.revision_ordinal 
_pdbx_audit_revision_item.data_content_type 
_pdbx_audit_revision_item.item 
1 2 'Structure model' '_pdbx_audit_support.funding_organization'  
2 2 'Structure model' '_pdbx_struct_oper_list.symmetry_operation' 
3 3 'Structure model' '_citation.pdbx_database_id_PubMed'         
4 3 'Structure model' '_citation.title'                           
5 4 'Structure model' '_pdbx_audit_support.funding_organization'  
6 5 'Structure model' '_database_2.pdbx_DOI'                      
7 5 'Structure model' '_database_2.pdbx_database_accession'       
# 
_pdbx_database_status.status_code                     REL 
_pdbx_database_status.status_code_sf                  REL 
_pdbx_database_status.status_code_mr                  ? 
_pdbx_database_status.entry_id                        5TAB 
_pdbx_database_status.recvd_initial_deposition_date   2016-09-09 
_pdbx_database_status.SG_entry                        N 
_pdbx_database_status.deposit_site                    RCSB 
_pdbx_database_status.process_site                    RCSB 
_pdbx_database_status.status_code_cs                  ? 
_pdbx_database_status.methods_development_category    ? 
_pdbx_database_status.pdb_format_compatible           Y 
_pdbx_database_status.status_code_nmr_data            ? 
# 
loop_
_audit_author.name 
_audit_author.pdbx_ordinal 
'Klein, B.J.'       1 
'Kutateladze, T.G.' 2 
# 
_citation.abstract                  ? 
_citation.abstract_id_CAS           ? 
_citation.book_id_ISBN              ? 
_citation.book_publisher            ? 
_citation.book_publisher_city       ? 
_citation.book_title                ? 
_citation.coordinate_linkage        ? 
_citation.country                   US 
_citation.database_id_Medline       ? 
_citation.details                   ? 
_citation.id                        primary 
_citation.journal_abbrev            'Cell Rep' 
_citation.journal_id_ASTM           ? 
_citation.journal_id_CSD            ? 
_citation.journal_id_ISSN           2211-1247 
_citation.journal_full              ? 
_citation.journal_issue             ? 
_citation.journal_volume            17 
_citation.language                  ? 
_citation.page_first                1158 
_citation.page_last                 1170 
_citation.title                     'PHF20 Readers Link Methylation of Histone H3K4 and p53 with H4K16 Acetylation.' 
_citation.year                      2016 
_citation.database_id_CSD           ? 
_citation.pdbx_database_id_DOI      10.1016/j.celrep.2016.09.056 
_citation.pdbx_database_id_PubMed   27760318 
_citation.unpublished_flag          ? 
# 
loop_
_citation_author.citation_id 
_citation_author.name 
_citation_author.ordinal 
_citation_author.identifier_ORCID 
primary 'Klein, B.J.'       1  ? 
primary 'Wang, X.'          2  ? 
primary 'Cui, G.'           3  ? 
primary 'Yuan, C.'          4  ? 
primary 'Botuyan, M.V.'     5  ? 
primary 'Lin, K.'           6  ? 
primary 'Lu, Y.'            7  ? 
primary 'Wang, X.'          8  ? 
primary 'Zhao, Y.'          9  ? 
primary 'Bruns, C.J.'       10 ? 
primary 'Mer, G.'           11 ? 
primary 'Shi, X.'           12 ? 
primary 'Kutateladze, T.G.' 13 ? 
# 
loop_
_entity.id 
_entity.type 
_entity.src_method 
_entity.pdbx_description 
_entity.formula_weight 
_entity.pdbx_number_of_molecules 
_entity.pdbx_ec 
_entity.pdbx_mutation 
_entity.pdbx_fragment 
_entity.details 
1 polymer     man 'PHD finger protein 20' 6090.889 1  ? ? 'residues 651-698' ? 
2 non-polymer syn 'ZINC ION'              65.409   2  ? ? ?                  ? 
3 non-polymer syn GLYCEROL                92.094   1  ? ? ?                  ? 
4 water       nat water                   18.015   71 ? ? ?                  ? 
# 
_entity_name_com.entity_id   1 
_entity_name_com.name        
'Glioma-expressed antigen 2,Hepatocellular carcinoma-associated antigen 58,Novel zinc finger protein,Transcription factor TZP' 
# 
_entity_poly.entity_id                      1 
_entity_poly.type                           'polypeptide(L)' 
_entity_poly.nstd_linkage                   no 
_entity_poly.nstd_monomer                   no 
_entity_poly.pdbx_seq_one_letter_code       GPLGSEVVRCICEVQEENDFMIQCEECQSWQHGVCMGLLEENVPEKYTCYVCQ 
_entity_poly.pdbx_seq_one_letter_code_can   GPLGSEVVRCICEVQEENDFMIQCEECQSWQHGVCMGLLEENVPEKYTCYVCQ 
_entity_poly.pdbx_strand_id                 A 
_entity_poly.pdbx_target_identifier         ? 
# 
loop_
_pdbx_entity_nonpoly.entity_id 
_pdbx_entity_nonpoly.name 
_pdbx_entity_nonpoly.comp_id 
2 'ZINC ION' ZN  
3 GLYCEROL   GOL 
4 water      HOH 
# 
loop_
_entity_poly_seq.entity_id 
_entity_poly_seq.num 
_entity_poly_seq.mon_id 
_entity_poly_seq.hetero 
1 1  GLY n 
1 2  PRO n 
1 3  LEU n 
1 4  GLY n 
1 5  SER n 
1 6  GLU n 
1 7  VAL n 
1 8  VAL n 
1 9  ARG n 
1 10 CYS n 
1 11 ILE n 
1 12 CYS n 
1 13 GLU n 
1 14 VAL n 
1 15 GLN n 
1 16 GLU n 
1 17 GLU n 
1 18 ASN n 
1 19 ASP n 
1 20 PHE n 
1 21 MET n 
1 22 ILE n 
1 23 GLN n 
1 24 CYS n 
1 25 GLU n 
1 26 GLU n 
1 27 CYS n 
1 28 GLN n 
1 29 SER n 
1 30 TRP n 
1 31 GLN n 
1 32 HIS n 
1 33 GLY n 
1 34 VAL n 
1 35 CYS n 
1 36 MET n 
1 37 GLY n 
1 38 LEU n 
1 39 LEU n 
1 40 GLU n 
1 41 GLU n 
1 42 ASN n 
1 43 VAL n 
1 44 PRO n 
1 45 GLU n 
1 46 LYS n 
1 47 TYR n 
1 48 THR n 
1 49 CYS n 
1 50 TYR n 
1 51 VAL n 
1 52 CYS n 
1 53 GLN n 
# 
_entity_src_gen.entity_id                          1 
_entity_src_gen.pdbx_src_id                        1 
_entity_src_gen.pdbx_alt_source_flag               sample 
_entity_src_gen.pdbx_seq_type                      'Biological sequence' 
_entity_src_gen.pdbx_beg_seq_num                   1 
_entity_src_gen.pdbx_end_seq_num                   53 
_entity_src_gen.gene_src_common_name               Human 
_entity_src_gen.gene_src_genus                     ? 
_entity_src_gen.pdbx_gene_src_gene                 'PHF20, C20orf104, GLEA2, HCA58, NZF, TZP' 
_entity_src_gen.gene_src_species                   ? 
_entity_src_gen.gene_src_strain                    ? 
_entity_src_gen.gene_src_tissue                    ? 
_entity_src_gen.gene_src_tissue_fraction           ? 
_entity_src_gen.gene_src_details                   ? 
_entity_src_gen.pdbx_gene_src_fragment             ? 
_entity_src_gen.pdbx_gene_src_scientific_name      'Homo sapiens' 
_entity_src_gen.pdbx_gene_src_ncbi_taxonomy_id     9606 
_entity_src_gen.pdbx_gene_src_variant              ? 
_entity_src_gen.pdbx_gene_src_cell_line            ? 
_entity_src_gen.pdbx_gene_src_atcc                 ? 
_entity_src_gen.pdbx_gene_src_organ                ? 
_entity_src_gen.pdbx_gene_src_organelle            ? 
_entity_src_gen.pdbx_gene_src_cell                 ? 
_entity_src_gen.pdbx_gene_src_cellular_location    ? 
_entity_src_gen.host_org_common_name               ? 
_entity_src_gen.pdbx_host_org_scientific_name      'Escherichia coli BL21(DE3)' 
_entity_src_gen.pdbx_host_org_ncbi_taxonomy_id     469008 
_entity_src_gen.host_org_genus                     ? 
_entity_src_gen.pdbx_host_org_gene                 ? 
_entity_src_gen.pdbx_host_org_organ                ? 
_entity_src_gen.host_org_species                   ? 
_entity_src_gen.pdbx_host_org_tissue               ? 
_entity_src_gen.pdbx_host_org_tissue_fraction      ? 
_entity_src_gen.pdbx_host_org_strain               Rossetta2 
_entity_src_gen.pdbx_host_org_variant              RIPL 
_entity_src_gen.pdbx_host_org_cell_line            ? 
_entity_src_gen.pdbx_host_org_atcc                 ? 
_entity_src_gen.pdbx_host_org_culture_collection   ? 
_entity_src_gen.pdbx_host_org_cell                 ? 
_entity_src_gen.pdbx_host_org_organelle            ? 
_entity_src_gen.pdbx_host_org_cellular_location    ? 
_entity_src_gen.pdbx_host_org_vector_type          ? 
_entity_src_gen.pdbx_host_org_vector               ? 
_entity_src_gen.host_org_details                   ? 
_entity_src_gen.expression_system_id               ? 
_entity_src_gen.plasmid_name                       ? 
_entity_src_gen.plasmid_details                    ? 
_entity_src_gen.pdbx_description                   ? 
# 
loop_
_chem_comp.id 
_chem_comp.type 
_chem_comp.mon_nstd_flag 
_chem_comp.name 
_chem_comp.pdbx_synonyms 
_chem_comp.formula 
_chem_comp.formula_weight 
ARG 'L-peptide linking' y ARGININE        ?                               'C6 H15 N4 O2 1' 175.209 
ASN 'L-peptide linking' y ASPARAGINE      ?                               'C4 H8 N2 O3'    132.118 
ASP 'L-peptide linking' y 'ASPARTIC ACID' ?                               'C4 H7 N O4'     133.103 
CYS 'L-peptide linking' y CYSTEINE        ?                               'C3 H7 N O2 S'   121.158 
GLN 'L-peptide linking' y GLUTAMINE       ?                               'C5 H10 N2 O3'   146.144 
GLU 'L-peptide linking' y 'GLUTAMIC ACID' ?                               'C5 H9 N O4'     147.129 
GLY 'peptide linking'   y GLYCINE         ?                               'C2 H5 N O2'     75.067  
GOL non-polymer         . GLYCEROL        'GLYCERIN; PROPANE-1,2,3-TRIOL' 'C3 H8 O3'       92.094  
HIS 'L-peptide linking' y HISTIDINE       ?                               'C6 H10 N3 O2 1' 156.162 
HOH non-polymer         . WATER           ?                               'H2 O'           18.015  
ILE 'L-peptide linking' y ISOLEUCINE      ?                               'C6 H13 N O2'    131.173 
LEU 'L-peptide linking' y LEUCINE         ?                               'C6 H13 N O2'    131.173 
LYS 'L-peptide linking' y LYSINE          ?                               'C6 H15 N2 O2 1' 147.195 
MET 'L-peptide linking' y METHIONINE      ?                               'C5 H11 N O2 S'  149.211 
PHE 'L-peptide linking' y PHENYLALANINE   ?                               'C9 H11 N O2'    165.189 
PRO 'L-peptide linking' y PROLINE         ?                               'C5 H9 N O2'     115.130 
SER 'L-peptide linking' y SERINE          ?                               'C3 H7 N O3'     105.093 
THR 'L-peptide linking' y THREONINE       ?                               'C4 H9 N O3'     119.119 
TRP 'L-peptide linking' y TRYPTOPHAN      ?                               'C11 H12 N2 O2'  204.225 
TYR 'L-peptide linking' y TYROSINE        ?                               'C9 H11 N O3'    181.189 
VAL 'L-peptide linking' y VALINE          ?                               'C5 H11 N O2'    117.146 
ZN  non-polymer         . 'ZINC ION'      ?                               'Zn 2'           65.409  
# 
loop_
_pdbx_poly_seq_scheme.asym_id 
_pdbx_poly_seq_scheme.entity_id 
_pdbx_poly_seq_scheme.seq_id 
_pdbx_poly_seq_scheme.mon_id 
_pdbx_poly_seq_scheme.ndb_seq_num 
_pdbx_poly_seq_scheme.pdb_seq_num 
_pdbx_poly_seq_scheme.auth_seq_num 
_pdbx_poly_seq_scheme.pdb_mon_id 
_pdbx_poly_seq_scheme.auth_mon_id 
_pdbx_poly_seq_scheme.pdb_strand_id 
_pdbx_poly_seq_scheme.pdb_ins_code 
_pdbx_poly_seq_scheme.hetero 
A 1 1  GLY 1  1  1  GLY GLY A . n 
A 1 2  PRO 2  2  2  PRO PRO A . n 
A 1 3  LEU 3  3  3  LEU LEU A . n 
A 1 4  GLY 4  4  4  GLY GLY A . n 
A 1 5  SER 5  5  5  SER SER A . n 
A 1 6  GLU 6  6  6  GLU GLU A . n 
A 1 7  VAL 7  7  7  VAL VAL A . n 
A 1 8  VAL 8  8  8  VAL VAL A . n 
A 1 9  ARG 9  9  9  ARG ARG A . n 
A 1 10 CYS 10 10 10 CYS CYS A . n 
A 1 11 ILE 11 11 11 ILE ILE A . n 
A 1 12 CYS 12 12 12 CYS CYS A . n 
A 1 13 GLU 13 13 13 GLU GLU A . n 
A 1 14 VAL 14 14 14 VAL VAL A . n 
A 1 15 GLN 15 15 15 GLN GLN A . n 
A 1 16 GLU 16 16 16 GLU GLU A . n 
A 1 17 GLU 17 17 17 GLU GLU A . n 
A 1 18 ASN 18 18 18 ASN ASN A . n 
A 1 19 ASP 19 19 19 ASP ASP A . n 
A 1 20 PHE 20 20 20 PHE PHE A . n 
A 1 21 MET 21 21 21 MET MET A . n 
A 1 22 ILE 22 22 22 ILE ILE A . n 
A 1 23 GLN 23 23 23 GLN GLN A . n 
A 1 24 CYS 24 24 24 CYS CYS A . n 
A 1 25 GLU 25 25 25 GLU GLU A . n 
A 1 26 GLU 26 26 26 GLU GLU A . n 
A 1 27 CYS 27 27 27 CYS CYS A . n 
A 1 28 GLN 28 28 28 GLN GLN A . n 
A 1 29 SER 29 29 29 SER SER A . n 
A 1 30 TRP 30 30 30 TRP TRP A . n 
A 1 31 GLN 31 31 31 GLN GLN A . n 
A 1 32 HIS 32 32 32 HIS HIS A . n 
A 1 33 GLY 33 33 33 GLY GLY A . n 
A 1 34 VAL 34 34 34 VAL VAL A . n 
A 1 35 CYS 35 35 35 CYS CYS A . n 
A 1 36 MET 36 36 36 MET MET A . n 
A 1 37 GLY 37 37 37 GLY GLY A . n 
A 1 38 LEU 38 38 38 LEU LEU A . n 
A 1 39 LEU 39 39 39 LEU LEU A . n 
A 1 40 GLU 40 40 40 GLU GLU A . n 
A 1 41 GLU 41 41 41 GLU GLU A . n 
A 1 42 ASN 42 42 42 ASN ASN A . n 
A 1 43 VAL 43 43 43 VAL VAL A . n 
A 1 44 PRO 44 44 44 PRO PRO A . n 
A 1 45 GLU 45 45 45 GLU GLU A . n 
A 1 46 LYS 46 46 46 LYS LYS A . n 
A 1 47 TYR 47 47 47 TYR TYR A . n 
A 1 48 THR 48 48 48 THR THR A . n 
A 1 49 CYS 49 49 49 CYS CYS A . n 
A 1 50 TYR 50 50 50 TYR TYR A . n 
A 1 51 VAL 51 51 51 VAL VAL A . n 
A 1 52 CYS 52 52 52 CYS CYS A . n 
A 1 53 GLN 53 53 53 GLN GLN A . n 
# 
loop_
_pdbx_nonpoly_scheme.asym_id 
_pdbx_nonpoly_scheme.entity_id 
_pdbx_nonpoly_scheme.mon_id 
_pdbx_nonpoly_scheme.ndb_seq_num 
_pdbx_nonpoly_scheme.pdb_seq_num 
_pdbx_nonpoly_scheme.auth_seq_num 
_pdbx_nonpoly_scheme.pdb_mon_id 
_pdbx_nonpoly_scheme.auth_mon_id 
_pdbx_nonpoly_scheme.pdb_strand_id 
_pdbx_nonpoly_scheme.pdb_ins_code 
B 2 ZN  1  101 1  ZN  ZN  A . 
C 2 ZN  1  102 2  ZN  ZN  A . 
D 3 GOL 1  103 1  GOL GOL A . 
E 4 HOH 1  201 9  HOH HOH A . 
E 4 HOH 2  202 58 HOH HOH A . 
E 4 HOH 3  203 52 HOH HOH A . 
E 4 HOH 4  204 68 HOH HOH A . 
E 4 HOH 5  205 55 HOH HOH A . 
E 4 HOH 6  206 36 HOH HOH A . 
E 4 HOH 7  207 54 HOH HOH A . 
E 4 HOH 8  208 2  HOH HOH A . 
E 4 HOH 9  209 65 HOH HOH A . 
E 4 HOH 10 210 24 HOH HOH A . 
E 4 HOH 11 211 1  HOH HOH A . 
E 4 HOH 12 212 46 HOH HOH A . 
E 4 HOH 13 213 71 HOH HOH A . 
E 4 HOH 14 214 7  HOH HOH A . 
E 4 HOH 15 215 31 HOH HOH A . 
E 4 HOH 16 216 40 HOH HOH A . 
E 4 HOH 17 217 29 HOH HOH A . 
E 4 HOH 18 218 30 HOH HOH A . 
E 4 HOH 19 219 43 HOH HOH A . 
E 4 HOH 20 220 21 HOH HOH A . 
E 4 HOH 21 221 32 HOH HOH A . 
E 4 HOH 22 222 23 HOH HOH A . 
E 4 HOH 23 223 63 HOH HOH A . 
E 4 HOH 24 224 3  HOH HOH A . 
E 4 HOH 25 225 67 HOH HOH A . 
E 4 HOH 26 226 61 HOH HOH A . 
E 4 HOH 27 227 18 HOH HOH A . 
E 4 HOH 28 228 6  HOH HOH A . 
E 4 HOH 29 229 11 HOH HOH A . 
E 4 HOH 30 230 41 HOH HOH A . 
E 4 HOH 31 231 28 HOH HOH A . 
E 4 HOH 32 232 56 HOH HOH A . 
E 4 HOH 33 233 5  HOH HOH A . 
E 4 HOH 34 234 25 HOH HOH A . 
E 4 HOH 35 235 27 HOH HOH A . 
E 4 HOH 36 236 8  HOH HOH A . 
E 4 HOH 37 237 16 HOH HOH A . 
E 4 HOH 38 238 20 HOH HOH A . 
E 4 HOH 39 239 35 HOH HOH A . 
E 4 HOH 40 240 69 HOH HOH A . 
E 4 HOH 41 241 4  HOH HOH A . 
E 4 HOH 42 242 48 HOH HOH A . 
E 4 HOH 43 243 38 HOH HOH A . 
E 4 HOH 44 244 44 HOH HOH A . 
E 4 HOH 45 245 33 HOH HOH A . 
E 4 HOH 46 246 66 HOH HOH A . 
E 4 HOH 47 247 10 HOH HOH A . 
E 4 HOH 48 248 60 HOH HOH A . 
E 4 HOH 49 249 34 HOH HOH A . 
E 4 HOH 50 250 14 HOH HOH A . 
E 4 HOH 51 251 26 HOH HOH A . 
E 4 HOH 52 252 37 HOH HOH A . 
E 4 HOH 53 253 39 HOH HOH A . 
E 4 HOH 54 254 70 HOH HOH A . 
E 4 HOH 55 255 50 HOH HOH A . 
E 4 HOH 56 256 47 HOH HOH A . 
E 4 HOH 57 257 15 HOH HOH A . 
E 4 HOH 58 258 12 HOH HOH A . 
E 4 HOH 59 259 51 HOH HOH A . 
E 4 HOH 60 260 22 HOH HOH A . 
E 4 HOH 61 261 42 HOH HOH A . 
E 4 HOH 62 262 57 HOH HOH A . 
E 4 HOH 63 263 17 HOH HOH A . 
E 4 HOH 64 264 62 HOH HOH A . 
E 4 HOH 65 265 64 HOH HOH A . 
E 4 HOH 66 266 49 HOH HOH A . 
E 4 HOH 67 267 45 HOH HOH A . 
E 4 HOH 68 268 13 HOH HOH A . 
E 4 HOH 69 269 19 HOH HOH A . 
E 4 HOH 70 270 53 HOH HOH A . 
E 4 HOH 71 271 59 HOH HOH A . 
# 
loop_
_software.citation_id 
_software.classification 
_software.compiler_name 
_software.compiler_version 
_software.contact_author 
_software.contact_author_email 
_software.date 
_software.description 
_software.dependencies 
_software.hardware 
_software.language 
_software.location 
_software.mods 
_software.name 
_software.os 
_software.os_version 
_software.type 
_software.version 
_software.pdbx_ordinal 
? refinement       ? ? ? ? ? ? ? ? ? ? ? PHENIX ? ? ? 1.9_1692 1 
? 'model building' ? ? ? ? ? ? ? ? ? ? ? PHENIX ? ? ? 1.9_1692 2 
# 
_cell.angle_alpha                  90.00 
_cell.angle_alpha_esd              ? 
_cell.angle_beta                   90.00 
_cell.angle_beta_esd               ? 
_cell.angle_gamma                  120.00 
_cell.angle_gamma_esd              ? 
_cell.entry_id                     5TAB 
_cell.details                      ? 
_cell.formula_units_Z              ? 
_cell.length_a                     46.739 
_cell.length_a_esd                 ? 
_cell.length_b                     46.739 
_cell.length_b_esd                 ? 
_cell.length_c                     50.928 
_cell.length_c_esd                 ? 
_cell.volume                       ? 
_cell.volume_esd                   ? 
_cell.Z_PDB                        6 
_cell.reciprocal_angle_alpha       ? 
_cell.reciprocal_angle_beta        ? 
_cell.reciprocal_angle_gamma       ? 
_cell.reciprocal_angle_alpha_esd   ? 
_cell.reciprocal_angle_beta_esd    ? 
_cell.reciprocal_angle_gamma_esd   ? 
_cell.reciprocal_length_a          ? 
_cell.reciprocal_length_b          ? 
_cell.reciprocal_length_c          ? 
_cell.reciprocal_length_a_esd      ? 
_cell.reciprocal_length_b_esd      ? 
_cell.reciprocal_length_c_esd      ? 
_cell.pdbx_unique_axis             ? 
# 
_symmetry.entry_id                         5TAB 
_symmetry.cell_setting                     ? 
_symmetry.Int_Tables_number                169 
_symmetry.space_group_name_Hall            ? 
_symmetry.space_group_name_H-M             'P 61' 
_symmetry.pdbx_full_space_group_name_H-M   ? 
# 
_exptl.absorpt_coefficient_mu     ? 
_exptl.absorpt_correction_T_max   ? 
_exptl.absorpt_correction_T_min   ? 
_exptl.absorpt_correction_type    ? 
_exptl.absorpt_process_details    ? 
_exptl.entry_id                   5TAB 
_exptl.crystals_number            1 
_exptl.details                    ? 
_exptl.method                     'X-RAY DIFFRACTION' 
_exptl.method_details             ? 
# 
_exptl_crystal.colour                      ? 
_exptl_crystal.density_diffrn              ? 
_exptl_crystal.density_Matthews            2.64 
_exptl_crystal.density_method              ? 
_exptl_crystal.density_percent_sol         53.35 
_exptl_crystal.description                 ? 
_exptl_crystal.F_000                       ? 
_exptl_crystal.id                          1 
_exptl_crystal.preparation                 ? 
_exptl_crystal.size_max                    ? 
_exptl_crystal.size_mid                    ? 
_exptl_crystal.size_min                    ? 
_exptl_crystal.size_rad                    ? 
_exptl_crystal.colour_lustre               ? 
_exptl_crystal.colour_modifier             ? 
_exptl_crystal.colour_primary              ? 
_exptl_crystal.density_meas                ? 
_exptl_crystal.density_meas_esd            ? 
_exptl_crystal.density_meas_gt             ? 
_exptl_crystal.density_meas_lt             ? 
_exptl_crystal.density_meas_temp           ? 
_exptl_crystal.density_meas_temp_esd       ? 
_exptl_crystal.density_meas_temp_gt        ? 
_exptl_crystal.density_meas_temp_lt        ? 
_exptl_crystal.pdbx_crystal_image_url      ? 
_exptl_crystal.pdbx_crystal_image_format   ? 
_exptl_crystal.pdbx_mosaicity              ? 
_exptl_crystal.pdbx_mosaicity_esd          ? 
# 
_exptl_crystal_grow.apparatus       ? 
_exptl_crystal_grow.atmosphere      ? 
_exptl_crystal_grow.crystal_id      1 
_exptl_crystal_grow.details         ? 
_exptl_crystal_grow.method          'VAPOR DIFFUSION, SITTING DROP' 
_exptl_crystal_grow.method_ref      ? 
_exptl_crystal_grow.pH              6.5 
_exptl_crystal_grow.pressure        ? 
_exptl_crystal_grow.pressure_esd    ? 
_exptl_crystal_grow.seeding         ? 
_exptl_crystal_grow.seeding_ref     ? 
_exptl_crystal_grow.temp            277.15 
_exptl_crystal_grow.temp_details    ? 
_exptl_crystal_grow.temp_esd        ? 
_exptl_crystal_grow.time            ? 
_exptl_crystal_grow.pdbx_details    
'0.1 M bis-tris propanol pH 6.5, 2.55 M ammonium sulfate titrated with 0.006 ml per 1 ml 1 N HCl' 
_exptl_crystal_grow.pdbx_pH_range   ? 
# 
_diffrn.ambient_environment    ? 
_diffrn.ambient_temp           100 
_diffrn.ambient_temp_details   ? 
_diffrn.ambient_temp_esd       ? 
_diffrn.crystal_id             1 
_diffrn.crystal_support        ? 
_diffrn.crystal_treatment      ? 
_diffrn.details                ? 
_diffrn.id                     1 
_diffrn.ambient_pressure       ? 
_diffrn.ambient_pressure_esd   ? 
_diffrn.ambient_pressure_gt    ? 
_diffrn.ambient_pressure_lt    ? 
_diffrn.ambient_temp_gt        ? 
_diffrn.ambient_temp_lt        ? 
# 
_diffrn_detector.details                      ? 
_diffrn_detector.detector                     CCD 
_diffrn_detector.diffrn_id                    1 
_diffrn_detector.type                         'ADSC QUANTUM 315' 
_diffrn_detector.area_resol_mean              ? 
_diffrn_detector.dtime                        ? 
_diffrn_detector.pdbx_frames_total            ? 
_diffrn_detector.pdbx_collection_time_total   ? 
_diffrn_detector.pdbx_collection_date         2014-02-27 
# 
_diffrn_radiation.collimation                      ? 
_diffrn_radiation.diffrn_id                        1 
_diffrn_radiation.filter_edge                      ? 
_diffrn_radiation.inhomogeneity                    ? 
_diffrn_radiation.monochromator                    ? 
_diffrn_radiation.polarisn_norm                    ? 
_diffrn_radiation.polarisn_ratio                   ? 
_diffrn_radiation.probe                            ? 
_diffrn_radiation.type                             ? 
_diffrn_radiation.xray_symbol                      ? 
_diffrn_radiation.wavelength_id                    1 
_diffrn_radiation.pdbx_monochromatic_or_laue_m_l   M 
_diffrn_radiation.pdbx_wavelength_list             ? 
_diffrn_radiation.pdbx_wavelength                  ? 
_diffrn_radiation.pdbx_diffrn_protocol             'SINGLE WAVELENGTH' 
_diffrn_radiation.pdbx_analyzer                    ? 
_diffrn_radiation.pdbx_scattering_type             x-ray 
# 
_diffrn_radiation_wavelength.id           1 
_diffrn_radiation_wavelength.wavelength   1 
_diffrn_radiation_wavelength.wt           1.0 
# 
_diffrn_source.current                     ? 
_diffrn_source.details                     ? 
_diffrn_source.diffrn_id                   1 
_diffrn_source.power                       ? 
_diffrn_source.size                        ? 
_diffrn_source.source                      SYNCHROTRON 
_diffrn_source.target                      ? 
_diffrn_source.type                        'NSLS BEAMLINE X25' 
_diffrn_source.voltage                     ? 
_diffrn_source.take-off_angle              ? 
_diffrn_source.pdbx_wavelength_list        1 
_diffrn_source.pdbx_wavelength             ? 
_diffrn_source.pdbx_synchrotron_beamline   X25 
_diffrn_source.pdbx_synchrotron_site       NSLS 
# 
_reflns.B_iso_Wilson_estimate            ? 
_reflns.entry_id                         5TAB 
_reflns.data_reduction_details           ? 
_reflns.data_reduction_method            ? 
_reflns.d_resolution_high                1.25 
_reflns.d_resolution_low                 31.69 
_reflns.details                          ? 
_reflns.limit_h_max                      ? 
_reflns.limit_h_min                      ? 
_reflns.limit_k_max                      ? 
_reflns.limit_k_min                      ? 
_reflns.limit_l_max                      ? 
_reflns.limit_l_min                      ? 
_reflns.number_all                       ? 
_reflns.number_obs                       33909 
_reflns.observed_criterion               ? 
_reflns.observed_criterion_F_max         ? 
_reflns.observed_criterion_F_min         ? 
_reflns.observed_criterion_I_max         ? 
_reflns.observed_criterion_I_min         ? 
_reflns.observed_criterion_sigma_F       ? 
_reflns.observed_criterion_sigma_I       ? 
_reflns.percent_possible_obs             99.7 
_reflns.R_free_details                   ? 
_reflns.Rmerge_F_all                     ? 
_reflns.Rmerge_F_obs                     ? 
_reflns.Friedel_coverage                 ? 
_reflns.number_gt                        ? 
_reflns.threshold_expression             ? 
_reflns.pdbx_redundancy                  1.9 
_reflns.pdbx_Rmerge_I_obs                ? 
_reflns.pdbx_Rmerge_I_all                ? 
_reflns.pdbx_Rsym_value                  ? 
_reflns.pdbx_netI_over_av_sigmaI         ? 
_reflns.pdbx_netI_over_sigmaI            7.4 
_reflns.pdbx_res_netI_over_av_sigmaI_2   ? 
_reflns.pdbx_res_netI_over_sigmaI_2      ? 
_reflns.pdbx_chi_squared                 ? 
_reflns.pdbx_scaling_rejects             ? 
_reflns.pdbx_d_res_high_opt              ? 
_reflns.pdbx_d_res_low_opt               ? 
_reflns.pdbx_d_res_opt_method            ? 
_reflns.phase_calculation_details        ? 
_reflns.pdbx_Rrim_I_all                  ? 
_reflns.pdbx_Rpim_I_all                  ? 
_reflns.pdbx_d_opt                       ? 
_reflns.pdbx_number_measured_all         ? 
_reflns.pdbx_diffrn_id                   1 
_reflns.pdbx_ordinal                     1 
_reflns.pdbx_CC_half                     ? 
_reflns.pdbx_R_split                     ? 
# 
_reflns_shell.d_res_high                  . 
_reflns_shell.d_res_low                   ? 
_reflns_shell.meanI_over_sigI_all         ? 
_reflns_shell.meanI_over_sigI_obs         ? 
_reflns_shell.number_measured_all         ? 
_reflns_shell.number_measured_obs         ? 
_reflns_shell.number_possible             ? 
_reflns_shell.number_unique_all           ? 
_reflns_shell.number_unique_obs           ? 
_reflns_shell.percent_possible_all        ? 
_reflns_shell.percent_possible_obs        ? 
_reflns_shell.Rmerge_F_all                ? 
_reflns_shell.Rmerge_F_obs                ? 
_reflns_shell.Rmerge_I_all                ? 
_reflns_shell.Rmerge_I_obs                ? 
_reflns_shell.meanI_over_sigI_gt          ? 
_reflns_shell.meanI_over_uI_all           ? 
_reflns_shell.meanI_over_uI_gt            ? 
_reflns_shell.number_measured_gt          ? 
_reflns_shell.number_unique_gt            ? 
_reflns_shell.percent_possible_gt         ? 
_reflns_shell.Rmerge_F_gt                 ? 
_reflns_shell.Rmerge_I_gt                 ? 
_reflns_shell.pdbx_redundancy             ? 
_reflns_shell.pdbx_Rsym_value             ? 
_reflns_shell.pdbx_chi_squared            ? 
_reflns_shell.pdbx_netI_over_sigmaI_all   ? 
_reflns_shell.pdbx_netI_over_sigmaI_obs   ? 
_reflns_shell.pdbx_Rrim_I_all             ? 
_reflns_shell.pdbx_Rpim_I_all             ? 
_reflns_shell.pdbx_rejects                ? 
_reflns_shell.pdbx_ordinal                1 
_reflns_shell.pdbx_diffrn_id              1 
_reflns_shell.pdbx_CC_half                ? 
_reflns_shell.pdbx_R_split                ? 
# 
_refine.aniso_B[1][1]                            ? 
_refine.aniso_B[1][2]                            ? 
_refine.aniso_B[1][3]                            ? 
_refine.aniso_B[2][2]                            ? 
_refine.aniso_B[2][3]                            ? 
_refine.aniso_B[3][3]                            ? 
_refine.B_iso_max                                ? 
_refine.B_iso_mean                               ? 
_refine.B_iso_min                                ? 
_refine.correlation_coeff_Fo_to_Fc               ? 
_refine.correlation_coeff_Fo_to_Fc_free          ? 
_refine.details                                  ? 
_refine.diff_density_max                         ? 
_refine.diff_density_max_esd                     ? 
_refine.diff_density_min                         ? 
_refine.diff_density_min_esd                     ? 
_refine.diff_density_rms                         ? 
_refine.diff_density_rms_esd                     ? 
_refine.entry_id                                 5TAB 
_refine.pdbx_refine_id                           'X-RAY DIFFRACTION' 
_refine.ls_abs_structure_details                 ? 
_refine.ls_abs_structure_Flack                   ? 
_refine.ls_abs_structure_Flack_esd               ? 
_refine.ls_abs_structure_Rogers                  ? 
_refine.ls_abs_structure_Rogers_esd              ? 
_refine.ls_d_res_high                            1.250 
_refine.ls_d_res_low                             31.688 
_refine.ls_extinction_coef                       ? 
_refine.ls_extinction_coef_esd                   ? 
_refine.ls_extinction_expression                 ? 
_refine.ls_extinction_method                     ? 
_refine.ls_goodness_of_fit_all                   ? 
_refine.ls_goodness_of_fit_all_esd               ? 
_refine.ls_goodness_of_fit_obs                   ? 
_refine.ls_goodness_of_fit_obs_esd               ? 
_refine.ls_hydrogen_treatment                    ? 
_refine.ls_matrix_type                           ? 
_refine.ls_number_constraints                    ? 
_refine.ls_number_parameters                     ? 
_refine.ls_number_reflns_all                     ? 
_refine.ls_number_reflns_obs                     17326 
_refine.ls_number_reflns_R_free                  1641 
_refine.ls_number_reflns_R_work                  ? 
_refine.ls_number_restraints                     ? 
_refine.ls_percent_reflns_obs                    98.81 
_refine.ls_percent_reflns_R_free                 9.47 
_refine.ls_R_factor_all                          ? 
_refine.ls_R_factor_obs                          0.1206 
_refine.ls_R_factor_R_free                       0.1435 
_refine.ls_R_factor_R_free_error                 ? 
_refine.ls_R_factor_R_free_error_details         ? 
_refine.ls_R_factor_R_work                       0.1182 
_refine.ls_R_Fsqd_factor_obs                     ? 
_refine.ls_R_I_factor_obs                        ? 
_refine.ls_redundancy_reflns_all                 ? 
_refine.ls_redundancy_reflns_obs                 ? 
_refine.ls_restrained_S_all                      ? 
_refine.ls_restrained_S_obs                      ? 
_refine.ls_shift_over_esd_max                    ? 
_refine.ls_shift_over_esd_mean                   ? 
_refine.ls_structure_factor_coef                 ? 
_refine.ls_weighting_details                     ? 
_refine.ls_weighting_scheme                      ? 
_refine.ls_wR_factor_all                         ? 
_refine.ls_wR_factor_obs                         ? 
_refine.ls_wR_factor_R_free                      ? 
_refine.ls_wR_factor_R_work                      ? 
_refine.occupancy_max                            ? 
_refine.occupancy_min                            ? 
_refine.solvent_model_details                    ? 
_refine.solvent_model_param_bsol                 ? 
_refine.solvent_model_param_ksol                 ? 
_refine.ls_R_factor_gt                           ? 
_refine.ls_goodness_of_fit_gt                    ? 
_refine.ls_goodness_of_fit_ref                   ? 
_refine.ls_shift_over_su_max                     ? 
_refine.ls_shift_over_su_max_lt                  ? 
_refine.ls_shift_over_su_mean                    ? 
_refine.ls_shift_over_su_mean_lt                 ? 
_refine.pdbx_ls_sigma_I                          ? 
_refine.pdbx_ls_sigma_F                          0.00 
_refine.pdbx_ls_sigma_Fsqd                       ? 
_refine.pdbx_data_cutoff_high_absF               ? 
_refine.pdbx_data_cutoff_high_rms_absF           ? 
_refine.pdbx_data_cutoff_low_absF                ? 
_refine.pdbx_isotropic_thermal_model             ? 
_refine.pdbx_ls_cross_valid_method               NONE 
_refine.pdbx_method_to_determine_struct          SAD 
_refine.pdbx_starting_model                      ? 
_refine.pdbx_stereochemistry_target_values       ? 
_refine.pdbx_R_Free_selection_details            ? 
_refine.pdbx_stereochem_target_val_spec_case     ? 
_refine.pdbx_overall_ESU_R                       ? 
_refine.pdbx_overall_ESU_R_Free                  ? 
_refine.pdbx_solvent_vdw_probe_radii             1.11 
_refine.pdbx_solvent_ion_probe_radii             ? 
_refine.pdbx_solvent_shrinkage_radii             0.90 
_refine.pdbx_real_space_R                        ? 
_refine.pdbx_density_correlation                 ? 
_refine.pdbx_pd_number_of_powder_patterns        ? 
_refine.pdbx_pd_number_of_points                 ? 
_refine.pdbx_pd_meas_number_of_points            ? 
_refine.pdbx_pd_proc_ls_prof_R_factor            ? 
_refine.pdbx_pd_proc_ls_prof_wR_factor           ? 
_refine.pdbx_pd_Marquardt_correlation_coeff      ? 
_refine.pdbx_pd_Fsqrd_R_factor                   ? 
_refine.pdbx_pd_ls_matrix_band_width             ? 
_refine.pdbx_overall_phase_error                 12.59 
_refine.pdbx_overall_SU_R_free_Cruickshank_DPI   ? 
_refine.pdbx_overall_SU_R_free_Blow_DPI          ? 
_refine.pdbx_overall_SU_R_Blow_DPI               ? 
_refine.pdbx_TLS_residual_ADP_flag               ? 
_refine.pdbx_diffrn_id                           1 
_refine.overall_SU_B                             ? 
_refine.overall_SU_ML                            0.09 
_refine.overall_SU_R_Cruickshank_DPI             ? 
_refine.overall_SU_R_free                        ? 
_refine.overall_FOM_free_R_set                   ? 
_refine.overall_FOM_work_R_set                   ? 
_refine.pdbx_average_fsc_overall                 ? 
_refine.pdbx_average_fsc_work                    ? 
_refine.pdbx_average_fsc_free                    ? 
# 
_refine_hist.pdbx_refine_id                   'X-RAY DIFFRACTION' 
_refine_hist.cycle_id                         LAST 
_refine_hist.pdbx_number_atoms_protein        418 
_refine_hist.pdbx_number_atoms_nucleic_acid   0 
_refine_hist.pdbx_number_atoms_ligand         8 
_refine_hist.number_atoms_solvent             71 
_refine_hist.number_atoms_total               497 
_refine_hist.d_res_high                       1.250 
_refine_hist.d_res_low                        31.688 
# 
loop_
_refine_ls_restr.pdbx_refine_id 
_refine_ls_restr.criterion 
_refine_ls_restr.dev_ideal 
_refine_ls_restr.dev_ideal_target 
_refine_ls_restr.number 
_refine_ls_restr.rejects 
_refine_ls_restr.type 
_refine_ls_restr.weight 
_refine_ls_restr.pdbx_restraint_function 
'X-RAY DIFFRACTION' ? 0.012  ? 443 ? f_bond_d           ? ? 
'X-RAY DIFFRACTION' ? 1.472  ? 597 ? f_angle_d          ? ? 
'X-RAY DIFFRACTION' ? 17.959 ? 166 ? f_dihedral_angle_d ? ? 
'X-RAY DIFFRACTION' ? 0.076  ? 63  ? f_chiral_restr     ? ? 
'X-RAY DIFFRACTION' ? 0.009  ? 79  ? f_plane_restr      ? ? 
# 
loop_
_refine_ls_shell.pdbx_refine_id 
_refine_ls_shell.d_res_high 
_refine_ls_shell.d_res_low 
_refine_ls_shell.number_reflns_all 
_refine_ls_shell.number_reflns_obs 
_refine_ls_shell.number_reflns_R_free 
_refine_ls_shell.number_reflns_R_work 
_refine_ls_shell.percent_reflns_obs 
_refine_ls_shell.percent_reflns_R_free 
_refine_ls_shell.R_factor_all 
_refine_ls_shell.R_factor_obs 
_refine_ls_shell.R_factor_R_free 
_refine_ls_shell.R_factor_R_free_error 
_refine_ls_shell.R_factor_R_work 
_refine_ls_shell.redundancy_reflns_all 
_refine_ls_shell.redundancy_reflns_obs 
_refine_ls_shell.wR_factor_all 
_refine_ls_shell.wR_factor_obs 
_refine_ls_shell.wR_factor_R_free 
_refine_ls_shell.wR_factor_R_work 
_refine_ls_shell.pdbx_total_number_of_bins_used 
_refine_ls_shell.pdbx_phase_error 
_refine_ls_shell.pdbx_fsc_work 
_refine_ls_shell.pdbx_fsc_free 
'X-RAY DIFFRACTION' 1.2500 1.2868  . . 130 1246 94.00  . . . 0.2167 . 0.1752 . . . . . . . . . . 
'X-RAY DIFFRACTION' 1.2868 1.3284  . . 133 1280 97.00  . . . 0.2048 . 0.1561 . . . . . . . . . . 
'X-RAY DIFFRACTION' 1.3284 1.3758  . . 135 1278 98.00  . . . 0.1560 . 0.1286 . . . . . . . . . . 
'X-RAY DIFFRACTION' 1.3758 1.4309  . . 131 1282 99.00  . . . 0.1426 . 0.1083 . . . . . . . . . . 
'X-RAY DIFFRACTION' 1.4309 1.4960  . . 142 1320 99.00  . . . 0.1284 . 0.0968 . . . . . . . . . . 
'X-RAY DIFFRACTION' 1.4960 1.5749  . . 137 1311 100.00 . . . 0.1158 . 0.0923 . . . . . . . . . . 
'X-RAY DIFFRACTION' 1.5749 1.6736  . . 137 1321 100.00 . . . 0.1231 . 0.0949 . . . . . . . . . . 
'X-RAY DIFFRACTION' 1.6736 1.8028  . . 136 1327 100.00 . . . 0.1233 . 0.0970 . . . . . . . . . . 
'X-RAY DIFFRACTION' 1.8028 1.9842  . . 142 1295 100.00 . . . 0.1346 . 0.1115 . . . . . . . . . . 
'X-RAY DIFFRACTION' 1.9842 2.2712  . . 136 1334 100.00 . . . 0.1471 . 0.1234 . . . . . . . . . . 
'X-RAY DIFFRACTION' 2.2712 2.8612  . . 139 1333 100.00 . . . 0.1573 . 0.1300 . . . . . . . . . . 
'X-RAY DIFFRACTION' 2.8612 31.6979 . . 143 1358 100.00 . . . 0.1385 . 0.1211 . . . . . . . . . . 
# 
_struct.entry_id                     5TAB 
_struct.title                        'Crystal Structure of the PHD Finger of PHF20' 
_struct.pdbx_model_details           ? 
_struct.pdbx_formula_weight          ? 
_struct.pdbx_formula_weight_method   ? 
_struct.pdbx_model_type_details      ? 
_struct.pdbx_CASP_flag               N 
# 
_struct_keywords.entry_id        5TAB 
_struct_keywords.text            'PHD Finger, TRANSCRIPTION' 
_struct_keywords.pdbx_keywords   TRANSCRIPTION 
# 
loop_
_struct_asym.id 
_struct_asym.pdbx_blank_PDB_chainid_flag 
_struct_asym.pdbx_modified 
_struct_asym.entity_id 
_struct_asym.details 
A N N 1 ? 
B N N 2 ? 
C N N 2 ? 
D N N 3 ? 
E N N 4 ? 
# 
_struct_ref.id                         1 
_struct_ref.db_name                    UNP 
_struct_ref.db_code                    PHF20_HUMAN 
_struct_ref.pdbx_db_accession          Q9BVI0 
_struct_ref.pdbx_db_isoform            ? 
_struct_ref.entity_id                  1 
_struct_ref.pdbx_seq_one_letter_code   EVVRCICEVQEENDFMIQCEECQCWQHGVCMGLLEENVPEKYTCYVCQ 
_struct_ref.pdbx_align_begin           651 
# 
_struct_ref_seq.align_id                      1 
_struct_ref_seq.ref_id                        1 
_struct_ref_seq.pdbx_PDB_id_code              5TAB 
_struct_ref_seq.pdbx_strand_id                A 
_struct_ref_seq.seq_align_beg                 6 
_struct_ref_seq.pdbx_seq_align_beg_ins_code   ? 
_struct_ref_seq.seq_align_end                 53 
_struct_ref_seq.pdbx_seq_align_end_ins_code   ? 
_struct_ref_seq.pdbx_db_accession             Q9BVI0 
_struct_ref_seq.db_align_beg                  651 
_struct_ref_seq.pdbx_db_align_beg_ins_code    ? 
_struct_ref_seq.db_align_end                  698 
_struct_ref_seq.pdbx_db_align_end_ins_code    ? 
_struct_ref_seq.pdbx_auth_seq_align_beg       6 
_struct_ref_seq.pdbx_auth_seq_align_end       53 
# 
loop_
_struct_ref_seq_dif.align_id 
_struct_ref_seq_dif.pdbx_pdb_id_code 
_struct_ref_seq_dif.mon_id 
_struct_ref_seq_dif.pdbx_pdb_strand_id 
_struct_ref_seq_dif.seq_num 
_struct_ref_seq_dif.pdbx_pdb_ins_code 
_struct_ref_seq_dif.pdbx_seq_db_name 
_struct_ref_seq_dif.pdbx_seq_db_accession_code 
_struct_ref_seq_dif.db_mon_id 
_struct_ref_seq_dif.pdbx_seq_db_seq_num 
_struct_ref_seq_dif.details 
_struct_ref_seq_dif.pdbx_auth_seq_num 
_struct_ref_seq_dif.pdbx_ordinal 
1 5TAB GLY A 1  ? UNP Q9BVI0 ?   ?   'expression tag'      1  1 
1 5TAB PRO A 2  ? UNP Q9BVI0 ?   ?   'expression tag'      2  2 
1 5TAB LEU A 3  ? UNP Q9BVI0 ?   ?   'expression tag'      3  3 
1 5TAB GLY A 4  ? UNP Q9BVI0 ?   ?   'expression tag'      4  4 
1 5TAB SER A 5  ? UNP Q9BVI0 ?   ?   'expression tag'      5  5 
1 5TAB SER A 29 ? UNP Q9BVI0 CYS 674 'engineered mutation' 29 6 
# 
_pdbx_struct_assembly.id                   1 
_pdbx_struct_assembly.details              author_and_software_defined_assembly 
_pdbx_struct_assembly.method_details       PISA 
_pdbx_struct_assembly.oligomeric_details   monomeric 
_pdbx_struct_assembly.oligomeric_count     1 
# 
loop_
_pdbx_struct_assembly_prop.biol_id 
_pdbx_struct_assembly_prop.type 
_pdbx_struct_assembly_prop.value 
_pdbx_struct_assembly_prop.details 
1 'ABSA (A^2)' 230  ? 
1 MORE         -1   ? 
1 'SSA (A^2)'  3930 ? 
# 
_pdbx_struct_assembly_gen.assembly_id       1 
_pdbx_struct_assembly_gen.oper_expression   1 
_pdbx_struct_assembly_gen.asym_id_list      A,B,C,D,E 
# 
_pdbx_struct_oper_list.id                   1 
_pdbx_struct_oper_list.type                 'identity operation' 
_pdbx_struct_oper_list.name                 1_555 
_pdbx_struct_oper_list.symmetry_operation   x,y,z 
_pdbx_struct_oper_list.matrix[1][1]         1.0000000000 
_pdbx_struct_oper_list.matrix[1][2]         0.0000000000 
_pdbx_struct_oper_list.matrix[1][3]         0.0000000000 
_pdbx_struct_oper_list.vector[1]            0.0000000000 
_pdbx_struct_oper_list.matrix[2][1]         0.0000000000 
_pdbx_struct_oper_list.matrix[2][2]         1.0000000000 
_pdbx_struct_oper_list.matrix[2][3]         0.0000000000 
_pdbx_struct_oper_list.vector[2]            0.0000000000 
_pdbx_struct_oper_list.matrix[3][1]         0.0000000000 
_pdbx_struct_oper_list.matrix[3][2]         0.0000000000 
_pdbx_struct_oper_list.matrix[3][3]         1.0000000000 
_pdbx_struct_oper_list.vector[3]            0.0000000000 
# 
_struct_conf.conf_type_id            HELX_P 
_struct_conf.id                      HELX_P1 
_struct_conf.pdbx_PDB_helix_id       AA1 
_struct_conf.beg_label_comp_id       GLY 
_struct_conf.beg_label_asym_id       A 
_struct_conf.beg_label_seq_id        1 
_struct_conf.pdbx_beg_PDB_ins_code   ? 
_struct_conf.end_label_comp_id       SER 
_struct_conf.end_label_asym_id       A 
_struct_conf.end_label_seq_id        5 
_struct_conf.pdbx_end_PDB_ins_code   ? 
_struct_conf.beg_auth_comp_id        GLY 
_struct_conf.beg_auth_asym_id        A 
_struct_conf.beg_auth_seq_id         1 
_struct_conf.end_auth_comp_id        SER 
_struct_conf.end_auth_asym_id        A 
_struct_conf.end_auth_seq_id         5 
_struct_conf.pdbx_PDB_helix_class    5 
_struct_conf.details                 ? 
_struct_conf.pdbx_PDB_helix_length   5 
# 
_struct_conf_type.id          HELX_P 
_struct_conf_type.criteria    ? 
_struct_conf_type.reference   ? 
# 
loop_
_struct_conn.id 
_struct_conn.conn_type_id 
_struct_conn.pdbx_leaving_atom_flag 
_struct_conn.pdbx_PDB_id 
_struct_conn.ptnr1_label_asym_id 
_struct_conn.ptnr1_label_comp_id 
_struct_conn.ptnr1_label_seq_id 
_struct_conn.ptnr1_label_atom_id 
_struct_conn.pdbx_ptnr1_label_alt_id 
_struct_conn.pdbx_ptnr1_PDB_ins_code 
_struct_conn.pdbx_ptnr1_standard_comp_id 
_struct_conn.ptnr1_symmetry 
_struct_conn.ptnr2_label_asym_id 
_struct_conn.ptnr2_label_comp_id 
_struct_conn.ptnr2_label_seq_id 
_struct_conn.ptnr2_label_atom_id 
_struct_conn.pdbx_ptnr2_label_alt_id 
_struct_conn.pdbx_ptnr2_PDB_ins_code 
_struct_conn.ptnr1_auth_asym_id 
_struct_conn.ptnr1_auth_comp_id 
_struct_conn.ptnr1_auth_seq_id 
_struct_conn.ptnr2_auth_asym_id 
_struct_conn.ptnr2_auth_comp_id 
_struct_conn.ptnr2_auth_seq_id 
_struct_conn.ptnr2_symmetry 
_struct_conn.pdbx_ptnr3_label_atom_id 
_struct_conn.pdbx_ptnr3_label_seq_id 
_struct_conn.pdbx_ptnr3_label_comp_id 
_struct_conn.pdbx_ptnr3_label_asym_id 
_struct_conn.pdbx_ptnr3_label_alt_id 
_struct_conn.pdbx_ptnr3_PDB_ins_code 
_struct_conn.details 
_struct_conn.pdbx_dist_value 
_struct_conn.pdbx_value_order 
_struct_conn.pdbx_role 
metalc1 metalc ? ? A CYS 10 SG  ? ? ? 1_555 C ZN . ZN ? ? A CYS 10 A ZN 102 1_555 ? ? ? ? ? ? ? 2.336 ? ? 
metalc2 metalc ? ? A CYS 12 SG  ? ? ? 1_555 C ZN . ZN ? ? A CYS 12 A ZN 102 1_555 ? ? ? ? ? ? ? 2.286 ? ? 
metalc3 metalc ? ? A CYS 24 SG  ? ? ? 1_555 B ZN . ZN ? ? A CYS 24 A ZN 101 1_555 ? ? ? ? ? ? ? 2.351 ? ? 
metalc4 metalc ? ? A CYS 27 SG  ? ? ? 1_555 B ZN . ZN ? ? A CYS 27 A ZN 101 1_555 ? ? ? ? ? ? ? 2.352 ? ? 
metalc5 metalc ? ? A HIS 32 ND1 ? ? ? 1_555 C ZN . ZN ? ? A HIS 32 A ZN 102 1_555 ? ? ? ? ? ? ? 2.081 ? ? 
metalc6 metalc ? ? A CYS 35 SG  ? ? ? 1_555 C ZN . ZN ? ? A CYS 35 A ZN 102 1_555 ? ? ? ? ? ? ? 2.311 ? ? 
metalc7 metalc ? ? A CYS 49 SG  ? ? ? 1_555 B ZN . ZN ? ? A CYS 49 A ZN 101 1_555 ? ? ? ? ? ? ? 2.328 ? ? 
metalc8 metalc ? ? A CYS 52 SG  ? ? ? 1_555 B ZN . ZN ? ? A CYS 52 A ZN 101 1_555 ? ? ? ? ? ? ? 2.325 ? ? 
# 
_struct_conn_type.id          metalc 
_struct_conn_type.criteria    ? 
_struct_conn_type.reference   ? 
# 
loop_
_pdbx_struct_conn_angle.id 
_pdbx_struct_conn_angle.ptnr1_label_atom_id 
_pdbx_struct_conn_angle.ptnr1_label_alt_id 
_pdbx_struct_conn_angle.ptnr1_label_asym_id 
_pdbx_struct_conn_angle.ptnr1_label_comp_id 
_pdbx_struct_conn_angle.ptnr1_label_seq_id 
_pdbx_struct_conn_angle.ptnr1_auth_atom_id 
_pdbx_struct_conn_angle.ptnr1_auth_asym_id 
_pdbx_struct_conn_angle.ptnr1_auth_comp_id 
_pdbx_struct_conn_angle.ptnr1_auth_seq_id 
_pdbx_struct_conn_angle.ptnr1_PDB_ins_code 
_pdbx_struct_conn_angle.ptnr1_symmetry 
_pdbx_struct_conn_angle.ptnr2_label_atom_id 
_pdbx_struct_conn_angle.ptnr2_label_alt_id 
_pdbx_struct_conn_angle.ptnr2_label_asym_id 
_pdbx_struct_conn_angle.ptnr2_label_comp_id 
_pdbx_struct_conn_angle.ptnr2_label_seq_id 
_pdbx_struct_conn_angle.ptnr2_auth_atom_id 
_pdbx_struct_conn_angle.ptnr2_auth_asym_id 
_pdbx_struct_conn_angle.ptnr2_auth_comp_id 
_pdbx_struct_conn_angle.ptnr2_auth_seq_id 
_pdbx_struct_conn_angle.ptnr2_PDB_ins_code 
_pdbx_struct_conn_angle.ptnr2_symmetry 
_pdbx_struct_conn_angle.ptnr3_label_atom_id 
_pdbx_struct_conn_angle.ptnr3_label_alt_id 
_pdbx_struct_conn_angle.ptnr3_label_asym_id 
_pdbx_struct_conn_angle.ptnr3_label_comp_id 
_pdbx_struct_conn_angle.ptnr3_label_seq_id 
_pdbx_struct_conn_angle.ptnr3_auth_atom_id 
_pdbx_struct_conn_angle.ptnr3_auth_asym_id 
_pdbx_struct_conn_angle.ptnr3_auth_comp_id 
_pdbx_struct_conn_angle.ptnr3_auth_seq_id 
_pdbx_struct_conn_angle.ptnr3_PDB_ins_code 
_pdbx_struct_conn_angle.ptnr3_symmetry 
_pdbx_struct_conn_angle.value 
_pdbx_struct_conn_angle.value_esd 
1  SG  ? A CYS 10 ? A CYS 10 ? 1_555 ZN ? C ZN . ? A ZN 102 ? 1_555 SG  ? A CYS 12 ? A CYS 12 ? 1_555 114.9 ? 
2  SG  ? A CYS 10 ? A CYS 10 ? 1_555 ZN ? C ZN . ? A ZN 102 ? 1_555 ND1 ? A HIS 32 ? A HIS 32 ? 1_555 103.5 ? 
3  SG  ? A CYS 12 ? A CYS 12 ? 1_555 ZN ? C ZN . ? A ZN 102 ? 1_555 ND1 ? A HIS 32 ? A HIS 32 ? 1_555 99.2  ? 
4  SG  ? A CYS 10 ? A CYS 10 ? 1_555 ZN ? C ZN . ? A ZN 102 ? 1_555 SG  ? A CYS 35 ? A CYS 35 ? 1_555 109.0 ? 
5  SG  ? A CYS 12 ? A CYS 12 ? 1_555 ZN ? C ZN . ? A ZN 102 ? 1_555 SG  ? A CYS 35 ? A CYS 35 ? 1_555 114.3 ? 
6  ND1 ? A HIS 32 ? A HIS 32 ? 1_555 ZN ? C ZN . ? A ZN 102 ? 1_555 SG  ? A CYS 35 ? A CYS 35 ? 1_555 115.3 ? 
7  SG  ? A CYS 24 ? A CYS 24 ? 1_555 ZN ? B ZN . ? A ZN 101 ? 1_555 SG  ? A CYS 27 ? A CYS 27 ? 1_555 105.1 ? 
8  SG  ? A CYS 24 ? A CYS 24 ? 1_555 ZN ? B ZN . ? A ZN 101 ? 1_555 SG  ? A CYS 49 ? A CYS 49 ? 1_555 111.1 ? 
9  SG  ? A CYS 27 ? A CYS 27 ? 1_555 ZN ? B ZN . ? A ZN 101 ? 1_555 SG  ? A CYS 49 ? A CYS 49 ? 1_555 112.8 ? 
10 SG  ? A CYS 24 ? A CYS 24 ? 1_555 ZN ? B ZN . ? A ZN 101 ? 1_555 SG  ? A CYS 52 ? A CYS 52 ? 1_555 112.3 ? 
11 SG  ? A CYS 27 ? A CYS 27 ? 1_555 ZN ? B ZN . ? A ZN 101 ? 1_555 SG  ? A CYS 52 ? A CYS 52 ? 1_555 107.5 ? 
12 SG  ? A CYS 49 ? A CYS 49 ? 1_555 ZN ? B ZN . ? A ZN 101 ? 1_555 SG  ? A CYS 52 ? A CYS 52 ? 1_555 108.0 ? 
# 
_struct_sheet.id               AA1 
_struct_sheet.type             ? 
_struct_sheet.number_strands   2 
_struct_sheet.details          ? 
# 
_struct_sheet_order.sheet_id     AA1 
_struct_sheet_order.range_id_1   1 
_struct_sheet_order.range_id_2   2 
_struct_sheet_order.offset       ? 
_struct_sheet_order.sense        anti-parallel 
# 
loop_
_struct_sheet_range.sheet_id 
_struct_sheet_range.id 
_struct_sheet_range.beg_label_comp_id 
_struct_sheet_range.beg_label_asym_id 
_struct_sheet_range.beg_label_seq_id 
_struct_sheet_range.pdbx_beg_PDB_ins_code 
_struct_sheet_range.end_label_comp_id 
_struct_sheet_range.end_label_asym_id 
_struct_sheet_range.end_label_seq_id 
_struct_sheet_range.pdbx_end_PDB_ins_code 
_struct_sheet_range.beg_auth_comp_id 
_struct_sheet_range.beg_auth_asym_id 
_struct_sheet_range.beg_auth_seq_id 
_struct_sheet_range.end_auth_comp_id 
_struct_sheet_range.end_auth_asym_id 
_struct_sheet_range.end_auth_seq_id 
AA1 1 MET A 21 ? GLN A 23 ? MET A 21 GLN A 23 
AA1 2 TRP A 30 ? HIS A 32 ? TRP A 30 HIS A 32 
# 
_pdbx_struct_sheet_hbond.sheet_id                AA1 
_pdbx_struct_sheet_hbond.range_id_1              1 
_pdbx_struct_sheet_hbond.range_id_2              2 
_pdbx_struct_sheet_hbond.range_1_label_atom_id   N 
_pdbx_struct_sheet_hbond.range_1_label_comp_id   ILE 
_pdbx_struct_sheet_hbond.range_1_label_asym_id   A 
_pdbx_struct_sheet_hbond.range_1_label_seq_id    22 
_pdbx_struct_sheet_hbond.range_1_PDB_ins_code    ? 
_pdbx_struct_sheet_hbond.range_1_auth_atom_id    N 
_pdbx_struct_sheet_hbond.range_1_auth_comp_id    ILE 
_pdbx_struct_sheet_hbond.range_1_auth_asym_id    A 
_pdbx_struct_sheet_hbond.range_1_auth_seq_id     22 
_pdbx_struct_sheet_hbond.range_2_label_atom_id   O 
_pdbx_struct_sheet_hbond.range_2_label_comp_id   GLN 
_pdbx_struct_sheet_hbond.range_2_label_asym_id   A 
_pdbx_struct_sheet_hbond.range_2_label_seq_id    31 
_pdbx_struct_sheet_hbond.range_2_PDB_ins_code    ? 
_pdbx_struct_sheet_hbond.range_2_auth_atom_id    O 
_pdbx_struct_sheet_hbond.range_2_auth_comp_id    GLN 
_pdbx_struct_sheet_hbond.range_2_auth_asym_id    A 
_pdbx_struct_sheet_hbond.range_2_auth_seq_id     31 
# 
loop_
_struct_site.id 
_struct_site.pdbx_evidence_code 
_struct_site.pdbx_auth_asym_id 
_struct_site.pdbx_auth_comp_id 
_struct_site.pdbx_auth_seq_id 
_struct_site.pdbx_auth_ins_code 
_struct_site.pdbx_num_residues 
_struct_site.details 
AC1 Software A ZN  101 ? 4 'binding site for residue ZN A 101'  
AC2 Software A ZN  102 ? 4 'binding site for residue ZN A 102'  
AC3 Software A GOL 103 ? 7 'binding site for residue GOL A 103' 
# 
loop_
_struct_site_gen.id 
_struct_site_gen.site_id 
_struct_site_gen.pdbx_num_res 
_struct_site_gen.label_comp_id 
_struct_site_gen.label_asym_id 
_struct_site_gen.label_seq_id 
_struct_site_gen.pdbx_auth_ins_code 
_struct_site_gen.auth_comp_id 
_struct_site_gen.auth_asym_id 
_struct_site_gen.auth_seq_id 
_struct_site_gen.label_atom_id 
_struct_site_gen.label_alt_id 
_struct_site_gen.symmetry 
_struct_site_gen.details 
1  AC1 4 CYS A 24 ? CYS A 24  . ? 1_555 ? 
2  AC1 4 CYS A 27 ? CYS A 27  . ? 1_555 ? 
3  AC1 4 CYS A 49 ? CYS A 49  . ? 1_555 ? 
4  AC1 4 CYS A 52 ? CYS A 52  . ? 1_555 ? 
5  AC2 4 CYS A 10 ? CYS A 10  . ? 1_555 ? 
6  AC2 4 CYS A 12 ? CYS A 12  . ? 1_555 ? 
7  AC2 4 HIS A 32 ? HIS A 32  . ? 1_555 ? 
8  AC2 4 CYS A 35 ? CYS A 35  . ? 1_555 ? 
9  AC3 7 SER A 5  ? SER A 5   . ? 1_555 ? 
10 AC3 7 GLU A 6  ? GLU A 6   . ? 1_555 ? 
11 AC3 7 ARG A 9  ? ARG A 9   . ? 1_555 ? 
12 AC3 7 CYS A 27 ? CYS A 27  . ? 1_555 ? 
13 AC3 7 SER A 29 ? SER A 29  . ? 1_555 ? 
14 AC3 7 GLU A 45 ? GLU A 45  . ? 6_655 ? 
15 AC3 7 HOH E .  ? HOH A 223 . ? 1_555 ? 
# 
loop_
_pdbx_validate_torsion.id 
_pdbx_validate_torsion.PDB_model_num 
_pdbx_validate_torsion.auth_comp_id 
_pdbx_validate_torsion.auth_asym_id 
_pdbx_validate_torsion.auth_seq_id 
_pdbx_validate_torsion.PDB_ins_code 
_pdbx_validate_torsion.label_alt_id 
_pdbx_validate_torsion.phi 
_pdbx_validate_torsion.psi 
1 1 ASN A 18 ? ? -122.33 -149.59 
2 1 PHE A 20 ? ? -150.95 88.85   
3 1 GLU A 26 ? ? -91.17  -61.05  
4 1 LYS A 46 ? ? -95.71  51.91   
# 
_pdbx_distant_solvent_atoms.id                                1 
_pdbx_distant_solvent_atoms.PDB_model_num                     1 
_pdbx_distant_solvent_atoms.auth_atom_id                      O 
_pdbx_distant_solvent_atoms.label_alt_id                      ? 
_pdbx_distant_solvent_atoms.auth_asym_id                      A 
_pdbx_distant_solvent_atoms.auth_comp_id                      HOH 
_pdbx_distant_solvent_atoms.auth_seq_id                       271 
_pdbx_distant_solvent_atoms.PDB_ins_code                      ? 
_pdbx_distant_solvent_atoms.neighbor_macromolecule_distance   6.80 
_pdbx_distant_solvent_atoms.neighbor_ligand_distance          . 
# 
loop_
_chem_comp_atom.comp_id 
_chem_comp_atom.atom_id 
_chem_comp_atom.type_symbol 
_chem_comp_atom.pdbx_aromatic_flag 
_chem_comp_atom.pdbx_stereo_config 
_chem_comp_atom.pdbx_ordinal 
ARG N    N  N N 1   
ARG CA   C  N S 2   
ARG C    C  N N 3   
ARG O    O  N N 4   
ARG CB   C  N N 5   
ARG CG   C  N N 6   
ARG CD   C  N N 7   
ARG NE   N  N N 8   
ARG CZ   C  N N 9   
ARG NH1  N  N N 10  
ARG NH2  N  N N 11  
ARG OXT  O  N N 12  
ARG H    H  N N 13  
ARG H2   H  N N 14  
ARG HA   H  N N 15  
ARG HB2  H  N N 16  
ARG HB3  H  N N 17  
ARG HG2  H  N N 18  
ARG HG3  H  N N 19  
ARG HD2  H  N N 20  
ARG HD3  H  N N 21  
ARG HE   H  N N 22  
ARG HH11 H  N N 23  
ARG HH12 H  N N 24  
ARG HH21 H  N N 25  
ARG HH22 H  N N 26  
ARG HXT  H  N N 27  
ASN N    N  N N 28  
ASN CA   C  N S 29  
ASN C    C  N N 30  
ASN O    O  N N 31  
ASN CB   C  N N 32  
ASN CG   C  N N 33  
ASN OD1  O  N N 34  
ASN ND2  N  N N 35  
ASN OXT  O  N N 36  
ASN H    H  N N 37  
ASN H2   H  N N 38  
ASN HA   H  N N 39  
ASN HB2  H  N N 40  
ASN HB3  H  N N 41  
ASN HD21 H  N N 42  
ASN HD22 H  N N 43  
ASN HXT  H  N N 44  
ASP N    N  N N 45  
ASP CA   C  N S 46  
ASP C    C  N N 47  
ASP O    O  N N 48  
ASP CB   C  N N 49  
ASP CG   C  N N 50  
ASP OD1  O  N N 51  
ASP OD2  O  N N 52  
ASP OXT  O  N N 53  
ASP H    H  N N 54  
ASP H2   H  N N 55  
ASP HA   H  N N 56  
ASP HB2  H  N N 57  
ASP HB3  H  N N 58  
ASP HD2  H  N N 59  
ASP HXT  H  N N 60  
CYS N    N  N N 61  
CYS CA   C  N R 62  
CYS C    C  N N 63  
CYS O    O  N N 64  
CYS CB   C  N N 65  
CYS SG   S  N N 66  
CYS OXT  O  N N 67  
CYS H    H  N N 68  
CYS H2   H  N N 69  
CYS HA   H  N N 70  
CYS HB2  H  N N 71  
CYS HB3  H  N N 72  
CYS HG   H  N N 73  
CYS HXT  H  N N 74  
GLN N    N  N N 75  
GLN CA   C  N S 76  
GLN C    C  N N 77  
GLN O    O  N N 78  
GLN CB   C  N N 79  
GLN CG   C  N N 80  
GLN CD   C  N N 81  
GLN OE1  O  N N 82  
GLN NE2  N  N N 83  
GLN OXT  O  N N 84  
GLN H    H  N N 85  
GLN H2   H  N N 86  
GLN HA   H  N N 87  
GLN HB2  H  N N 88  
GLN HB3  H  N N 89  
GLN HG2  H  N N 90  
GLN HG3  H  N N 91  
GLN HE21 H  N N 92  
GLN HE22 H  N N 93  
GLN HXT  H  N N 94  
GLU N    N  N N 95  
GLU CA   C  N S 96  
GLU C    C  N N 97  
GLU O    O  N N 98  
GLU CB   C  N N 99  
GLU CG   C  N N 100 
GLU CD   C  N N 101 
GLU OE1  O  N N 102 
GLU OE2  O  N N 103 
GLU OXT  O  N N 104 
GLU H    H  N N 105 
GLU H2   H  N N 106 
GLU HA   H  N N 107 
GLU HB2  H  N N 108 
GLU HB3  H  N N 109 
GLU HG2  H  N N 110 
GLU HG3  H  N N 111 
GLU HE2  H  N N 112 
GLU HXT  H  N N 113 
GLY N    N  N N 114 
GLY CA   C  N N 115 
GLY C    C  N N 116 
GLY O    O  N N 117 
GLY OXT  O  N N 118 
GLY H    H  N N 119 
GLY H2   H  N N 120 
GLY HA2  H  N N 121 
GLY HA3  H  N N 122 
GLY HXT  H  N N 123 
GOL C1   C  N N 124 
GOL O1   O  N N 125 
GOL C2   C  N N 126 
GOL O2   O  N N 127 
GOL C3   C  N N 128 
GOL O3   O  N N 129 
GOL H11  H  N N 130 
GOL H12  H  N N 131 
GOL HO1  H  N N 132 
GOL H2   H  N N 133 
GOL HO2  H  N N 134 
GOL H31  H  N N 135 
GOL H32  H  N N 136 
GOL HO3  H  N N 137 
HIS N    N  N N 138 
HIS CA   C  N S 139 
HIS C    C  N N 140 
HIS O    O  N N 141 
HIS CB   C  N N 142 
HIS CG   C  Y N 143 
HIS ND1  N  Y N 144 
HIS CD2  C  Y N 145 
HIS CE1  C  Y N 146 
HIS NE2  N  Y N 147 
HIS OXT  O  N N 148 
HIS H    H  N N 149 
HIS H2   H  N N 150 
HIS HA   H  N N 151 
HIS HB2  H  N N 152 
HIS HB3  H  N N 153 
HIS HD1  H  N N 154 
HIS HD2  H  N N 155 
HIS HE1  H  N N 156 
HIS HE2  H  N N 157 
HIS HXT  H  N N 158 
HOH O    O  N N 159 
HOH H1   H  N N 160 
HOH H2   H  N N 161 
ILE N    N  N N 162 
ILE CA   C  N S 163 
ILE C    C  N N 164 
ILE O    O  N N 165 
ILE CB   C  N S 166 
ILE CG1  C  N N 167 
ILE CG2  C  N N 168 
ILE CD1  C  N N 169 
ILE OXT  O  N N 170 
ILE H    H  N N 171 
ILE H2   H  N N 172 
ILE HA   H  N N 173 
ILE HB   H  N N 174 
ILE HG12 H  N N 175 
ILE HG13 H  N N 176 
ILE HG21 H  N N 177 
ILE HG22 H  N N 178 
ILE HG23 H  N N 179 
ILE HD11 H  N N 180 
ILE HD12 H  N N 181 
ILE HD13 H  N N 182 
ILE HXT  H  N N 183 
LEU N    N  N N 184 
LEU CA   C  N S 185 
LEU C    C  N N 186 
LEU O    O  N N 187 
LEU CB   C  N N 188 
LEU CG   C  N N 189 
LEU CD1  C  N N 190 
LEU CD2  C  N N 191 
LEU OXT  O  N N 192 
LEU H    H  N N 193 
LEU H2   H  N N 194 
LEU HA   H  N N 195 
LEU HB2  H  N N 196 
LEU HB3  H  N N 197 
LEU HG   H  N N 198 
LEU HD11 H  N N 199 
LEU HD12 H  N N 200 
LEU HD13 H  N N 201 
LEU HD21 H  N N 202 
LEU HD22 H  N N 203 
LEU HD23 H  N N 204 
LEU HXT  H  N N 205 
LYS N    N  N N 206 
LYS CA   C  N S 207 
LYS C    C  N N 208 
LYS O    O  N N 209 
LYS CB   C  N N 210 
LYS CG   C  N N 211 
LYS CD   C  N N 212 
LYS CE   C  N N 213 
LYS NZ   N  N N 214 
LYS OXT  O  N N 215 
LYS H    H  N N 216 
LYS H2   H  N N 217 
LYS HA   H  N N 218 
LYS HB2  H  N N 219 
LYS HB3  H  N N 220 
LYS HG2  H  N N 221 
LYS HG3  H  N N 222 
LYS HD2  H  N N 223 
LYS HD3  H  N N 224 
LYS HE2  H  N N 225 
LYS HE3  H  N N 226 
LYS HZ1  H  N N 227 
LYS HZ2  H  N N 228 
LYS HZ3  H  N N 229 
LYS HXT  H  N N 230 
MET N    N  N N 231 
MET CA   C  N S 232 
MET C    C  N N 233 
MET O    O  N N 234 
MET CB   C  N N 235 
MET CG   C  N N 236 
MET SD   S  N N 237 
MET CE   C  N N 238 
MET OXT  O  N N 239 
MET H    H  N N 240 
MET H2   H  N N 241 
MET HA   H  N N 242 
MET HB2  H  N N 243 
MET HB3  H  N N 244 
MET HG2  H  N N 245 
MET HG3  H  N N 246 
MET HE1  H  N N 247 
MET HE2  H  N N 248 
MET HE3  H  N N 249 
MET HXT  H  N N 250 
PHE N    N  N N 251 
PHE CA   C  N S 252 
PHE C    C  N N 253 
PHE O    O  N N 254 
PHE CB   C  N N 255 
PHE CG   C  Y N 256 
PHE CD1  C  Y N 257 
PHE CD2  C  Y N 258 
PHE CE1  C  Y N 259 
PHE CE2  C  Y N 260 
PHE CZ   C  Y N 261 
PHE OXT  O  N N 262 
PHE H    H  N N 263 
PHE H2   H  N N 264 
PHE HA   H  N N 265 
PHE HB2  H  N N 266 
PHE HB3  H  N N 267 
PHE HD1  H  N N 268 
PHE HD2  H  N N 269 
PHE HE1  H  N N 270 
PHE HE2  H  N N 271 
PHE HZ   H  N N 272 
PHE HXT  H  N N 273 
PRO N    N  N N 274 
PRO CA   C  N S 275 
PRO C    C  N N 276 
PRO O    O  N N 277 
PRO CB   C  N N 278 
PRO CG   C  N N 279 
PRO CD   C  N N 280 
PRO OXT  O  N N 281 
PRO H    H  N N 282 
PRO HA   H  N N 283 
PRO HB2  H  N N 284 
PRO HB3  H  N N 285 
PRO HG2  H  N N 286 
PRO HG3  H  N N 287 
PRO HD2  H  N N 288 
PRO HD3  H  N N 289 
PRO HXT  H  N N 290 
SER N    N  N N 291 
SER CA   C  N S 292 
SER C    C  N N 293 
SER O    O  N N 294 
SER CB   C  N N 295 
SER OG   O  N N 296 
SER OXT  O  N N 297 
SER H    H  N N 298 
SER H2   H  N N 299 
SER HA   H  N N 300 
SER HB2  H  N N 301 
SER HB3  H  N N 302 
SER HG   H  N N 303 
SER HXT  H  N N 304 
THR N    N  N N 305 
THR CA   C  N S 306 
THR C    C  N N 307 
THR O    O  N N 308 
THR CB   C  N R 309 
THR OG1  O  N N 310 
THR CG2  C  N N 311 
THR OXT  O  N N 312 
THR H    H  N N 313 
THR H2   H  N N 314 
THR HA   H  N N 315 
THR HB   H  N N 316 
THR HG1  H  N N 317 
THR HG21 H  N N 318 
THR HG22 H  N N 319 
THR HG23 H  N N 320 
THR HXT  H  N N 321 
TRP N    N  N N 322 
TRP CA   C  N S 323 
TRP C    C  N N 324 
TRP O    O  N N 325 
TRP CB   C  N N 326 
TRP CG   C  Y N 327 
TRP CD1  C  Y N 328 
TRP CD2  C  Y N 329 
TRP NE1  N  Y N 330 
TRP CE2  C  Y N 331 
TRP CE3  C  Y N 332 
TRP CZ2  C  Y N 333 
TRP CZ3  C  Y N 334 
TRP CH2  C  Y N 335 
TRP OXT  O  N N 336 
TRP H    H  N N 337 
TRP H2   H  N N 338 
TRP HA   H  N N 339 
TRP HB2  H  N N 340 
TRP HB3  H  N N 341 
TRP HD1  H  N N 342 
TRP HE1  H  N N 343 
TRP HE3  H  N N 344 
TRP HZ2  H  N N 345 
TRP HZ3  H  N N 346 
TRP HH2  H  N N 347 
TRP HXT  H  N N 348 
TYR N    N  N N 349 
TYR CA   C  N S 350 
TYR C    C  N N 351 
TYR O    O  N N 352 
TYR CB   C  N N 353 
TYR CG   C  Y N 354 
TYR CD1  C  Y N 355 
TYR CD2  C  Y N 356 
TYR CE1  C  Y N 357 
TYR CE2  C  Y N 358 
TYR CZ   C  Y N 359 
TYR OH   O  N N 360 
TYR OXT  O  N N 361 
TYR H    H  N N 362 
TYR H2   H  N N 363 
TYR HA   H  N N 364 
TYR HB2  H  N N 365 
TYR HB3  H  N N 366 
TYR HD1  H  N N 367 
TYR HD2  H  N N 368 
TYR HE1  H  N N 369 
TYR HE2  H  N N 370 
TYR HH   H  N N 371 
TYR HXT  H  N N 372 
VAL N    N  N N 373 
VAL CA   C  N S 374 
VAL C    C  N N 375 
VAL O    O  N N 376 
VAL CB   C  N N 377 
VAL CG1  C  N N 378 
VAL CG2  C  N N 379 
VAL OXT  O  N N 380 
VAL H    H  N N 381 
VAL H2   H  N N 382 
VAL HA   H  N N 383 
VAL HB   H  N N 384 
VAL HG11 H  N N 385 
VAL HG12 H  N N 386 
VAL HG13 H  N N 387 
VAL HG21 H  N N 388 
VAL HG22 H  N N 389 
VAL HG23 H  N N 390 
VAL HXT  H  N N 391 
ZN  ZN   ZN N N 392 
# 
loop_
_chem_comp_bond.comp_id 
_chem_comp_bond.atom_id_1 
_chem_comp_bond.atom_id_2 
_chem_comp_bond.value_order 
_chem_comp_bond.pdbx_aromatic_flag 
_chem_comp_bond.pdbx_stereo_config 
_chem_comp_bond.pdbx_ordinal 
ARG N   CA   sing N N 1   
ARG N   H    sing N N 2   
ARG N   H2   sing N N 3   
ARG CA  C    sing N N 4   
ARG CA  CB   sing N N 5   
ARG CA  HA   sing N N 6   
ARG C   O    doub N N 7   
ARG C   OXT  sing N N 8   
ARG CB  CG   sing N N 9   
ARG CB  HB2  sing N N 10  
ARG CB  HB3  sing N N 11  
ARG CG  CD   sing N N 12  
ARG CG  HG2  sing N N 13  
ARG CG  HG3  sing N N 14  
ARG CD  NE   sing N N 15  
ARG CD  HD2  sing N N 16  
ARG CD  HD3  sing N N 17  
ARG NE  CZ   sing N N 18  
ARG NE  HE   sing N N 19  
ARG CZ  NH1  sing N N 20  
ARG CZ  NH2  doub N N 21  
ARG NH1 HH11 sing N N 22  
ARG NH1 HH12 sing N N 23  
ARG NH2 HH21 sing N N 24  
ARG NH2 HH22 sing N N 25  
ARG OXT HXT  sing N N 26  
ASN N   CA   sing N N 27  
ASN N   H    sing N N 28  
ASN N   H2   sing N N 29  
ASN CA  C    sing N N 30  
ASN CA  CB   sing N N 31  
ASN CA  HA   sing N N 32  
ASN C   O    doub N N 33  
ASN C   OXT  sing N N 34  
ASN CB  CG   sing N N 35  
ASN CB  HB2  sing N N 36  
ASN CB  HB3  sing N N 37  
ASN CG  OD1  doub N N 38  
ASN CG  ND2  sing N N 39  
ASN ND2 HD21 sing N N 40  
ASN ND2 HD22 sing N N 41  
ASN OXT HXT  sing N N 42  
ASP N   CA   sing N N 43  
ASP N   H    sing N N 44  
ASP N   H2   sing N N 45  
ASP CA  C    sing N N 46  
ASP CA  CB   sing N N 47  
ASP CA  HA   sing N N 48  
ASP C   O    doub N N 49  
ASP C   OXT  sing N N 50  
ASP CB  CG   sing N N 51  
ASP CB  HB2  sing N N 52  
ASP CB  HB3  sing N N 53  
ASP CG  OD1  doub N N 54  
ASP CG  OD2  sing N N 55  
ASP OD2 HD2  sing N N 56  
ASP OXT HXT  sing N N 57  
CYS N   CA   sing N N 58  
CYS N   H    sing N N 59  
CYS N   H2   sing N N 60  
CYS CA  C    sing N N 61  
CYS CA  CB   sing N N 62  
CYS CA  HA   sing N N 63  
CYS C   O    doub N N 64  
CYS C   OXT  sing N N 65  
CYS CB  SG   sing N N 66  
CYS CB  HB2  sing N N 67  
CYS CB  HB3  sing N N 68  
CYS SG  HG   sing N N 69  
CYS OXT HXT  sing N N 70  
GLN N   CA   sing N N 71  
GLN N   H    sing N N 72  
GLN N   H2   sing N N 73  
GLN CA  C    sing N N 74  
GLN CA  CB   sing N N 75  
GLN CA  HA   sing N N 76  
GLN C   O    doub N N 77  
GLN C   OXT  sing N N 78  
GLN CB  CG   sing N N 79  
GLN CB  HB2  sing N N 80  
GLN CB  HB3  sing N N 81  
GLN CG  CD   sing N N 82  
GLN CG  HG2  sing N N 83  
GLN CG  HG3  sing N N 84  
GLN CD  OE1  doub N N 85  
GLN CD  NE2  sing N N 86  
GLN NE2 HE21 sing N N 87  
GLN NE2 HE22 sing N N 88  
GLN OXT HXT  sing N N 89  
GLU N   CA   sing N N 90  
GLU N   H    sing N N 91  
GLU N   H2   sing N N 92  
GLU CA  C    sing N N 93  
GLU CA  CB   sing N N 94  
GLU CA  HA   sing N N 95  
GLU C   O    doub N N 96  
GLU C   OXT  sing N N 97  
GLU CB  CG   sing N N 98  
GLU CB  HB2  sing N N 99  
GLU CB  HB3  sing N N 100 
GLU CG  CD   sing N N 101 
GLU CG  HG2  sing N N 102 
GLU CG  HG3  sing N N 103 
GLU CD  OE1  doub N N 104 
GLU CD  OE2  sing N N 105 
GLU OE2 HE2  sing N N 106 
GLU OXT HXT  sing N N 107 
GLY N   CA   sing N N 108 
GLY N   H    sing N N 109 
GLY N   H2   sing N N 110 
GLY CA  C    sing N N 111 
GLY CA  HA2  sing N N 112 
GLY CA  HA3  sing N N 113 
GLY C   O    doub N N 114 
GLY C   OXT  sing N N 115 
GLY OXT HXT  sing N N 116 
GOL C1  O1   sing N N 117 
GOL C1  C2   sing N N 118 
GOL C1  H11  sing N N 119 
GOL C1  H12  sing N N 120 
GOL O1  HO1  sing N N 121 
GOL C2  O2   sing N N 122 
GOL C2  C3   sing N N 123 
GOL C2  H2   sing N N 124 
GOL O2  HO2  sing N N 125 
GOL C3  O3   sing N N 126 
GOL C3  H31  sing N N 127 
GOL C3  H32  sing N N 128 
GOL O3  HO3  sing N N 129 
HIS N   CA   sing N N 130 
HIS N   H    sing N N 131 
HIS N   H2   sing N N 132 
HIS CA  C    sing N N 133 
HIS CA  CB   sing N N 134 
HIS CA  HA   sing N N 135 
HIS C   O    doub N N 136 
HIS C   OXT  sing N N 137 
HIS CB  CG   sing N N 138 
HIS CB  HB2  sing N N 139 
HIS CB  HB3  sing N N 140 
HIS CG  ND1  sing Y N 141 
HIS CG  CD2  doub Y N 142 
HIS ND1 CE1  doub Y N 143 
HIS ND1 HD1  sing N N 144 
HIS CD2 NE2  sing Y N 145 
HIS CD2 HD2  sing N N 146 
HIS CE1 NE2  sing Y N 147 
HIS CE1 HE1  sing N N 148 
HIS NE2 HE2  sing N N 149 
HIS OXT HXT  sing N N 150 
HOH O   H1   sing N N 151 
HOH O   H2   sing N N 152 
ILE N   CA   sing N N 153 
ILE N   H    sing N N 154 
ILE N   H2   sing N N 155 
ILE CA  C    sing N N 156 
ILE CA  CB   sing N N 157 
ILE CA  HA   sing N N 158 
ILE C   O    doub N N 159 
ILE C   OXT  sing N N 160 
ILE CB  CG1  sing N N 161 
ILE CB  CG2  sing N N 162 
ILE CB  HB   sing N N 163 
ILE CG1 CD1  sing N N 164 
ILE CG1 HG12 sing N N 165 
ILE CG1 HG13 sing N N 166 
ILE CG2 HG21 sing N N 167 
ILE CG2 HG22 sing N N 168 
ILE CG2 HG23 sing N N 169 
ILE CD1 HD11 sing N N 170 
ILE CD1 HD12 sing N N 171 
ILE CD1 HD13 sing N N 172 
ILE OXT HXT  sing N N 173 
LEU N   CA   sing N N 174 
LEU N   H    sing N N 175 
LEU N   H2   sing N N 176 
LEU CA  C    sing N N 177 
LEU CA  CB   sing N N 178 
LEU CA  HA   sing N N 179 
LEU C   O    doub N N 180 
LEU C   OXT  sing N N 181 
LEU CB  CG   sing N N 182 
LEU CB  HB2  sing N N 183 
LEU CB  HB3  sing N N 184 
LEU CG  CD1  sing N N 185 
LEU CG  CD2  sing N N 186 
LEU CG  HG   sing N N 187 
LEU CD1 HD11 sing N N 188 
LEU CD1 HD12 sing N N 189 
LEU CD1 HD13 sing N N 190 
LEU CD2 HD21 sing N N 191 
LEU CD2 HD22 sing N N 192 
LEU CD2 HD23 sing N N 193 
LEU OXT HXT  sing N N 194 
LYS N   CA   sing N N 195 
LYS N   H    sing N N 196 
LYS N   H2   sing N N 197 
LYS CA  C    sing N N 198 
LYS CA  CB   sing N N 199 
LYS CA  HA   sing N N 200 
LYS C   O    doub N N 201 
LYS C   OXT  sing N N 202 
LYS CB  CG   sing N N 203 
LYS CB  HB2  sing N N 204 
LYS CB  HB3  sing N N 205 
LYS CG  CD   sing N N 206 
LYS CG  HG2  sing N N 207 
LYS CG  HG3  sing N N 208 
LYS CD  CE   sing N N 209 
LYS CD  HD2  sing N N 210 
LYS CD  HD3  sing N N 211 
LYS CE  NZ   sing N N 212 
LYS CE  HE2  sing N N 213 
LYS CE  HE3  sing N N 214 
LYS NZ  HZ1  sing N N 215 
LYS NZ  HZ2  sing N N 216 
LYS NZ  HZ3  sing N N 217 
LYS OXT HXT  sing N N 218 
MET N   CA   sing N N 219 
MET N   H    sing N N 220 
MET N   H2   sing N N 221 
MET CA  C    sing N N 222 
MET CA  CB   sing N N 223 
MET CA  HA   sing N N 224 
MET C   O    doub N N 225 
MET C   OXT  sing N N 226 
MET CB  CG   sing N N 227 
MET CB  HB2  sing N N 228 
MET CB  HB3  sing N N 229 
MET CG  SD   sing N N 230 
MET CG  HG2  sing N N 231 
MET CG  HG3  sing N N 232 
MET SD  CE   sing N N 233 
MET CE  HE1  sing N N 234 
MET CE  HE2  sing N N 235 
MET CE  HE3  sing N N 236 
MET OXT HXT  sing N N 237 
PHE N   CA   sing N N 238 
PHE N   H    sing N N 239 
PHE N   H2   sing N N 240 
PHE CA  C    sing N N 241 
PHE CA  CB   sing N N 242 
PHE CA  HA   sing N N 243 
PHE C   O    doub N N 244 
PHE C   OXT  sing N N 245 
PHE CB  CG   sing N N 246 
PHE CB  HB2  sing N N 247 
PHE CB  HB3  sing N N 248 
PHE CG  CD1  doub Y N 249 
PHE CG  CD2  sing Y N 250 
PHE CD1 CE1  sing Y N 251 
PHE CD1 HD1  sing N N 252 
PHE CD2 CE2  doub Y N 253 
PHE CD2 HD2  sing N N 254 
PHE CE1 CZ   doub Y N 255 
PHE CE1 HE1  sing N N 256 
PHE CE2 CZ   sing Y N 257 
PHE CE2 HE2  sing N N 258 
PHE CZ  HZ   sing N N 259 
PHE OXT HXT  sing N N 260 
PRO N   CA   sing N N 261 
PRO N   CD   sing N N 262 
PRO N   H    sing N N 263 
PRO CA  C    sing N N 264 
PRO CA  CB   sing N N 265 
PRO CA  HA   sing N N 266 
PRO C   O    doub N N 267 
PRO C   OXT  sing N N 268 
PRO CB  CG   sing N N 269 
PRO CB  HB2  sing N N 270 
PRO CB  HB3  sing N N 271 
PRO CG  CD   sing N N 272 
PRO CG  HG2  sing N N 273 
PRO CG  HG3  sing N N 274 
PRO CD  HD2  sing N N 275 
PRO CD  HD3  sing N N 276 
PRO OXT HXT  sing N N 277 
SER N   CA   sing N N 278 
SER N   H    sing N N 279 
SER N   H2   sing N N 280 
SER CA  C    sing N N 281 
SER CA  CB   sing N N 282 
SER CA  HA   sing N N 283 
SER C   O    doub N N 284 
SER C   OXT  sing N N 285 
SER CB  OG   sing N N 286 
SER CB  HB2  sing N N 287 
SER CB  HB3  sing N N 288 
SER OG  HG   sing N N 289 
SER OXT HXT  sing N N 290 
THR N   CA   sing N N 291 
THR N   H    sing N N 292 
THR N   H2   sing N N 293 
THR CA  C    sing N N 294 
THR CA  CB   sing N N 295 
THR CA  HA   sing N N 296 
THR C   O    doub N N 297 
THR C   OXT  sing N N 298 
THR CB  OG1  sing N N 299 
THR CB  CG2  sing N N 300 
THR CB  HB   sing N N 301 
THR OG1 HG1  sing N N 302 
THR CG2 HG21 sing N N 303 
THR CG2 HG22 sing N N 304 
THR CG2 HG23 sing N N 305 
THR OXT HXT  sing N N 306 
TRP N   CA   sing N N 307 
TRP N   H    sing N N 308 
TRP N   H2   sing N N 309 
TRP CA  C    sing N N 310 
TRP CA  CB   sing N N 311 
TRP CA  HA   sing N N 312 
TRP C   O    doub N N 313 
TRP C   OXT  sing N N 314 
TRP CB  CG   sing N N 315 
TRP CB  HB2  sing N N 316 
TRP CB  HB3  sing N N 317 
TRP CG  CD1  doub Y N 318 
TRP CG  CD2  sing Y N 319 
TRP CD1 NE1  sing Y N 320 
TRP CD1 HD1  sing N N 321 
TRP CD2 CE2  doub Y N 322 
TRP CD2 CE3  sing Y N 323 
TRP NE1 CE2  sing Y N 324 
TRP NE1 HE1  sing N N 325 
TRP CE2 CZ2  sing Y N 326 
TRP CE3 CZ3  doub Y N 327 
TRP CE3 HE3  sing N N 328 
TRP CZ2 CH2  doub Y N 329 
TRP CZ2 HZ2  sing N N 330 
TRP CZ3 CH2  sing Y N 331 
TRP CZ3 HZ3  sing N N 332 
TRP CH2 HH2  sing N N 333 
TRP OXT HXT  sing N N 334 
TYR N   CA   sing N N 335 
TYR N   H    sing N N 336 
TYR N   H2   sing N N 337 
TYR CA  C    sing N N 338 
TYR CA  CB   sing N N 339 
TYR CA  HA   sing N N 340 
TYR C   O    doub N N 341 
TYR C   OXT  sing N N 342 
TYR CB  CG   sing N N 343 
TYR CB  HB2  sing N N 344 
TYR CB  HB3  sing N N 345 
TYR CG  CD1  doub Y N 346 
TYR CG  CD2  sing Y N 347 
TYR CD1 CE1  sing Y N 348 
TYR CD1 HD1  sing N N 349 
TYR CD2 CE2  doub Y N 350 
TYR CD2 HD2  sing N N 351 
TYR CE1 CZ   doub Y N 352 
TYR CE1 HE1  sing N N 353 
TYR CE2 CZ   sing Y N 354 
TYR CE2 HE2  sing N N 355 
TYR CZ  OH   sing N N 356 
TYR OH  HH   sing N N 357 
TYR OXT HXT  sing N N 358 
VAL N   CA   sing N N 359 
VAL N   H    sing N N 360 
VAL N   H2   sing N N 361 
VAL CA  C    sing N N 362 
VAL CA  CB   sing N N 363 
VAL CA  HA   sing N N 364 
VAL C   O    doub N N 365 
VAL C   OXT  sing N N 366 
VAL CB  CG1  sing N N 367 
VAL CB  CG2  sing N N 368 
VAL CB  HB   sing N N 369 
VAL CG1 HG11 sing N N 370 
VAL CG1 HG12 sing N N 371 
VAL CG1 HG13 sing N N 372 
VAL CG2 HG21 sing N N 373 
VAL CG2 HG22 sing N N 374 
VAL CG2 HG23 sing N N 375 
VAL OXT HXT  sing N N 376 
# 
_pdbx_audit_support.funding_organization   
'National Institutes of Health/National Institute of General Medical Sciences (NIH/NIGMS)' 
_pdbx_audit_support.country                'United States' 
_pdbx_audit_support.grant_number           'GM100907, GM106416, GM101664' 
_pdbx_audit_support.ordinal                1 
# 
_atom_sites.entry_id                    5TAB 
_atom_sites.fract_transf_matrix[1][1]   0.00312016 
_atom_sites.fract_transf_matrix[1][2]   -0.02143470 
_atom_sites.fract_transf_matrix[1][3]   -0.01188111 
_atom_sites.fract_transf_matrix[2][1]   0.01025340 
_atom_sites.fract_transf_matrix[2][2]   -0.00028746 
_atom_sites.fract_transf_matrix[2][3]   -0.02247492 
_atom_sites.fract_transf_matrix[3][1]   0.01776976 
_atom_sites.fract_transf_matrix[3][2]   -0.00192051 
_atom_sites.fract_transf_matrix[3][3]   0.00813140 
_atom_sites.fract_transf_vector[1]      0.647684 
_atom_sites.fract_transf_vector[2]      0.391927 
_atom_sites.fract_transf_vector[3]      0.433262 
# 
loop_
_atom_type.symbol 
C  
H  
N  
O  
S  
ZN 
# 
loop_
_atom_site.group_PDB 
_atom_site.id 
_atom_site.type_symbol 
_atom_site.label_atom_id 
_atom_site.label_alt_id 
_atom_site.label_comp_id 
_atom_site.label_asym_id 
_atom_site.label_entity_id 
_atom_site.label_seq_id 
_atom_site.pdbx_PDB_ins_code 
_atom_site.Cartn_x 
_atom_site.Cartn_y 
_atom_site.Cartn_z 
_atom_site.occupancy 
_atom_site.B_iso_or_equiv 
_atom_site.pdbx_formal_charge 
_atom_site.auth_seq_id 
_atom_site.auth_comp_id 
_atom_site.auth_asym_id 
_atom_site.auth_atom_id 
_atom_site.pdbx_PDB_model_num 
ATOM   1   N  N   . GLY A 1 1  ? -6.358  -8.786  -6.385  0.82 10.15 ? 1   GLY A N   1 
ATOM   2   C  CA  . GLY A 1 1  ? -5.995  -8.901  -7.799  0.91 10.08 ? 1   GLY A CA  1 
ATOM   3   C  C   . GLY A 1 1  ? -6.371  -10.275 -8.334  0.96 12.15 ? 1   GLY A C   1 
ATOM   4   O  O   . GLY A 1 1  ? -7.098  -11.017 -7.681  1.00 14.31 ? 1   GLY A O   1 
ATOM   5   N  N   . PRO A 1 2  ? -5.860  -10.623 -9.525  1.00 12.41 ? 2   PRO A N   1 
ATOM   6   C  CA  . PRO A 1 2  ? -6.232  -11.908 -10.127 1.00 16.00 ? 2   PRO A CA  1 
ATOM   7   C  C   . PRO A 1 2  ? -5.724  -13.057 -9.304  1.00 16.93 ? 2   PRO A C   1 
ATOM   8   O  O   . PRO A 1 2  ? -4.809  -12.892 -8.449  1.00 15.83 ? 2   PRO A O   1 
ATOM   9   C  CB  . PRO A 1 2  ? -5.502  -11.911 -11.467 0.91 17.43 ? 2   PRO A CB  1 
ATOM   10  C  CG  . PRO A 1 2  ? -5.044  -10.551 -11.673 0.69 16.75 ? 2   PRO A CG  1 
ATOM   11  C  CD  . PRO A 1 2  ? -4.933  -9.859  -10.379 1.00 14.41 ? 2   PRO A CD  1 
ATOM   12  N  N   . LEU A 1 3  ? -6.310  -14.226 -9.543  0.97 20.17 ? 3   LEU A N   1 
ATOM   13  C  CA  . LEU A 1 3  ? -5.952  -15.408 -8.791  0.81 22.60 ? 3   LEU A CA  1 
ATOM   14  C  C   . LEU A 1 3  ? -6.165  -15.172 -7.297  0.82 22.55 ? 3   LEU A C   1 
ATOM   15  O  O   . LEU A 1 3  ? -5.443  -15.726 -6.510  0.90 24.44 ? 3   LEU A O   1 
ATOM   16  C  CB  . LEU A 1 3  ? -4.474  -15.774 -9.015  1.00 25.22 ? 3   LEU A CB  1 
ATOM   17  C  CG  . LEU A 1 3  ? -4.008  -15.889 -10.476 0.81 27.69 ? 3   LEU A CG  1 
ATOM   18  C  CD1 . LEU A 1 3  ? -2.524  -16.246 -10.579 0.65 29.63 ? 3   LEU A CD1 1 
ATOM   19  C  CD2 . LEU A 1 3  ? -4.811  -16.894 -11.242 1.00 28.68 ? 3   LEU A CD2 1 
ATOM   20  N  N   . GLY A 1 4  ? -7.144  -14.346 -6.932  0.75 21.47 ? 4   GLY A N   1 
ATOM   21  C  CA  . GLY A 1 4  ? -7.489  -14.132 -5.535  0.64 21.02 ? 4   GLY A CA  1 
ATOM   22  C  C   . GLY A 1 4  ? -6.380  -13.521 -4.700  0.76 19.14 ? 4   GLY A C   1 
ATOM   23  O  O   . GLY A 1 4  ? -6.394  -13.650 -3.486  0.78 20.19 ? 4   GLY A O   1 
ATOM   24  N  N   . SER A 1 5  ? -5.411  -12.844 -5.323  0.97 16.44 ? 5   SER A N   1 
ATOM   25  C  CA  . SER A 1 5  ? -4.377  -12.143 -4.549  0.97 14.67 ? 5   SER A CA  1 
ATOM   26  C  C   . SER A 1 5  ? -5.023  -11.089 -3.667  0.86 11.60 ? 5   SER A C   1 
ATOM   27  O  O   . SER A 1 5  ? -6.077  -10.544 -3.996  0.83 10.93 ? 5   SER A O   1 
ATOM   28  C  CB  . SER A 1 5  ? -3.347  -11.510 -5.476  1.00 14.63 ? 5   SER A CB  1 
ATOM   29  O  OG  . SER A 1 5  ? -3.931  -10.513 -6.291  0.86 12.94 ? 5   SER A OG  1 
ATOM   30  N  N   . GLU A 1 6  ? -4.393  -10.782 -2.545  0.94 11.45 ? 6   GLU A N   1 
ATOM   31  C  CA  . GLU A 1 6  ? -4.973  -9.863  -1.571  1.00 10.49 ? 6   GLU A CA  1 
ATOM   32  C  C   . GLU A 1 6  ? -4.863  -8.437  -2.081  0.93 8.62  ? 6   GLU A C   1 
ATOM   33  O  O   . GLU A 1 6  ? -3.796  -7.980  -2.473  0.76 9.28  ? 6   GLU A O   1 
ATOM   34  C  CB  . GLU A 1 6  ? -4.224  -9.964  -0.236  1.00 14.59 ? 6   GLU A CB  1 
ATOM   35  C  CG  . GLU A 1 6  ? -4.360  -11.325 0.448   0.86 16.98 ? 6   GLU A CG  1 
ATOM   36  C  CD  . GLU A 1 6  ? -5.760  -11.558 1.019   0.85 18.84 ? 6   GLU A CD  1 
ATOM   37  O  OE1 . GLU A 1 6  ? -6.453  -10.555 1.325   0.52 18.61 ? 6   GLU A OE1 1 
ATOM   38  O  OE2 . GLU A 1 6  ? -6.171  -12.740 1.154   0.43 21.25 ? 6   GLU A OE2 1 
ATOM   39  N  N   . VAL A 1 7  ? -5.982  -7.722  -2.013  1.00 7.79  ? 7   VAL A N   1 
ATOM   40  C  CA  . VAL A 1 7  ? -5.992  -6.300  -2.358  1.00 7.14  ? 7   VAL A CA  1 
ATOM   41  C  C   . VAL A 1 7  ? -5.222  -5.471  -1.333  1.00 6.72  ? 7   VAL A C   1 
ATOM   42  O  O   . VAL A 1 7  ? -4.441  -4.615  -1.716  0.91 7.26  ? 7   VAL A O   1 
ATOM   43  C  CB  . VAL A 1 7  ? -7.449  -5.811  -2.534  0.98 8.02  ? 7   VAL A CB  1 
ATOM   44  C  CG1 . VAL A 1 7  ? -7.501  -4.300  -2.595  0.97 8.45  ? 7   VAL A CG1 1 
ATOM   45  C  CG2 . VAL A 1 7  ? -8.064  -6.452  -3.771  1.00 9.54  ? 7   VAL A CG2 1 
ATOM   46  N  N   . VAL A 1 8  ? -5.423  -5.770  -0.050  1.00 7.07  ? 8   VAL A N   1 
ATOM   47  C  CA  . VAL A 1 8  ? -4.621  -5.134  0.995   1.00 7.06  ? 8   VAL A CA  1 
ATOM   48  C  C   . VAL A 1 8  ? -3.431  -6.055  1.256   0.88 6.33  ? 8   VAL A C   1 
ATOM   49  O  O   . VAL A 1 8  ? -3.598  -7.204  1.687   0.85 7.70  ? 8   VAL A O   1 
ATOM   50  C  CB  . VAL A 1 8  ? -5.409  -4.901  2.282   1.00 8.65  ? 8   VAL A CB  1 
ATOM   51  C  CG1 . VAL A 1 8  ? -4.511  -4.293  3.356   1.00 10.14 ? 8   VAL A CG1 1 
ATOM   52  C  CG2 . VAL A 1 8  ? -6.615  -3.969  2.007   0.98 10.15 ? 8   VAL A CG2 1 
ATOM   53  N  N   . ARG A 1 9  ? -2.234  -5.592  0.901   0.99 7.60  ? 9   ARG A N   1 
ATOM   54  C  CA  . ARG A 1 9  ? -1.023  -6.404  1.076   1.00 6.87  ? 9   ARG A CA  1 
ATOM   55  C  C   . ARG A 1 9  ? 0.047   -5.496  1.657   0.90 5.78  ? 9   ARG A C   1 
ATOM   56  O  O   . ARG A 1 9  ? 0.784   -4.813  0.940   0.90 6.61  ? 9   ARG A O   1 
ATOM   57  C  CB  . ARG A 1 9  ? -0.593  -7.073  -0.225  0.84 8.88  ? 9   ARG A CB  1 
ATOM   58  C  CG  . ARG A 1 9  ? 0.386   -8.227  0.022   0.96 9.88  ? 9   ARG A CG  1 
ATOM   59  C  CD  . ARG A 1 9  ? 1.819   -7.773  -0.060  0.84 10.17 ? 9   ARG A CD  1 
ATOM   60  N  NE  . ARG A 1 9  ? 2.331   -7.597  -1.411  0.86 9.62  ? 9   ARG A NE  1 
ATOM   61  C  CZ  . ARG A 1 9  ? 2.761   -6.460  -1.968  0.82 8.65  ? 9   ARG A CZ  1 
ATOM   62  N  NH1 . ARG A 1 9  ? 2.629   -5.297  -1.342  0.98 9.34  ? 9   ARG A NH1 1 
ATOM   63  N  NH2 . ARG A 1 9  ? 3.316   -6.470  -3.172  0.86 10.67 ? 9   ARG A NH2 1 
ATOM   64  N  N   . CYS A 1 10 ? 0.089   -5.467  2.980   0.90 6.59  ? 10  CYS A N   1 
ATOM   65  C  CA  . CYS A 1 10 ? 0.940   -4.540  3.698   1.00 7.62  ? 10  CYS A CA  1 
ATOM   66  C  C   . CYS A 1 10 ? 1.928   -5.318  4.546   1.00 8.37  ? 10  CYS A C   1 
ATOM   67  O  O   . CYS A 1 10 ? 1.669   -6.467  4.935   0.96 8.96  ? 10  CYS A O   1 
ATOM   68  C  CB  . CYS A 1 10 ? 0.077   -3.610  4.571   1.00 7.69  ? 10  CYS A CB  1 
ATOM   69  S  SG  . CYS A 1 10 ? 1.010   -2.170  5.191   1.00 7.49  ? 10  CYS A SG  1 
ATOM   70  N  N   . ILE A 1 11 ? 3.020   -4.674  4.929   1.00 8.28  ? 11  ILE A N   1 
ATOM   71  C  CA  . ILE A 1 11 ? 4.094   -5.366  5.673   1.00 8.17  ? 11  ILE A CA  1 
ATOM   72  C  C   . ILE A 1 11 ? 3.640   -5.778  7.073   0.93 8.56  ? 11  ILE A C   1 
ATOM   73  O  O   . ILE A 1 11 ? 4.191   -6.696  7.661   0.89 9.37  ? 11  ILE A O   1 
ATOM   74  C  CB  . ILE A 1 11 ? 5.347   -4.435  5.725   1.00 8.95  ? 11  ILE A CB  1 
ATOM   75  C  CG1 . ILE A 1 11 ? 6.568   -5.197  6.234   1.00 9.52  ? 11  ILE A CG1 1 
ATOM   76  C  CG2 . ILE A 1 11 ? 5.059   -3.169  6.570   1.00 8.67  ? 11  ILE A CG2 1 
ATOM   77  C  CD1 . ILE A 1 11 ? 7.834   -4.352  6.122   0.95 10.90 ? 11  ILE A CD1 1 
ATOM   78  N  N   . CYS A 1 12 ? 2.622   -5.101  7.600   0.89 7.40  ? 12  CYS A N   1 
ATOM   79  C  CA  . CYS A 1 12 ? 2.066   -5.450  8.903   0.97 9.32  ? 12  CYS A CA  1 
ATOM   80  C  C   . CYS A 1 12 ? 1.208   -6.720  8.862   0.90 10.21 ? 12  CYS A C   1 
ATOM   81  O  O   . CYS A 1 12 ? 0.880   -7.264  9.910   0.88 10.68 ? 12  CYS A O   1 
ATOM   82  C  CB  . CYS A 1 12 ? 1.223   -4.265  9.412   1.00 10.34 ? 12  CYS A CB  1 
ATOM   83  S  SG  . CYS A 1 12 ? -0.257  -4.004  8.387   0.96 8.65  ? 12  CYS A SG  1 
ATOM   84  N  N   . GLU A 1 13 ? 0.854   -7.171  7.657   1.00 11.11 ? 13  GLU A N   1 
ATOM   85  C  CA  . GLU A 1 13 ? 0.023   -8.361  7.407   1.00 12.23 ? 13  GLU A CA  1 
ATOM   86  C  C   . GLU A 1 13 ? -1.377  -8.239  8.010   0.90 11.25 ? 13  GLU A C   1 
ATOM   87  O  O   . GLU A 1 13 ? -2.031  -9.242  8.256   0.80 14.88 ? 13  GLU A O   1 
ATOM   88  C  CB  . GLU A 1 13 ? 0.706   -9.644  7.901   1.00 15.15 ? 13  GLU A CB  1 
ATOM   89  C  CG  . GLU A 1 13 ? 2.000   -9.909  7.097   1.00 17.36 ? 13  GLU A CG  1 
ATOM   90  C  CD  . GLU A 1 13 ? 2.452   -11.338 7.114   0.92 21.36 ? 13  GLU A CD  1 
ATOM   91  O  OE1 . GLU A 1 13 ? 1.607   -12.214 6.875   0.38 22.03 ? 13  GLU A OE1 1 
ATOM   92  O  OE2 . GLU A 1 13 ? 3.642   -11.591 7.327   0.56 21.79 ? 13  GLU A OE2 1 
ATOM   93  N  N   . VAL A 1 14 ? -1.836  -7.026  8.227   1.00 8.79  ? 14  VAL A N   1 
ATOM   94  C  CA  . VAL A 1 14 ? -3.216  -6.778  8.659   0.98 9.46  ? 14  VAL A CA  1 
ATOM   95  C  C   . VAL A 1 14 ? -4.045  -6.425  7.411   0.94 8.38  ? 14  VAL A C   1 
ATOM   96  O  O   . VAL A 1 14 ? -3.672  -5.549  6.633   0.90 9.30  ? 14  VAL A O   1 
ATOM   97  C  CB  . VAL A 1 14 ? -3.268  -5.661  9.728   1.00 10.27 ? 14  VAL A CB  1 
ATOM   98  C  CG1 . VAL A 1 14 ? -4.717  -5.304  10.068  0.95 11.75 ? 14  VAL A CG1 1 
ATOM   99  C  CG2 . VAL A 1 14 ? -2.507  -6.126  10.977  1.00 11.72 ? 14  VAL A CG2 1 
ATOM   100 N  N   . GLN A 1 15 ? -5.164  -7.128  7.228   1.00 8.60  ? 15  GLN A N   1 
ATOM   101 C  CA  . GLN A 1 15 ? -6.042  -6.927  6.065   1.00 9.75  ? 15  GLN A CA  1 
ATOM   102 C  C   . GLN A 1 15 ? -6.988  -5.744  6.241   0.90 8.81  ? 15  GLN A C   1 
ATOM   103 O  O   . GLN A 1 15 ? -7.432  -5.132  5.283   0.78 9.49  ? 15  GLN A O   1 
ATOM   104 C  CB  . GLN A 1 15 ? -6.841  -8.228  5.773   0.91 11.44 ? 15  GLN A CB  1 
ATOM   105 C  CG  . GLN A 1 15 ? -7.894  -8.113  4.628   0.72 13.09 ? 15  GLN A CG  1 
ATOM   106 C  CD  . GLN A 1 15 ? -8.553  -9.453  4.303   0.74 14.28 ? 15  GLN A CD  1 
ATOM   107 O  OE1 . GLN A 1 15 ? -8.115  -10.501 4.778   0.66 16.17 ? 15  GLN A OE1 1 
ATOM   108 N  NE2 . GLN A 1 15 ? -9.618  -9.426  3.495   0.82 14.76 ? 15  GLN A NE2 1 
ATOM   109 N  N   . GLU A 1 16 ? -7.345  -5.462  7.476   1.00 9.11  ? 16  GLU A N   1 
ATOM   110 C  CA  . GLU A 1 16 ? -8.290  -4.390  7.773   1.00 10.12 ? 16  GLU A CA  1 
ATOM   111 C  C   . GLU A 1 16 ? -7.723  -3.043  7.385   1.00 10.88 ? 16  GLU A C   1 
ATOM   112 O  O   . GLU A 1 16 ? -6.568  -2.729  7.704   1.00 12.93 ? 16  GLU A O   1 
ATOM   113 C  CB  . GLU A 1 16 ? -8.622  -4.365  9.275   1.00 12.63 ? 16  GLU A CB  1 
ATOM   114 C  CG  . GLU A 1 16 ? -9.540  -5.495  9.719   1.00 19.18 ? 16  GLU A CG  1 
ATOM   115 C  CD  . GLU A 1 16 ? -9.002  -6.898  9.376   1.00 29.00 ? 16  GLU A CD  1 
ATOM   116 O  OE1 . GLU A 1 16 ? -9.758  -7.678  8.702   1.00 34.85 ? 16  GLU A OE1 1 
ATOM   117 O  OE2 . GLU A 1 16 ? -7.850  -7.226  9.791   1.00 30.36 ? 16  GLU A OE2 1 
ATOM   118 N  N   . GLU A 1 17 ? -8.545  -2.260  6.700   1.00 9.07  ? 17  GLU A N   1 
ATOM   119 C  CA  . GLU A 1 17 ? -8.183  -0.904  6.309   1.00 8.92  ? 17  GLU A CA  1 
ATOM   120 C  C   . GLU A 1 17 ? -8.225  0.039   7.516   0.96 8.37  ? 17  GLU A C   1 
ATOM   121 O  O   . GLU A 1 17 ? -8.924  -0.215  8.500   0.94 10.48 ? 17  GLU A O   1 
ATOM   122 C  CB  . GLU A 1 17 ? -9.139  -0.436  5.205   1.00 9.94  ? 17  GLU A CB  1 
ATOM   123 C  CG  . GLU A 1 17 ? -10.569 -0.143  5.648   0.80 10.86 ? 17  GLU A CG  1 
ATOM   124 C  CD  . GLU A 1 17 ? -11.496 -1.356  5.910   0.81 9.86  ? 17  GLU A CD  1 
ATOM   125 O  OE1 . GLU A 1 17 ? -11.083 -2.560  5.874   0.88 11.00 ? 17  GLU A OE1 1 
ATOM   126 O  OE2 . GLU A 1 17 ? -12.687 -1.106  6.188   0.72 9.47  ? 17  GLU A OE2 1 
ATOM   127 N  N   . ASN A 1 18 ? -7.524  1.165   7.373   0.96 8.33  ? 18  ASN A N   1 
ATOM   128 C  CA  . ASN A 1 18 ? -7.674  2.265   8.328   0.99 9.01  ? 18  ASN A CA  1 
ATOM   129 C  C   . ASN A 1 18 ? -8.099  3.511   7.559   0.93 8.79  ? 18  ASN A C   1 
ATOM   130 O  O   . ASN A 1 18 ? -8.814  3.403   6.569   0.75 9.10  ? 18  ASN A O   1 
ATOM   131 C  CB  . ASN A 1 18 ? -6.391  2.470   9.147   1.00 9.90  ? 18  ASN A CB  1 
ATOM   132 C  CG  . ASN A 1 18 ? -5.203  2.898   8.291   0.98 8.88  ? 18  ASN A CG  1 
ATOM   133 O  OD1 . ASN A 1 18 ? -5.316  3.083   7.091   0.82 7.71  ? 18  ASN A OD1 1 
ATOM   134 N  ND2 . ASN A 1 18 ? -4.043  3.019   8.919   0.91 10.47 ? 18  ASN A ND2 1 
ATOM   135 N  N   . ASP A 1 19 ? -7.707  4.690   8.047   1.00 9.46  ? 19  ASP A N   1 
ATOM   136 C  CA  . ASP A 1 19 ? -8.109  5.958   7.433   0.93 9.45  ? 19  ASP A CA  1 
ATOM   137 C  C   . ASP A 1 19 ? -7.196  6.435   6.285   0.82 8.28  ? 19  ASP A C   1 
ATOM   138 O  O   . ASP A 1 19 ? -7.459  7.471   5.688   0.83 10.10 ? 19  ASP A O   1 
ATOM   139 C  CB  . ASP A 1 19 ? -8.158  7.064   8.498   1.00 12.38 ? 19  ASP A CB  1 
ATOM   140 C  CG  . ASP A 1 19 ? -6.819  7.251   9.240   0.76 12.95 ? 19  ASP A CG  1 
ATOM   141 O  OD1 . ASP A 1 19 ? -6.014  6.307   9.388   0.80 12.81 ? 19  ASP A OD1 1 
ATOM   142 O  OD2 . ASP A 1 19 ? -6.577  8.382   9.727   0.47 14.74 ? 19  ASP A OD2 1 
ATOM   143 N  N   . PHE A 1 20 ? -6.115  5.720   5.975   0.98 8.60  ? 20  PHE A N   1 
ATOM   144 C  CA  . PHE A 1 20 ? -5.124  6.231   5.020   1.00 8.08  ? 20  PHE A CA  1 
ATOM   145 C  C   . PHE A 1 20 ? -4.474  5.046   4.336   0.95 7.08  ? 20  PHE A C   1 
ATOM   146 O  O   . PHE A 1 20 ? -3.424  4.563   4.779   0.89 7.23  ? 20  PHE A O   1 
ATOM   147 C  CB  . PHE A 1 20 ? -4.124  7.168   5.720   1.00 9.31  ? 20  PHE A CB  1 
ATOM   148 C  CG  . PHE A 1 20 ? -3.015  7.670   4.817   1.00 10.89 ? 20  PHE A CG  1 
ATOM   149 C  CD1 . PHE A 1 20 ? -3.277  8.065   3.509   0.91 11.61 ? 20  PHE A CD1 1 
ATOM   150 C  CD2 . PHE A 1 20 ? -1.713  7.734   5.276   0.84 12.64 ? 20  PHE A CD2 1 
ATOM   151 C  CE1 . PHE A 1 20 ? -2.260  8.526   2.671   0.86 12.46 ? 20  PHE A CE1 1 
ATOM   152 C  CE2 . PHE A 1 20 ? -0.691  8.201   4.401   1.00 13.25 ? 20  PHE A CE2 1 
ATOM   153 C  CZ  . PHE A 1 20 ? -0.989  8.567   3.115   0.87 12.72 ? 20  PHE A CZ  1 
ATOM   154 N  N   . MET A 1 21 ? -5.094  4.624   3.234   0.92 6.56  ? 21  MET A N   1 
ATOM   155 C  CA  . MET A 1 21 ? -4.627  3.525   2.401   0.96 6.95  ? 21  MET A CA  1 
ATOM   156 C  C   . MET A 1 21 ? -4.050  4.111   1.107   0.87 6.08  ? 21  MET A C   1 
ATOM   157 O  O   . MET A 1 21 ? -4.602  5.086   0.572   0.98 8.44  ? 21  MET A O   1 
ATOM   158 C  CB  . MET A 1 21 ? -5.804  2.612   2.038   0.94 8.00  ? 21  MET A CB  1 
ATOM   159 C  CG  . MET A 1 21 ? -6.564  2.104   3.260   0.95 8.46  ? 21  MET A CG  1 
ATOM   160 S  SD  . MET A 1 21 ? -5.516  1.135   4.382   0.86 7.52  ? 21  MET A SD  1 
ATOM   161 C  CE  . MET A 1 21 ? -5.212  -0.354  3.440   0.88 9.38  ? 21  MET A CE  1 
ATOM   162 N  N   . ILE A 1 22 ? -2.992  3.489   0.586   0.96 6.33  ? 22  ILE A N   1 
ATOM   163 C  CA  . ILE A 1 22 ? -2.348  3.979   -0.639  0.99 6.63  ? 22  ILE A CA  1 
ATOM   164 C  C   . ILE A 1 22 ? -2.103  2.783   -1.555  0.98 6.26  ? 22  ILE A C   1 
ATOM   165 O  O   . ILE A 1 22 ? -1.820  1.676   -1.071  0.94 6.95  ? 22  ILE A O   1 
ATOM   166 C  CB  . ILE A 1 22 ? -1.051  4.760   -0.312  1.00 7.48  ? 22  ILE A CB  1 
ATOM   167 C  CG1 . ILE A 1 22 ? -0.068  3.915   0.497   0.97 8.01  ? 22  ILE A CG1 1 
ATOM   168 C  CG2 . ILE A 1 22 ? -1.405  6.083   0.409   0.96 9.26  ? 22  ILE A CG2 1 
ATOM   169 C  CD1 . ILE A 1 22 ? 1.259   4.680   0.837   1.00 9.15  ? 22  ILE A CD1 1 
ATOM   170 N  N   . GLN A 1 23 ? -2.188  3.003   -2.860  0.92 6.14  ? 23  GLN A N   1 
ATOM   171 C  CA  . GLN A 1 23 ? -2.112  1.938   -3.841  1.00 7.15  ? 23  GLN A CA  1 
ATOM   172 C  C   . GLN A 1 23 ? -0.778  2.000   -4.596  0.89 5.61  ? 23  GLN A C   1 
ATOM   173 O  O   . GLN A 1 23 ? -0.414  3.049   -5.161  0.87 7.13  ? 23  GLN A O   1 
ATOM   174 C  CB  . GLN A 1 23 ? -3.264  2.069   -4.846  1.00 8.21  ? 23  GLN A CB  1 
ATOM   175 C  CG  . GLN A 1 23 ? -3.368  0.861   -5.749  1.00 8.12  ? 23  GLN A CG  1 
ATOM   176 C  CD  . GLN A 1 23 ? -4.523  0.919   -6.715  0.86 8.43  ? 23  GLN A CD  1 
ATOM   177 O  OE1 . GLN A 1 23 ? -5.072  1.982   -6.988  0.89 9.47  ? 23  GLN A OE1 1 
ATOM   178 N  NE2 . GLN A 1 23 ? -4.884  -0.241  -7.277  0.90 8.66  ? 23  GLN A NE2 1 
ATOM   179 N  N   . CYS A 1 24 ? -0.051  0.881   -4.605  0.86 5.66  ? 24  CYS A N   1 
ATOM   180 C  CA  . CYS A 1 24 ? 1.253   0.831   -5.253  1.00 7.09  ? 24  CYS A CA  1 
ATOM   181 C  C   . CYS A 1 24 ? 1.112   0.924   -6.757  0.93 7.25  ? 24  CYS A C   1 
ATOM   182 O  O   . CYS A 1 24 ? 0.298   0.198   -7.366  0.84 8.15  ? 24  CYS A O   1 
ATOM   183 C  CB  . CYS A 1 24 ? 1.924   -0.503  -4.897  1.00 8.25  ? 24  CYS A CB  1 
ATOM   184 S  SG  . CYS A 1 24 ? 3.558   -0.682  -5.658  0.95 8.23  ? 24  CYS A SG  1 
ATOM   185 N  N   . GLU A 1 25 ? 1.934   1.768   -7.380  1.00 9.80  ? 25  GLU A N   1 
ATOM   186 C  CA  . GLU A 1 25 ? 1.862   1.940   -8.827  1.00 12.59 ? 25  GLU A CA  1 
ATOM   187 C  C   . GLU A 1 25 ? 2.293   0.684   -9.584  1.00 12.19 ? 25  GLU A C   1 
ATOM   188 O  O   . GLU A 1 25 ? 1.912   0.476   -10.731 0.79 12.48 ? 25  GLU A O   1 
ATOM   189 C  CB  . GLU A 1 25 ? 2.719   3.134   -9.279  1.00 17.74 ? 25  GLU A CB  1 
ATOM   190 C  CG  . GLU A 1 25 ? 2.517   3.474   -10.739 0.64 21.52 ? 25  GLU A CG  1 
ATOM   191 C  CD  . GLU A 1 25 ? 2.863   4.876   -11.074 0.47 24.63 ? 25  GLU A CD  1 
ATOM   192 O  OE1 . GLU A 1 25 ? 1.926   5.678   -11.292 0.35 25.66 ? 25  GLU A OE1 1 
ATOM   193 O  OE2 . GLU A 1 25 ? 4.066   5.166   -11.141 0.28 24.68 ? 25  GLU A OE2 1 
ATOM   194 N  N   . GLU A 1 26 ? 3.127   -0.149  -8.967  1.00 11.90 ? 26  GLU A N   1 
ATOM   195 C  CA  . GLU A 1 26 ? 3.713   -1.304  -9.641  1.00 13.70 ? 26  GLU A CA  1 
ATOM   196 C  C   . GLU A 1 26 ? 2.825   -2.538  -9.444  1.00 13.47 ? 26  GLU A C   1 
ATOM   197 O  O   . GLU A 1 26 ? 2.299   -3.068  -10.407 1.00 15.47 ? 26  GLU A O   1 
ATOM   198 C  CB  . GLU A 1 26 ? 5.133   -1.559  -9.126  1.00 17.82 ? 26  GLU A CB  1 
ATOM   199 C  CG  . GLU A 1 26 ? 5.859   -2.514  -9.972  1.00 26.39 ? 26  GLU A CG  1 
ATOM   200 C  CD  . GLU A 1 26 ? 6.086   -1.930  -11.369 1.00 34.53 ? 26  GLU A CD  1 
ATOM   201 O  OE1 . GLU A 1 26 ? 6.384   -0.708  -11.493 1.00 37.81 ? 26  GLU A OE1 1 
ATOM   202 O  OE2 . GLU A 1 26 ? 5.930   -2.698  -12.343 1.00 38.97 ? 26  GLU A OE2 1 
ATOM   203 N  N   . CYS A 1 27 ? 2.594   -2.996  -8.217  1.00 11.34 ? 27  CYS A N   1 
ATOM   204 C  CA  . CYS A 1 27 ? 1.868   -4.251  -7.991  1.00 10.67 ? 27  CYS A CA  1 
ATOM   205 C  C   . CYS A 1 27 ? 0.369   -4.019  -7.872  0.97 9.56  ? 27  CYS A C   1 
ATOM   206 O  O   . CYS A 1 27 ? -0.391  -4.983  -7.901  0.90 10.08 ? 27  CYS A O   1 
ATOM   207 C  CB  . CYS A 1 27 ? 2.374   -4.987  -6.747  1.00 10.93 ? 27  CYS A CB  1 
ATOM   208 S  SG  . CYS A 1 27 ? 2.073   -4.077  -5.199  0.92 8.65  ? 27  CYS A SG  1 
ATOM   209 N  N   . GLN A 1 28 ? -0.047  -2.766  -7.698  0.95 8.64  ? 28  GLN A N   1 
ATOM   210 C  CA  . GLN A 1 28 ? -1.481  -2.371  -7.668  1.00 9.48  ? 28  GLN A CA  1 
ATOM   211 C  C   . GLN A 1 28 ? -2.215  -2.790  -6.390  1.00 7.82  ? 28  GLN A C   1 
ATOM   212 O  O   . GLN A 1 28 ? -3.420  -2.546  -6.285  0.87 8.22  ? 28  GLN A O   1 
ATOM   213 C  CB  . GLN A 1 28 ? -2.239  -2.812  -8.941  1.00 12.21 ? 28  GLN A CB  1 
ATOM   214 C  CG  . GLN A 1 28 ? -1.640  -2.154  -10.205 1.00 14.42 ? 28  GLN A CG  1 
ATOM   215 C  CD  . GLN A 1 28 ? -2.083  -2.775  -11.517 0.51 14.61 ? 28  GLN A CD  1 
ATOM   216 O  OE1 . GLN A 1 28 ? -2.498  -3.939  -11.592 0.53 15.85 ? 28  GLN A OE1 1 
ATOM   217 N  NE2 . GLN A 1 28 ? -1.966  -1.983  -12.587 0.47 14.29 ? 28  GLN A NE2 1 
ATOM   218 N  N   . SER A 1 29 ? -1.525  -3.396  -5.408  1.00 7.89  ? 29  SER A N   1 
ATOM   219 C  CA  . SER A 1 29 ? -2.126  -3.669  -4.120  1.00 7.75  ? 29  SER A CA  1 
ATOM   220 C  C   . SER A 1 29 ? -1.990  -2.427  -3.222  1.00 6.84  ? 29  SER A C   1 
ATOM   221 O  O   . SER A 1 29 ? -1.279  -1.475  -3.548  0.99 8.33  ? 29  SER A O   1 
ATOM   222 C  CB  . SER A 1 29 ? -1.512  -4.879  -3.451  1.00 8.08  ? 29  SER A CB  1 
ATOM   223 O  OG  . SER A 1 29 ? -0.196  -4.629  -3.002  0.89 8.73  ? 29  SER A OG  1 
ATOM   224 N  N   . TRP A 1 30 ? -2.678  -2.466  -2.082  1.00 6.38  ? 30  TRP A N   1 
ATOM   225 C  CA  . TRP A 1 30 ? -2.779  -1.325  -1.184  0.84 5.01  ? 30  TRP A CA  1 
ATOM   226 C  C   . TRP A 1 30 ? -2.059  -1.604  0.131   0.88 4.53  ? 30  TRP A C   1 
ATOM   227 O  O   . TRP A 1 30 ? -2.070  -2.729  0.639   0.90 6.02  ? 30  TRP A O   1 
ATOM   228 C  CB  . TRP A 1 30 ? -4.240  -0.994  -0.899  1.00 7.61  ? 30  TRP A CB  1 
ATOM   229 C  CG  . TRP A 1 30 ? -5.035  -0.532  -2.102  1.00 7.25  ? 30  TRP A CG  1 
ATOM   230 C  CD1 . TRP A 1 30 ? -5.471  -1.310  -3.145  1.00 7.25  ? 30  TRP A CD1 1 
ATOM   231 C  CD2 . TRP A 1 30 ? -5.535  0.787   -2.342  1.00 6.61  ? 30  TRP A CD2 1 
ATOM   232 N  NE1 . TRP A 1 30 ? -6.197  -0.552  -4.029  0.96 7.24  ? 30  TRP A NE1 1 
ATOM   233 C  CE2 . TRP A 1 30 ? -6.259  0.748   -3.555  0.86 5.81  ? 30  TRP A CE2 1 
ATOM   234 C  CE3 . TRP A 1 30 ? -5.443  2.005   -1.648  1.00 7.42  ? 30  TRP A CE3 1 
ATOM   235 C  CZ2 . TRP A 1 30 ? -6.892  1.868   -4.078  0.94 7.22  ? 30  TRP A CZ2 1 
ATOM   236 C  CZ3 . TRP A 1 30 ? -6.063  3.124   -2.177  0.92 7.13  ? 30  TRP A CZ3 1 
ATOM   237 C  CH2 . TRP A 1 30 ? -6.803  3.049   -3.370  0.92 7.84  ? 30  TRP A CH2 1 
ATOM   238 N  N   . GLN A 1 31 ? -1.496  -0.545  0.701   0.95 5.39  ? 31  GLN A N   1 
ATOM   239 C  CA  . GLN A 1 31 ? -0.828  -0.595  1.984   0.99 5.47  ? 31  GLN A CA  1 
ATOM   240 C  C   . GLN A 1 31 ? -1.403  0.487   2.895   0.81 4.19  ? 31  GLN A C   1 
ATOM   241 O  O   . GLN A 1 31 ? -2.005  1.481   2.429   0.90 5.69  ? 31  GLN A O   1 
ATOM   242 C  CB  . GLN A 1 31 ? 0.676   -0.335  1.807   1.00 7.08  ? 31  GLN A CB  1 
ATOM   243 C  CG  . GLN A 1 31 ? 1.380   -1.417  1.019   0.94 6.00  ? 31  GLN A CG  1 
ATOM   244 C  CD  . GLN A 1 31 ? 1.102   -1.345  -0.480  1.00 6.59  ? 31  GLN A CD  1 
ATOM   245 O  OE1 . GLN A 1 31 ? 1.235   -0.280  -1.105  1.00 7.24  ? 31  GLN A OE1 1 
ATOM   246 N  NE2 . GLN A 1 31 ? 0.721   -2.490  -1.084  1.00 7.57  ? 31  GLN A NE2 1 
ATOM   247 N  N   . HIS A 1 32 ? -1.182  0.344   4.200   0.95 6.15  ? 32  HIS A N   1 
ATOM   248 C  CA  . HIS A 1 32 ? -1.454  1.459   5.102   1.00 6.01  ? 32  HIS A CA  1 
ATOM   249 C  C   . HIS A 1 32 ? -0.320  2.457   4.968   0.98 6.10  ? 32  HIS A C   1 
ATOM   250 O  O   . HIS A 1 32 ? 0.872   2.108   5.120   0.96 6.54  ? 32  HIS A O   1 
ATOM   251 C  CB  . HIS A 1 32 ? -1.525  0.984   6.573   0.93 7.03  ? 32  HIS A CB  1 
ATOM   252 C  CG  . HIS A 1 32 ? -2.407  -0.203  6.771   1.00 7.11  ? 32  HIS A CG  1 
ATOM   253 N  ND1 . HIS A 1 32 ? -1.902  -1.487  6.957   1.00 8.26  ? 32  HIS A ND1 1 
ATOM   254 C  CD2 . HIS A 1 32 ? -3.763  -0.307  6.797   0.94 9.36  ? 32  HIS A CD2 1 
ATOM   255 C  CE1 . HIS A 1 32 ? -2.916  -2.328  7.072   0.95 9.11  ? 32  HIS A CE1 1 
ATOM   256 N  NE2 . HIS A 1 32 ? -4.060  -1.641  6.984   0.88 8.95  ? 32  HIS A NE2 1 
ATOM   257 N  N   . GLY A 1 33 ? -0.661  3.721   4.717   0.96 6.25  ? 33  GLY A N   1 
ATOM   258 C  CA  . GLY A 1 33 ? 0.375   4.726   4.594   1.00 7.17  ? 33  GLY A CA  1 
ATOM   259 C  C   . GLY A 1 33 ? 1.303   4.812   5.792   1.00 6.98  ? 33  GLY A C   1 
ATOM   260 O  O   . GLY A 1 33 ? 2.517   4.982   5.629   0.94 7.87  ? 33  GLY A O   1 
ATOM   261 N  N   . VAL A 1 34 ? 0.759   4.685   6.995   1.00 7.51  ? 34  VAL A N   1 
ATOM   262 C  CA  . VAL A 1 34 ? 1.586   4.773   8.189   1.00 9.12  ? 34  VAL A CA  1 
ATOM   263 C  C   . VAL A 1 34 ? 2.630   3.634   8.232   0.93 7.23  ? 34  VAL A C   1 
ATOM   264 O  O   . VAL A 1 34 ? 3.780   3.829   8.628   0.91 8.04  ? 34  VAL A O   1 
ATOM   265 C  CB  . VAL A 1 34 ? 0.714   4.825   9.477   1.00 10.57 ? 34  VAL A CB  1 
ATOM   266 C  CG1 . VAL A 1 34 ? -0.118  3.542   9.690   1.00 11.76 ? 34  VAL A CG1 1 
ATOM   267 C  CG2 . VAL A 1 34 ? 1.577   5.138   10.688  0.87 13.17 ? 34  VAL A CG2 1 
ATOM   268 N  N   . CYS A 1 35 ? 2.266   2.444   7.783   0.94 6.54  ? 35  CYS A N   1 
ATOM   269 C  CA  . CYS A 1 35 ? 3.244   1.355   7.715   1.00 7.00  ? 35  CYS A CA  1 
ATOM   270 C  C   . CYS A 1 35 ? 4.346   1.659   6.729   0.93 6.52  ? 35  CYS A C   1 
ATOM   271 O  O   . CYS A 1 35 ? 5.484   1.217   6.915   0.92 7.06  ? 35  CYS A O   1 
ATOM   272 C  CB  . CYS A 1 35 ? 2.546   0.041   7.330   1.00 6.98  ? 35  CYS A CB  1 
ATOM   273 S  SG  . CYS A 1 35 ? 1.289   -0.468  8.557   0.91 7.51  ? 35  CYS A SG  1 
ATOM   274 N  N   . MET A 1 36 ? 4.012   2.413   5.674   0.97 6.39  ? 36  MET A N   1 
ATOM   275 C  CA  . MET A 1 36 ? 4.980   2.767   4.629   1.00 6.84  ? 36  MET A CA  1 
ATOM   276 C  C   . MET A 1 36 ? 5.771   4.024   4.997   0.93 6.92  ? 36  MET A C   1 
ATOM   277 O  O   . MET A 1 36 ? 6.547   4.503   4.182   0.94 8.00  ? 36  MET A O   1 
ATOM   278 C  CB  . MET A 1 36 ? 4.274   2.927   3.296   0.95 7.20  ? 36  MET A CB  1 
ATOM   279 C  CG  . MET A 1 36 ? 3.546   1.666   2.842   0.97 7.03  ? 36  MET A CG  1 
ATOM   280 S  SD  . MET A 1 36 ? 4.629   0.270   2.498   0.85 6.18  ? 36  MET A SD  1 
ATOM   281 C  CE  . MET A 1 36 ? 4.489   -0.712  4.016   1.00 8.71  ? 36  MET A CE  1 
ATOM   282 N  N   . GLY A 1 37 ? 5.591   4.517   6.214   0.97 7.17  ? 37  GLY A N   1 
ATOM   283 C  CA  . GLY A 1 37 ? 6.378   5.645   6.700   1.00 8.30  ? 37  GLY A CA  1 
ATOM   284 C  C   . GLY A 1 37 ? 5.939   6.967   6.102   0.88 6.68  ? 37  GLY A C   1 
ATOM   285 O  O   . GLY A 1 37 ? 6.724   7.908   6.016   0.77 7.16  ? 37  GLY A O   1 
ATOM   286 N  N   . LEU A 1 38 ? 4.674   7.048   5.670   0.92 7.28  ? 38  LEU A N   1 
ATOM   287 C  CA  . LEU A 1 38 ? 4.186   8.205   4.926   1.00 7.95  ? 38  LEU A CA  1 
ATOM   288 C  C   . LEU A 1 38 ? 3.038   8.864   5.677   0.96 8.93  ? 38  LEU A C   1 
ATOM   289 O  O   . LEU A 1 38 ? 2.443   8.281   6.596   0.89 10.74 ? 38  LEU A O   1 
ATOM   290 C  CB  . LEU A 1 38 ? 3.707   7.776   3.528   0.91 7.52  ? 38  LEU A CB  1 
ATOM   291 C  CG  . LEU A 1 38 ? 4.854   7.299   2.609   1.00 7.94  ? 38  LEU A CG  1 
ATOM   292 C  CD1 . LEU A 1 38 ? 4.302   6.668   1.348   0.89 8.75  ? 38  LEU A CD1 1 
ATOM   293 C  CD2 . LEU A 1 38 ? 5.795   8.418   2.227   1.00 10.73 ? 38  LEU A CD2 1 
ATOM   294 N  N   . LEU A 1 39 ? 2.739   10.086  5.248   0.97 10.26 ? 39  LEU A N   1 
ATOM   295 C  CA  . LEU A 1 39 ? 1.614   10.891  5.703   1.00 12.07 ? 39  LEU A CA  1 
ATOM   296 C  C   . LEU A 1 39 ? 0.823   11.275  4.467   1.00 10.72 ? 39  LEU A C   1 
ATOM   297 O  O   . LEU A 1 39 ? 1.362   11.296  3.356   0.94 10.25 ? 39  LEU A O   1 
ATOM   298 C  CB  . LEU A 1 39 ? 2.122   12.164  6.376   1.00 13.53 ? 39  LEU A CB  1 
ATOM   299 C  CG  . LEU A 1 39 ? 2.985   11.946  7.623   0.78 15.57 ? 39  LEU A CG  1 
ATOM   300 C  CD1 . LEU A 1 39 ? 3.667   13.237  8.053   0.68 16.64 ? 39  LEU A CD1 1 
ATOM   301 C  CD2 . LEU A 1 39 ? 2.132   11.392  8.761   0.74 15.65 ? 39  LEU A CD2 1 
ATOM   302 N  N   . GLU A 1 40 ? -0.433  11.658  4.654   0.97 11.68 ? 40  GLU A N   1 
ATOM   303 C  CA  . GLU A 1 40 ? -1.237  12.102  3.531   1.00 12.72 ? 40  GLU A CA  1 
ATOM   304 C  C   . GLU A 1 40 ? -0.515  13.185  2.725   0.98 12.15 ? 40  GLU A C   1 
ATOM   305 O  O   . GLU A 1 40 ? -0.585  13.213  1.502   0.80 12.60 ? 40  GLU A O   1 
ATOM   306 C  CB  . GLU A 1 40 ? -2.590  12.627  4.030   1.00 16.36 ? 40  GLU A CB  1 
ATOM   307 C  CG  . GLU A 1 40 ? -3.533  11.556  4.569   1.00 19.96 ? 40  GLU A CG  1 
ATOM   308 C  CD  . GLU A 1 40 ? -3.377  11.228  6.061   0.24 21.10 ? 40  GLU A CD  1 
ATOM   309 O  OE1 . GLU A 1 40 ? -4.390  10.753  6.631   0.54 22.10 ? 40  GLU A OE1 1 
ATOM   310 O  OE2 . GLU A 1 40 ? -2.276  11.402  6.658   0.57 21.77 ? 40  GLU A OE2 1 
ATOM   311 N  N   . GLU A 1 41 ? 0.209   14.069  3.409   1.00 11.81 ? 41  GLU A N   1 
ATOM   312 C  CA  . GLU A 1 41 ? 0.828   15.204  2.739   0.96 11.62 ? 41  GLU A CA  1 
ATOM   313 C  C   . GLU A 1 41 ? 2.126   14.854  1.991   0.88 8.61  ? 41  GLU A C   1 
ATOM   314 O  O   . GLU A 1 41 ? 2.611   15.673  1.221   0.80 10.39 ? 41  GLU A O   1 
ATOM   315 C  CB  . GLU A 1 41 ? 1.164   16.349  3.713   1.00 15.15 ? 41  GLU A CB  1 
ATOM   316 C  CG  . GLU A 1 41 ? 0.216   16.668  4.809   0.51 17.85 ? 41  GLU A CG  1 
ATOM   317 C  CD  . GLU A 1 41 ? 0.516   15.812  6.012   0.36 19.70 ? 41  GLU A CD  1 
ATOM   318 O  OE1 . GLU A 1 41 ? 1.441   16.050  6.834   0.44 20.45 ? 41  GLU A OE1 1 
ATOM   319 O  OE2 . GLU A 1 41 ? -0.183  14.837  6.119   1.00 19.40 ? 41  GLU A OE2 1 
ATOM   320 N  N   . ASN A 1 42 ? 2.752   13.697  2.245   1.00 9.59  ? 42  ASN A N   1 
ATOM   321 C  CA  . ASN A 1 42 ? 4.022   13.423  1.569   1.00 10.04 ? 42  ASN A CA  1 
ATOM   322 C  C   . ASN A 1 42 ? 4.008   12.161  0.718   1.00 10.19 ? 42  ASN A C   1 
ATOM   323 O  O   . ASN A 1 42 ? 5.036   11.804  0.175   0.79 10.08 ? 42  ASN A O   1 
ATOM   324 C  CB  . ASN A 1 42 ? 5.236   13.427  2.509   0.90 9.92  ? 42  ASN A CB  1 
ATOM   325 C  CG  . ASN A 1 42 ? 5.153   12.365  3.582   1.00 9.38  ? 42  ASN A CG  1 
ATOM   326 O  OD1 . ASN A 1 42 ? 4.454   11.364  3.422   0.78 7.98  ? 42  ASN A OD1 1 
ATOM   327 N  ND2 . ASN A 1 42 ? 5.908   12.556  4.649   0.80 11.21 ? 42  ASN A ND2 1 
ATOM   328 N  N   . VAL A 1 43 ? 2.873   11.474  0.610   0.96 9.28  ? 43  VAL A N   1 
ATOM   329 C  CA  . VAL A 1 43 ? 2.842   10.346  -0.329  1.00 9.86  ? 43  VAL A CA  1 
ATOM   330 C  C   . VAL A 1 43 ? 2.960   10.897  -1.770  1.00 8.74  ? 43  VAL A C   1 
ATOM   331 O  O   . VAL A 1 43 ? 2.224   11.794  -2.149  0.82 9.24  ? 43  VAL A O   1 
ATOM   332 C  CB  . VAL A 1 43 ? 1.561   9.462   -0.178  1.00 11.15 ? 43  VAL A CB  1 
ATOM   333 C  CG1 . VAL A 1 43 ? 0.259   10.224  -0.312  1.00 13.29 ? 43  VAL A CG1 1 
ATOM   334 C  CG2 . VAL A 1 43 ? 1.596   8.302   -1.177  0.96 10.97 ? 43  VAL A CG2 1 
ATOM   335 N  N   . PRO A 1 44 ? 3.904   10.387  -2.562  1.00 8.73  ? 44  PRO A N   1 
ATOM   336 C  CA  . PRO A 1 44 ? 4.082   10.928  -3.915  0.90 8.64  ? 44  PRO A CA  1 
ATOM   337 C  C   . PRO A 1 44 ? 3.082   10.313  -4.866  0.93 9.83  ? 44  PRO A C   1 
ATOM   338 O  O   . PRO A 1 44 ? 2.550   9.220   -4.613  0.85 10.41 ? 44  PRO A O   1 
ATOM   339 C  CB  . PRO A 1 44 ? 5.500   10.495  -4.282  1.00 10.74 ? 44  PRO A CB  1 
ATOM   340 C  CG  . PRO A 1 44 ? 5.693   9.255   -3.525  1.00 11.79 ? 44  PRO A CG  1 
ATOM   341 C  CD  . PRO A 1 44 ? 4.938   9.382   -2.230  0.96 10.95 ? 44  PRO A CD  1 
ATOM   342 N  N   . GLU A 1 45 ? 2.824   11.010  -5.972  1.00 11.25 ? 45  GLU A N   1 
ATOM   343 C  CA  . GLU A 1 45 ? 1.930   10.489  -7.002  1.00 14.21 ? 45  GLU A CA  1 
ATOM   344 C  C   . GLU A 1 45 ? 2.392   9.130   -7.535  0.95 15.58 ? 45  GLU A C   1 
ATOM   345 O  O   . GLU A 1 45 ? 1.578   8.227   -7.769  0.84 17.61 ? 45  GLU A O   1 
ATOM   346 C  CB  . GLU A 1 45 ? 1.774   11.502  -8.146  1.00 18.27 ? 45  GLU A CB  1 
ATOM   347 C  CG  . GLU A 1 45 ? 1.184   12.836  -7.731  1.00 23.17 ? 45  GLU A CG  1 
ATOM   348 C  CD  . GLU A 1 45 ? -0.307  12.836  -7.560  0.30 27.91 ? 45  GLU A CD  1 
ATOM   349 O  OE1 . GLU A 1 45 ? -1.018  12.471  -8.522  0.83 30.14 ? 45  GLU A OE1 1 
ATOM   350 O  OE2 . GLU A 1 45 ? -0.757  13.262  -6.476  0.72 31.00 ? 45  GLU A OE2 1 
ATOM   351 N  N   . LYS A 1 46 ? 3.698   8.968   -7.723  1.00 13.70 ? 46  LYS A N   1 
ATOM   352 C  CA  . LYS A 1 46 ? 4.255   7.681   -8.179  1.00 15.21 ? 46  LYS A CA  1 
ATOM   353 C  C   . LYS A 1 46 ? 4.762   6.776   -7.046  0.95 15.86 ? 46  LYS A C   1 
ATOM   354 O  O   . LYS A 1 46 ? 5.809   6.142   -7.144  0.69 20.35 ? 46  LYS A O   1 
ATOM   355 C  CB  . LYS A 1 46 ? 5.378   7.863   -9.209  1.00 16.89 ? 46  LYS A CB  1 
ATOM   356 C  CG  . LYS A 1 46 ? 4.916   8.483   -10.512 1.00 20.51 ? 46  LYS A CG  1 
ATOM   357 C  CD  . LYS A 1 46 ? 3.491   8.065   -10.845 0.45 22.70 ? 46  LYS A CD  1 
ATOM   358 C  CE  . LYS A 1 46 ? 2.860   8.900   -11.960 0.19 24.53 ? 46  LYS A CE  1 
ATOM   359 N  NZ  . LYS A 1 46 ? 1.370   8.695   -12.071 0.58 26.51 ? 46  LYS A NZ  1 
ATOM   360 N  N   . TYR A 1 47 ? 3.932   6.546   -6.067  1.00 12.75 ? 47  TYR A N   1 
ATOM   361 C  CA  . TYR A 1 47 ? 4.268   5.725   -4.924  1.00 10.67 ? 47  TYR A CA  1 
ATOM   362 C  C   . TYR A 1 47 ? 4.422   4.258   -5.284  0.88 8.59  ? 47  TYR A C   1 
ATOM   363 O  O   . TYR A 1 47 ? 3.597   3.671   -5.968  0.92 8.90  ? 47  TYR A O   1 
ATOM   364 C  CB  . TYR A 1 47 ? 3.165   5.910   -3.855  0.97 10.34 ? 47  TYR A CB  1 
ATOM   365 C  CG  . TYR A 1 47 ? 3.096   4.772   -2.892  1.00 9.09  ? 47  TYR A CG  1 
ATOM   366 C  CD1 . TYR A 1 47 ? 4.060   4.628   -1.888  0.84 8.06  ? 47  TYR A CD1 1 
ATOM   367 C  CD2 . TYR A 1 47 ? 2.082   3.830   -3.003  1.00 8.97  ? 47  TYR A CD2 1 
ATOM   368 C  CE1 . TYR A 1 47 ? 4.024   3.539   -1.033  0.91 7.40  ? 47  TYR A CE1 1 
ATOM   369 C  CE2 . TYR A 1 47 ? 2.046   2.728   -2.162  0.95 8.25  ? 47  TYR A CE2 1 
ATOM   370 C  CZ  . TYR A 1 47 ? 3.020   2.582   -1.188  0.91 6.72  ? 47  TYR A CZ  1 
ATOM   371 O  OH  . TYR A 1 47 ? 3.002   1.514   -0.328  0.91 7.30  ? 47  TYR A OH  1 
ATOM   372 N  N   A THR A 1 48 ? 5.508   3.671   -4.805  0.45 9.01  ? 48  THR A N   1 
ATOM   373 N  N   B THR A 1 48 ? 5.479   3.683   -4.728  0.55 8.82  ? 48  THR A N   1 
ATOM   374 C  CA  A THR A 1 48 ? 5.692   2.226   -4.888  0.45 9.83  ? 48  THR A CA  1 
ATOM   375 C  CA  B THR A 1 48 ? 5.820   2.272   -4.868  0.55 9.18  ? 48  THR A CA  1 
ATOM   376 C  C   A THR A 1 48 ? 6.019   1.655   -3.523  0.45 8.14  ? 48  THR A C   1 
ATOM   377 C  C   B THR A 1 48 ? 6.044   1.657   -3.493  0.55 8.05  ? 48  THR A C   1 
ATOM   378 O  O   A THR A 1 48 ? 6.740   2.265   -2.738  0.45 9.02  ? 48  THR A O   1 
ATOM   379 O  O   B THR A 1 48 ? 6.718   2.253   -2.660  0.55 9.67  ? 48  THR A O   1 
ATOM   380 C  CB  A THR A 1 48 ? 6.787   1.855   -5.886  0.45 13.87 ? 48  THR A CB  1 
ATOM   381 C  CB  B THR A 1 48 ? 7.100   2.170   -5.703  0.55 12.31 ? 48  THR A CB  1 
ATOM   382 O  OG1 A THR A 1 48 ? 8.031   2.390   -5.433  0.45 15.16 ? 48  THR A OG1 1 
ATOM   383 O  OG1 B THR A 1 48 ? 6.912   2.924   -6.910  0.55 14.14 ? 48  THR A OG1 1 
ATOM   384 C  CG2 A THR A 1 48 ? 6.454   2.437   -7.226  0.45 15.77 ? 48  THR A CG2 1 
ATOM   385 C  CG2 B THR A 1 48 ? 7.449   0.734   -6.000  0.55 12.14 ? 48  THR A CG2 1 
ATOM   386 N  N   . CYS A 1 49 ? 5.457   0.478   -3.271  0.95 7.35  ? 49  CYS A N   1 
ATOM   387 C  CA  . CYS A 1 49 ? 5.426   -0.126  -1.946  1.00 8.28  ? 49  CYS A CA  1 
ATOM   388 C  C   . CYS A 1 49 ? 6.738   -0.782  -1.518  1.00 7.66  ? 49  CYS A C   1 
ATOM   389 O  O   . CYS A 1 49 ? 7.721   -0.839  -2.274  0.98 9.07  ? 49  CYS A O   1 
ATOM   390 C  CB  . CYS A 1 49 ? 4.286   -1.161  -1.840  1.00 7.82  ? 49  CYS A CB  1 
ATOM   391 S  SG  . CYS A 1 49 ? 4.674   -2.765  -2.609  0.93 8.07  ? 49  CYS A SG  1 
ATOM   392 N  N   . TYR A 1 50 ? 6.755   -1.268  -0.283  1.00 7.95  ? 50  TYR A N   1 
ATOM   393 C  CA  . TYR A 1 50 ? 7.924   -1.866  0.347   0.98 7.54  ? 50  TYR A CA  1 
ATOM   394 C  C   . TYR A 1 50 ? 8.459   -3.048  -0.438  0.90 7.68  ? 50  TYR A C   1 
ATOM   395 O  O   . TYR A 1 50 ? 9.668   -3.317  -0.408  0.85 9.04  ? 50  TYR A O   1 
ATOM   396 C  CB  . TYR A 1 50 ? 7.583   -2.309  1.770   0.92 8.27  ? 50  TYR A CB  1 
ATOM   397 C  CG  . TYR A 1 50 ? 6.616   -3.493  1.880   0.94 7.29  ? 50  TYR A CG  1 
ATOM   398 C  CD1 . TYR A 1 50 ? 5.248   -3.328  1.647   0.98 7.91  ? 50  TYR A CD1 1 
ATOM   399 C  CD2 . TYR A 1 50 ? 7.050   -4.735  2.309   0.99 9.36  ? 50  TYR A CD2 1 
ATOM   400 C  CE1 . TYR A 1 50 ? 4.350   -4.374  1.791   1.00 9.68  ? 50  TYR A CE1 1 
ATOM   401 C  CE2 . TYR A 1 50 ? 6.164   -5.795  2.486   0.94 8.43  ? 50  TYR A CE2 1 
ATOM   402 C  CZ  . TYR A 1 50 ? 4.806   -5.612  2.204   0.95 9.39  ? 50  TYR A CZ  1 
ATOM   403 O  OH  . TYR A 1 50 ? 3.912   -6.651  2.363   0.88 10.13 ? 50  TYR A OH  1 
ATOM   404 N  N   . VAL A 1 51 ? 7.575   -3.791  -1.105  1.00 8.09  ? 51  VAL A N   1 
ATOM   405 C  CA  . VAL A 1 51 ? 8.009   -4.945  -1.869  0.97 9.08  ? 51  VAL A CA  1 
ATOM   406 C  C   . VAL A 1 51 ? 8.663   -4.538  -3.175  0.86 8.87  ? 51  VAL A C   1 
ATOM   407 O  O   . VAL A 1 51 ? 9.706   -5.112  -3.554  0.82 10.12 ? 51  VAL A O   1 
ATOM   408 C  CB  . VAL A 1 51 ? 6.813   -5.906  -2.180  1.00 9.59  ? 51  VAL A CB  1 
ATOM   409 C  CG1 . VAL A 1 51 ? 7.209   -7.022  -3.187  1.00 11.35 ? 51  VAL A CG1 1 
ATOM   410 C  CG2 . VAL A 1 51 ? 6.304   -6.512  -0.898  1.00 11.72 ? 51  VAL A CG2 1 
ATOM   411 N  N   . CYS A 1 52 ? 8.052   -3.568  -3.849  1.00 9.58  ? 52  CYS A N   1 
ATOM   412 C  CA  . CYS A 1 52 ? 8.358   -3.208  -5.218  0.82 9.01  ? 52  CYS A CA  1 
ATOM   413 C  C   . CYS A 1 52 ? 9.466   -2.180  -5.351  0.89 9.90  ? 52  CYS A C   1 
ATOM   414 O  O   . CYS A 1 52 ? 10.065  -2.080  -6.407  0.71 10.54 ? 52  CYS A O   1 
ATOM   415 C  CB  . CYS A 1 52 ? 7.092   -2.661  -5.920  0.91 9.26  ? 52  CYS A CB  1 
ATOM   416 S  SG  . CYS A 1 52 ? 5.743   -3.869  -6.047  0.83 9.07  ? 52  CYS A SG  1 
ATOM   417 N  N   . GLN A 1 53 ? 9.717   -1.399  -4.306  1.00 12.04 ? 53  GLN A N   1 
ATOM   418 C  CA  . GLN A 1 53 ? 10.647  -0.315  -4.435  1.00 13.52 ? 53  GLN A CA  1 
ATOM   419 C  C   . GLN A 1 53 ? 12.090  -0.840  -4.570  1.00 17.51 ? 53  GLN A C   1 
ATOM   420 O  O   . GLN A 1 53 ? 12.933  -0.045  -5.039  1.00 23.66 ? 53  GLN A O   1 
ATOM   421 C  CB  . GLN A 1 53 ? 10.457  0.707   -3.293  1.00 12.97 ? 53  GLN A CB  1 
ATOM   422 C  CG  . GLN A 1 53 ? 10.891  0.160   -1.957  1.00 12.63 ? 53  GLN A CG  1 
ATOM   423 C  CD  . GLN A 1 53 ? 10.762  1.151   -0.801  1.00 14.44 ? 53  GLN A CD  1 
ATOM   424 O  OE1 . GLN A 1 53 ? 10.291  0.792   0.241   1.00 16.23 ? 53  GLN A OE1 1 
ATOM   425 N  NE2 . GLN A 1 53 ? 11.241  2.375   -0.967  1.00 16.64 ? 53  GLN A NE2 1 
HETATM 426 ZN ZN  . ZN  B 2 .  ? 4.039   -2.836  -4.848  0.86 7.74  ? 101 ZN  A ZN  1 
HETATM 427 ZN ZN  . ZN  C 2 .  ? 0.079   -2.005  7.328   0.90 6.94  ? 102 ZN  A ZN  1 
HETATM 428 C  C1  A GOL D 3 .  ? -1.226  -8.952  -3.872  0.36 40.90 ? 103 GOL A C1  1 
HETATM 429 C  C1  B GOL D 3 .  ? -1.230  -8.452  -3.977  0.64 36.25 ? 103 GOL A C1  1 
HETATM 430 O  O1  A GOL D 3 .  ? -2.130  -8.203  -4.655  0.36 39.88 ? 103 GOL A O1  1 
HETATM 431 O  O1  B GOL D 3 .  ? -1.508  -9.404  -2.981  0.64 35.55 ? 103 GOL A O1  1 
HETATM 432 C  C2  A GOL D 3 .  ? 0.208   -8.547  -4.198  0.36 42.08 ? 103 GOL A C2  1 
HETATM 433 C  C2  B GOL D 3 .  ? 0.264   -8.462  -4.303  0.64 38.29 ? 103 GOL A C2  1 
HETATM 434 O  O2  A GOL D 3 .  ? 1.103   -9.563  -3.800  0.36 42.87 ? 103 GOL A O2  1 
HETATM 435 O  O2  B GOL D 3 .  ? 0.802   -9.750  -4.096  0.64 39.80 ? 103 GOL A O2  1 
HETATM 436 C  C3  A GOL D 3 .  ? 0.346   -8.285  -5.692  0.36 42.24 ? 103 GOL A C3  1 
HETATM 437 C  C3  B GOL D 3 .  ? 0.499   -8.031  -5.745  0.64 38.34 ? 103 GOL A C3  1 
HETATM 438 O  O3  A GOL D 3 .  ? 1.689   -8.468  -6.086  0.36 42.55 ? 103 GOL A O3  1 
HETATM 439 O  O3  B GOL D 3 .  ? 1.737   -8.545  -6.201  0.64 38.74 ? 103 GOL A O3  1 
HETATM 440 H  H11 A GOL D 3 .  ? -1.425  -8.777  -2.815  0.36 49.07 ? 103 GOL A H11 1 
HETATM 441 H  H11 B GOL D 3 .  ? -1.803  -8.683  -4.875  0.64 43.50 ? 103 GOL A H11 1 
HETATM 442 H  H12 A GOL D 3 .  ? -1.362  -10.015 -4.071  0.36 49.07 ? 103 GOL A H12 1 
HETATM 443 H  H12 B GOL D 3 .  ? -1.524  -7.461  -3.631  0.64 43.50 ? 103 GOL A H12 1 
HETATM 444 H  HO1 A GOL D 3 .  ? -3.043  -8.515  -4.488  0.36 47.85 ? 103 GOL A HO1 1 
HETATM 445 H  HO1 B GOL D 3 .  ? -2.454  -9.346  -2.730  0.64 42.67 ? 103 GOL A HO1 1 
HETATM 446 H  H2  A GOL D 3 .  ? 0.437   -7.626  -3.662  0.36 50.49 ? 103 GOL A H2  1 
HETATM 447 H  H2  B GOL D 3 .  ? 0.762   -7.749  -3.647  0.64 45.95 ? 103 GOL A H2  1 
HETATM 448 H  HO2 A GOL D 3 .  ? 0.911   -10.384 -4.300  0.36 51.44 ? 103 GOL A HO2 1 
HETATM 449 H  HO2 B GOL D 3 .  ? 0.375   -10.384 -4.708  0.64 47.75 ? 103 GOL A HO2 1 
HETATM 450 H  H31 A GOL D 3 .  ? -0.297  -8.967  -6.248  0.36 50.69 ? 103 GOL A H31 1 
HETATM 451 H  H31 B GOL D 3 .  ? -0.308  -8.402  -6.376  0.64 46.00 ? 103 GOL A H31 1 
HETATM 452 H  H32 A GOL D 3 .  ? 0.033   -7.265  -5.917  0.36 50.69 ? 103 GOL A H32 1 
HETATM 453 H  H32 B GOL D 3 .  ? 0.507   -6.943  -5.808  0.64 46.00 ? 103 GOL A H32 1 
HETATM 454 H  HO3 A GOL D 3 .  ? 2.280   -8.003  -5.458  0.36 51.06 ? 103 GOL A HO3 1 
HETATM 455 H  HO3 B GOL D 3 .  ? 2.417   -8.424  -5.505  0.64 46.49 ? 103 GOL A HO3 1 
HETATM 456 O  O   . HOH E 4 .  ? 5.859   -10.759 8.094   0.86 13.86 ? 201 HOH A O   1 
HETATM 457 O  O   . HOH E 4 .  ? -8.001  -12.778 3.613   0.97 37.19 ? 202 HOH A O   1 
HETATM 458 O  O   . HOH E 4 .  ? -5.445  -8.777  2.887   0.68 22.77 ? 203 HOH A O   1 
HETATM 459 O  O   . HOH E 4 .  ? -2.226  -12.453 -8.964  1.00 29.61 ? 204 HOH A O   1 
HETATM 460 O  O   . HOH E 4 .  ? -13.653 1.385   6.221   1.00 32.65 ? 205 HOH A O   1 
HETATM 461 O  O   . HOH E 4 .  ? -6.053  -9.143  9.244   1.00 20.97 ? 206 HOH A O   1 
HETATM 462 O  O   . HOH E 4 .  ? -0.444  0.836   -11.993 0.63 23.74 ? 207 HOH A O   1 
HETATM 463 O  O   . HOH E 4 .  ? 7.461   2.192   -0.066  0.82 10.22 ? 208 HOH A O   1 
HETATM 464 O  O   . HOH E 4 .  ? -2.620  -6.423  -7.354  1.00 17.34 ? 209 HOH A O   1 
HETATM 465 O  O   . HOH E 4 .  ? 4.682   -8.914  3.647   0.85 15.87 ? 210 HOH A O   1 
HETATM 466 O  O   . HOH E 4 .  ? -5.663  -3.890  -5.557  0.92 8.85  ? 211 HOH A O   1 
HETATM 467 O  O   . HOH E 4 .  ? -7.274  2.481   -8.510  0.89 19.26 ? 212 HOH A O   1 
HETATM 468 O  O   . HOH E 4 .  ? -7.611  -6.436  12.393  1.00 37.69 ? 213 HOH A O   1 
HETATM 469 O  O   . HOH E 4 .  ? 4.983   5.919   9.913   1.00 13.76 ? 214 HOH A O   1 
HETATM 470 O  O   . HOH E 4 .  ? -4.942  -6.510  -5.820  1.00 12.04 ? 215 HOH A O   1 
HETATM 471 O  O   . HOH E 4 .  ? 9.684   -3.752  -8.572  1.00 33.21 ? 216 HOH A O   1 
HETATM 472 O  O   . HOH E 4 .  ? 1.100   -8.744  3.473   1.00 21.04 ? 217 HOH A O   1 
HETATM 473 O  O   . HOH E 4 .  ? 3.812   -14.242 8.106   0.74 20.86 ? 218 HOH A O   1 
HETATM 474 O  O   . HOH E 4 .  ? 0.194   8.317   8.213   0.67 17.21 ? 219 HOH A O   1 
HETATM 475 O  O   . HOH E 4 .  ? 0.752   13.810  -0.851  1.00 16.96 ? 220 HOH A O   1 
HETATM 476 O  O   . HOH E 4 .  ? 5.629   -8.599  6.248   0.99 15.52 ? 221 HOH A O   1 
HETATM 477 O  O   . HOH E 4 .  ? -5.684  5.250   11.934  0.82 19.53 ? 222 HOH A O   1 
HETATM 478 O  O   . HOH E 4 .  ? -1.622  -11.964 -1.891  1.00 29.17 ? 223 HOH A O   1 
HETATM 479 O  O   . HOH E 4 .  ? 7.665   11.558  -0.718  0.95 12.97 ? 224 HOH A O   1 
HETATM 480 O  O   . HOH E 4 .  ? 8.938   7.959   7.720   1.00 17.17 ? 225 HOH A O   1 
HETATM 481 O  O   . HOH E 4 .  ? 0.655   -4.691  -11.996 0.87 43.67 ? 226 HOH A O   1 
HETATM 482 O  O   . HOH E 4 .  ? -5.368  4.643   -6.148  0.75 14.78 ? 227 HOH A O   1 
HETATM 483 O  O   . HOH E 4 .  ? 6.453   10.600  6.767   1.00 13.90 ? 228 HOH A O   1 
HETATM 484 O  O   . HOH E 4 .  ? -3.940  -4.794  -13.849 1.00 19.09 ? 229 HOH A O   1 
HETATM 485 O  O   . HOH E 4 .  ? -10.103 -4.878  4.432   0.80 12.25 ? 230 HOH A O   1 
HETATM 486 O  O   . HOH E 4 .  ? 1.084   -6.385  12.580  0.64 14.52 ? 231 HOH A O   1 
HETATM 487 O  O   . HOH E 4 .  ? 7.317   4.510   1.453   0.80 8.73  ? 232 HOH A O   1 
HETATM 488 O  O   . HOH E 4 .  ? -12.454 -4.612  7.276   0.89 12.31 ? 233 HOH A O   1 
HETATM 489 O  O   . HOH E 4 .  ? -2.172  4.665   7.326   1.00 9.31  ? 234 HOH A O   1 
HETATM 490 O  O   . HOH E 4 .  ? 11.918  -4.598  -5.259  1.00 29.30 ? 235 HOH A O   1 
HETATM 491 O  O   . HOH E 4 .  ? -3.196  6.579   9.101   0.82 14.31 ? 236 HOH A O   1 
HETATM 492 O  O   . HOH E 4 .  ? -7.630  5.801   2.677   0.95 13.00 ? 237 HOH A O   1 
HETATM 493 O  O   . HOH E 4 .  ? -1.841  1.205   -9.016  0.93 23.98 ? 238 HOH A O   1 
HETATM 494 O  O   . HOH E 4 .  ? -1.832  -6.709  4.738   1.00 10.33 ? 239 HOH A O   1 
HETATM 495 O  O   . HOH E 4 .  ? -3.128  5.619   -3.654  1.00 19.30 ? 240 HOH A O   1 
HETATM 496 O  O   . HOH E 4 .  ? 10.852  -7.111  -1.794  0.80 10.85 ? 241 HOH A O   1 
HETATM 497 O  O   . HOH E 4 .  ? -2.744  11.853  0.099   0.81 23.55 ? 242 HOH A O   1 
HETATM 498 O  O   . HOH E 4 .  ? -10.028 8.853   5.732   0.90 30.50 ? 243 HOH A O   1 
HETATM 499 O  O   . HOH E 4 .  ? -0.091  11.998  -3.931  0.81 25.29 ? 244 HOH A O   1 
HETATM 500 O  O   . HOH E 4 .  ? -0.667  -9.377  11.203  0.74 27.54 ? 245 HOH A O   1 
HETATM 501 O  O   . HOH E 4 .  ? 0.648   -7.135  -9.580  1.00 40.07 ? 246 HOH A O   1 
HETATM 502 O  O   . HOH E 4 .  ? 3.775   8.291   9.199   0.87 14.62 ? 247 HOH A O   1 
HETATM 503 O  O   . HOH E 4 .  ? 1.011   5.210   -6.607  0.60 16.09 ? 248 HOH A O   1 
HETATM 504 O  O   . HOH E 4 .  ? -7.584  -7.571  0.914   1.00 12.36 ? 249 HOH A O   1 
HETATM 505 O  O   . HOH E 4 .  ? 7.459   5.442   -3.360  1.00 22.69 ? 250 HOH A O   1 
HETATM 506 O  O   . HOH E 4 .  ? -2.080  -9.647  2.478   0.95 31.61 ? 251 HOH A O   1 
HETATM 507 O  O   . HOH E 4 .  ? 4.363   -7.625  10.492  0.56 13.87 ? 252 HOH A O   1 
HETATM 508 O  O   . HOH E 4 .  ? -3.647  3.520   11.836  0.89 19.11 ? 253 HOH A O   1 
HETATM 509 O  O   . HOH E 4 .  ? -0.123  7.903   -4.828  1.00 36.63 ? 254 HOH A O   1 
HETATM 510 O  O   . HOH E 4 .  ? 4.062   14.195  -1.815  0.63 23.77 ? 255 HOH A O   1 
HETATM 511 O  O   . HOH E 4 .  ? 2.552   15.976  -1.823  0.75 20.66 ? 256 HOH A O   1 
HETATM 512 O  O   . HOH E 4 .  ? -9.330  -12.963 -8.849  1.00 24.81 ? 257 HOH A O   1 
HETATM 513 O  O   . HOH E 4 .  ? -10.344 -10.990 -7.521  1.00 18.94 ? 258 HOH A O   1 
HETATM 514 O  O   . HOH E 4 .  ? -0.008  16.361  -5.536  0.69 27.69 ? 259 HOH A O   1 
HETATM 515 O  O   . HOH E 4 .  ? -3.760  0.620   -10.827 0.92 24.87 ? 260 HOH A O   1 
HETATM 516 O  O   . HOH E 4 .  ? -7.047  6.672   -1.948  0.60 17.78 ? 261 HOH A O   1 
HETATM 517 O  O   . HOH E 4 .  ? -8.134  4.803   -6.483  0.75 24.14 ? 262 HOH A O   1 
HETATM 518 O  O   . HOH E 4 .  ? -6.340  3.877   -10.642 0.82 25.99 ? 263 HOH A O   1 
HETATM 519 O  O   . HOH E 4 .  ? -1.667  -17.929 -6.604  1.00 34.63 ? 264 HOH A O   1 
HETATM 520 O  O   . HOH E 4 .  ? -4.245  15.920  -6.165  1.00 28.59 ? 265 HOH A O   1 
HETATM 521 O  O   . HOH E 4 .  ? -5.662  -0.887  -14.980 0.80 26.35 ? 266 HOH A O   1 
HETATM 522 O  O   . HOH E 4 .  ? -1.506  -13.462 -11.512 0.69 23.84 ? 267 HOH A O   1 
HETATM 523 O  O   . HOH E 4 .  ? -2.056  6.365   11.622  1.00 22.40 ? 268 HOH A O   1 
HETATM 524 O  O   . HOH E 4 .  ? -5.439  6.296   -3.952  0.91 31.15 ? 269 HOH A O   1 
HETATM 525 O  O   . HOH E 4 .  ? -3.193  9.432   -1.499  1.00 35.33 ? 270 HOH A O   1 
HETATM 526 O  O   . HOH E 4 .  ? -5.869  8.521   -5.303  0.81 31.83 ? 271 HOH A O   1 
# 
loop_
_atom_site_anisotrop.id 
_atom_site_anisotrop.type_symbol 
_atom_site_anisotrop.pdbx_label_atom_id 
_atom_site_anisotrop.pdbx_label_alt_id 
_atom_site_anisotrop.pdbx_label_comp_id 
_atom_site_anisotrop.pdbx_label_asym_id 
_atom_site_anisotrop.pdbx_label_seq_id 
_atom_site_anisotrop.pdbx_PDB_ins_code 
_atom_site_anisotrop.U[1][1] 
_atom_site_anisotrop.U[2][2] 
_atom_site_anisotrop.U[3][3] 
_atom_site_anisotrop.U[1][2] 
_atom_site_anisotrop.U[1][3] 
_atom_site_anisotrop.U[2][3] 
_atom_site_anisotrop.pdbx_auth_seq_id 
_atom_site_anisotrop.pdbx_auth_comp_id 
_atom_site_anisotrop.pdbx_auth_asym_id 
_atom_site_anisotrop.pdbx_auth_atom_id 
1   N  N   . GLY A 1  ? 0.1334 0.1235 0.1288 0.0014  0.0298  -0.0263 1   GLY A N   
2   C  CA  . GLY A 1  ? 0.1438 0.1204 0.1186 0.0146  0.0244  -0.0337 1   GLY A CA  
3   C  C   . GLY A 1  ? 0.1652 0.1384 0.1579 -0.0161 0.0139  -0.0259 1   GLY A C   
4   O  O   . GLY A 1  ? 0.2099 0.1581 0.1757 -0.0604 0.0032  -0.0386 1   GLY A O   
5   N  N   . PRO A 2  ? 0.2060 0.1329 0.1326 0.0115  0.0198  -0.0510 2   PRO A N   
6   C  CA  . PRO A 2  ? 0.2763 0.1769 0.1547 -0.0158 0.0346  -0.0361 2   PRO A CA  
7   C  C   . PRO A 2  ? 0.3335 0.1352 0.1747 -0.0310 0.0283  -0.0595 2   PRO A C   
8   O  O   . PRO A 2  ? 0.2950 0.1189 0.1875 0.0061  0.0472  -0.0240 2   PRO A O   
9   C  CB  . PRO A 2  ? 0.3041 0.2186 0.1395 -0.0081 0.0477  -0.0202 2   PRO A CB  
10  C  CG  . PRO A 2  ? 0.2782 0.1883 0.1700 -0.0102 0.0574  -0.0091 2   PRO A CG  
11  C  CD  . PRO A 2  ? 0.2404 0.1724 0.1346 -0.0042 0.0457  0.0057  2   PRO A CD  
12  N  N   . LEU A 3  ? 0.4457 0.1576 0.1631 -0.0727 0.0024  -0.0311 3   LEU A N   
13  C  CA  . LEU A 3  ? 0.5174 0.1886 0.1528 -0.0531 -0.0104 0.0013  3   LEU A CA  
14  C  C   . LEU A 3  ? 0.5226 0.1782 0.1561 -0.0836 -0.0172 -0.0183 3   LEU A C   
15  O  O   . LEU A 3  ? 0.5875 0.1789 0.1625 -0.0899 -0.0504 0.0054  3   LEU A O   
16  C  CB  . LEU A 3  ? 0.5549 0.2125 0.1906 -0.0162 -0.0025 0.0030  3   LEU A CB  
17  C  CG  . LEU A 3  ? 0.5910 0.2450 0.2163 0.0028  0.0013  0.0059  3   LEU A CG  
18  C  CD1 . LEU A 3  ? 0.5825 0.2808 0.2625 0.0039  0.0127  0.0292  3   LEU A CD1 
19  C  CD2 . LEU A 3  ? 0.6326 0.2303 0.2268 -0.0024 -0.0089 -0.0468 3   LEU A CD2 
20  N  N   . GLY A 4  ? 0.4813 0.1962 0.1384 -0.1331 -0.0024 -0.0066 4   GLY A N   
21  C  CA  . GLY A 4  ? 0.4383 0.2079 0.1525 -0.1324 0.0316  -0.0104 4   GLY A CA  
22  C  C   . GLY A 4  ? 0.3995 0.1933 0.1346 -0.1246 0.0406  -0.0342 4   GLY A C   
23  O  O   . GLY A 4  ? 0.4266 0.2006 0.1400 -0.1347 0.0468  -0.0322 4   GLY A O   
24  N  N   . SER A 5  ? 0.3484 0.1596 0.1166 -0.0912 0.0354  -0.0289 5   SER A N   
25  C  CA  . SER A 5  ? 0.2541 0.1456 0.1576 0.0058  0.0318  -0.0196 5   SER A CA  
26  C  C   . SER A 5  ? 0.1917 0.1119 0.1373 0.0240  0.0104  -0.0584 5   SER A C   
27  O  O   . SER A 5  ? 0.1239 0.1202 0.1712 -0.0010 0.0116  -0.0225 5   SER A O   
28  C  CB  . SER A 5  ? 0.2057 0.1393 0.2109 0.0450  0.0377  -0.0012 5   SER A CB  
29  O  OG  . SER A 5  ? 0.1824 0.1270 0.1823 0.0392  0.0245  -0.0097 5   SER A OG  
30  N  N   . GLU A 6  ? 0.1827 0.1094 0.1431 0.0322  -0.0104 -0.0454 6   GLU A N   
31  C  CA  . GLU A 6  ? 0.1820 0.0894 0.1269 0.0429  -0.0148 -0.0124 6   GLU A CA  
32  C  C   . GLU A 6  ? 0.1282 0.0724 0.1268 0.0119  -0.0122 -0.0081 6   GLU A C   
33  O  O   . GLU A 6  ? 0.0869 0.1075 0.1582 0.0085  0.0037  -0.0193 6   GLU A O   
34  C  CB  . GLU A 6  ? 0.2600 0.1455 0.1489 0.0138  -0.0465 0.0094  6   GLU A CB  
35  C  CG  . GLU A 6  ? 0.3017 0.1776 0.1659 -0.0040 -0.0500 0.0144  6   GLU A CG  
36  C  CD  . GLU A 6  ? 0.2914 0.1898 0.2346 -0.0240 -0.0394 0.0216  6   GLU A CD  
37  O  OE1 . GLU A 6  ? 0.2651 0.2213 0.2206 -0.0360 -0.0451 0.0400  6   GLU A OE1 
38  O  OE2 . GLU A 6  ? 0.3185 0.2091 0.2800 -0.0416 -0.0382 0.0480  6   GLU A OE2 
39  N  N   . VAL A 7  ? 0.1037 0.0756 0.1166 0.0048  -0.0080 -0.0206 7   VAL A N   
40  C  CA  . VAL A 7  ? 0.0928 0.0786 0.0998 -0.0112 -0.0126 0.0038  7   VAL A CA  
41  C  C   . VAL A 7  ? 0.0957 0.0722 0.0873 -0.0016 -0.0028 -0.0024 7   VAL A C   
42  O  O   . VAL A 7  ? 0.0941 0.0927 0.0891 -0.0171 0.0000  0.0067  7   VAL A O   
43  C  CB  . VAL A 7  ? 0.0825 0.0998 0.1221 0.0031  -0.0030 0.0088  7   VAL A CB  
44  C  CG1 . VAL A 7  ? 0.0992 0.0704 0.1513 0.0130  -0.0128 0.0140  7   VAL A CG1 
45  C  CG2 . VAL A 7  ? 0.1162 0.1152 0.1310 -0.0242 -0.0439 -0.0068 7   VAL A CG2 
46  N  N   . VAL A 8  ? 0.0875 0.0949 0.0860 -0.0031 -0.0054 -0.0095 8   VAL A N   
47  C  CA  . VAL A 8  ? 0.0761 0.0982 0.0937 0.0126  0.0098  -0.0092 8   VAL A CA  
48  C  C   . VAL A 8  ? 0.0782 0.0735 0.0887 0.0140  -0.0044 -0.0127 8   VAL A C   
49  O  O   . VAL A 8  ? 0.0732 0.0746 0.1447 -0.0046 -0.0061 0.0238  8   VAL A O   
50  C  CB  . VAL A 8  ? 0.1074 0.1121 0.1091 0.0208  -0.0091 -0.0063 8   VAL A CB  
51  C  CG1 . VAL A 8  ? 0.1368 0.1217 0.1269 0.0062  -0.0345 -0.0068 8   VAL A CG1 
52  C  CG2 . VAL A 8  ? 0.1104 0.1374 0.1378 0.0373  -0.0093 0.0018  8   VAL A CG2 
53  N  N   . ARG A 9  ? 0.0780 0.0996 0.1113 0.0029  -0.0110 -0.0073 9   ARG A N   
54  C  CA  . ARG A 9  ? 0.0767 0.0813 0.1032 -0.0027 -0.0016 -0.0170 9   ARG A CA  
55  C  C   . ARG A 9  ? 0.0560 0.0661 0.0976 0.0030  -0.0034 0.0074  9   ARG A C   
56  O  O   . ARG A 9  ? 0.0686 0.0826 0.0999 -0.0073 -0.0026 0.0056  9   ARG A O   
57  C  CB  . ARG A 9  ? 0.1083 0.0932 0.1359 0.0042  0.0075  -0.0284 9   ARG A CB  
58  C  CG  . ARG A 9  ? 0.1132 0.0979 0.1643 0.0126  0.0235  -0.0093 9   ARG A CG  
59  C  CD  . ARG A 9  ? 0.1096 0.1137 0.1631 0.0214  0.0356  0.0148  9   ARG A CD  
60  N  NE  . ARG A 9  ? 0.1045 0.1040 0.1570 0.0277  0.0273  0.0121  9   ARG A NE  
61  C  CZ  . ARG A 9  ? 0.0893 0.1026 0.1370 0.0180  0.0124  -0.0003 9   ARG A CZ  
62  N  NH1 . ARG A 9  ? 0.0956 0.1112 0.1482 0.0127  -0.0017 0.0026  9   ARG A NH1 
63  N  NH2 . ARG A 9  ? 0.0980 0.1421 0.1652 0.0313  0.0398  0.0366  9   ARG A NH2 
64  N  N   . CYS A 10 ? 0.0692 0.0755 0.1059 -0.0052 -0.0111 -0.0021 10  CYS A N   
65  C  CA  . CYS A 10 ? 0.0771 0.0849 0.1276 0.0074  -0.0091 0.0040  10  CYS A CA  
66  C  C   . CYS A 10 ? 0.0670 0.1154 0.1356 0.0004  -0.0013 0.0269  10  CYS A C   
67  O  O   . CYS A 10 ? 0.0937 0.1048 0.1420 0.0052  0.0001  0.0262  10  CYS A O   
68  C  CB  . CYS A 10 ? 0.0830 0.1007 0.1087 0.0091  0.0018  0.0083  10  CYS A CB  
69  S  SG  . CYS A 10 ? 0.0776 0.0938 0.1133 -0.0048 -0.0003 0.0088  10  CYS A SG  
70  N  N   . ILE A 11 ? 0.0665 0.1313 0.1168 0.0066  -0.0096 0.0284  11  ILE A N   
71  C  CA  . ILE A 11 ? 0.0728 0.1156 0.1223 0.0010  -0.0099 0.0413  11  ILE A CA  
72  C  C   . ILE A 11 ? 0.0800 0.0912 0.1541 0.0194  -0.0003 0.0305  11  ILE A C   
73  O  O   . ILE A 11 ? 0.0960 0.1030 0.1570 0.0324  0.0125  0.0338  11  ILE A O   
74  C  CB  . ILE A 11 ? 0.0920 0.1220 0.1260 -0.0042 -0.0125 0.0220  11  ILE A CB  
75  C  CG1 . ILE A 11 ? 0.0667 0.1474 0.1477 0.0047  -0.0006 0.0401  11  ILE A CG1 
76  C  CG2 . ILE A 11 ? 0.0829 0.1158 0.1307 -0.0072 0.0127  0.0093  11  ILE A CG2 
77  C  CD1 . ILE A 11 ? 0.0816 0.1879 0.1448 -0.0042 -0.0026 0.0332  11  ILE A CD1 
78  N  N   . CYS A 12 ? 0.0885 0.0866 0.1061 0.0056  -0.0027 0.0205  12  CYS A N   
79  C  CA  . CYS A 12 ? 0.1067 0.1206 0.1270 0.0063  -0.0026 0.0228  12  CYS A CA  
80  C  C   . CYS A 12 ? 0.1106 0.1012 0.1763 0.0108  0.0116  0.0314  12  CYS A C   
81  O  O   . CYS A 12 ? 0.1082 0.1270 0.1706 0.0070  0.0074  0.0715  12  CYS A O   
82  C  CB  . CYS A 12 ? 0.1149 0.1273 0.1505 0.0146  -0.0036 0.0309  12  CYS A CB  
83  S  SG  . CYS A 12 ? 0.0896 0.0944 0.1445 0.0072  0.0038  0.0228  12  CYS A SG  
84  N  N   . GLU A 13 ? 0.1042 0.0917 0.2263 -0.0054 0.0180  0.0114  13  GLU A N   
85  C  CA  . GLU A 13 ? 0.1051 0.0836 0.2759 0.0149  0.0389  0.0147  13  GLU A CA  
86  C  C   . GLU A 13 ? 0.1047 0.0925 0.2303 0.0074  0.0476  0.0125  13  GLU A C   
87  O  O   . GLU A 13 ? 0.1233 0.1089 0.3332 -0.0092 0.0738  0.0178  13  GLU A O   
88  C  CB  . GLU A 13 ? 0.1092 0.1138 0.3529 0.0121  0.0371  0.0115  13  GLU A CB  
89  C  CG  . GLU A 13 ? 0.1212 0.1263 0.4122 0.0155  0.0389  -0.0045 13  GLU A CG  
90  C  CD  . GLU A 13 ? 0.1836 0.1543 0.4739 -0.0046 -0.0064 -0.0237 13  GLU A CD  
91  O  OE1 . GLU A 13 ? 0.2105 0.1401 0.4866 -0.0171 -0.0182 -0.0278 13  GLU A OE1 
92  O  OE2 . GLU A 13 ? 0.2100 0.1458 0.4722 0.0021  -0.0438 -0.0598 13  GLU A OE2 
93  N  N   . VAL A 14 ? 0.0899 0.1038 0.1403 0.0119  0.0247  0.0151  14  VAL A N   
94  C  CA  . VAL A 14 ? 0.0911 0.1369 0.1316 0.0145  0.0147  0.0250  14  VAL A CA  
95  C  C   . VAL A 14 ? 0.0795 0.1165 0.1224 0.0074  0.0197  0.0306  14  VAL A C   
96  O  O   . VAL A 14 ? 0.1053 0.1176 0.1306 -0.0069 0.0206  0.0348  14  VAL A O   
97  C  CB  . VAL A 14 ? 0.1085 0.1432 0.1384 0.0099  -0.0050 -0.0055 14  VAL A CB  
98  C  CG1 . VAL A 14 ? 0.1008 0.1733 0.1724 0.0075  0.0155  0.0107  14  VAL A CG1 
99  C  CG2 . VAL A 14 ? 0.1204 0.1893 0.1355 0.0191  0.0006  -0.0026 14  VAL A CG2 
100 N  N   . GLN A 15 ? 0.0869 0.1124 0.1273 -0.0002 -0.0042 0.0139  15  GLN A N   
101 C  CA  . GLN A 15 ? 0.1054 0.1290 0.1363 0.0173  -0.0054 0.0189  15  GLN A CA  
102 C  C   . GLN A 15 ? 0.0969 0.1300 0.1077 0.0218  0.0183  0.0202  15  GLN A C   
103 O  O   . GLN A 15 ? 0.1199 0.1403 0.1002 0.0247  0.0133  0.0261  15  GLN A O   
104 C  CB  . GLN A 15 ? 0.1317 0.1496 0.1532 -0.0256 -0.0558 0.0074  15  GLN A CB  
105 C  CG  . GLN A 15 ? 0.1711 0.1456 0.1808 -0.0507 -0.0910 0.0087  15  GLN A CG  
106 C  CD  . GLN A 15 ? 0.2193 0.1360 0.1873 -0.0301 -0.1054 0.0507  15  GLN A CD  
107 O  OE1 . GLN A 15 ? 0.2642 0.1286 0.2219 -0.0149 -0.1112 0.0428  15  GLN A OE1 
108 N  NE2 . GLN A 15 ? 0.1992 0.1638 0.1977 -0.0266 -0.0788 0.0735  15  GLN A NE2 
109 N  N   . GLU A 16 ? 0.1081 0.1189 0.1191 0.0062  0.0118  0.0154  16  GLU A N   
110 C  CA  . GLU A 16 ? 0.1255 0.0979 0.1613 0.0202  0.0327  0.0279  16  GLU A CA  
111 C  C   . GLU A 16 ? 0.0934 0.1215 0.1983 -0.0062 0.0189  0.0498  16  GLU A C   
112 O  O   . GLU A 16 ? 0.0994 0.1383 0.2536 -0.0301 -0.0060 0.0760  16  GLU A O   
113 C  CB  . GLU A 16 ? 0.1644 0.1028 0.2127 0.0011  0.0573  0.0459  16  GLU A CB  
114 C  CG  . GLU A 16 ? 0.2524 0.1664 0.3101 -0.0078 0.0298  0.0638  16  GLU A CG  
115 C  CD  . GLU A 16 ? 0.3464 0.3221 0.4334 -0.0554 -0.0166 0.1239  16  GLU A CD  
116 O  OE1 . GLU A 16 ? 0.3800 0.4050 0.5390 -0.0428 -0.0151 0.1564  16  GLU A OE1 
117 O  OE2 . GLU A 16 ? 0.3986 0.3441 0.4107 -0.0719 -0.0555 0.1756  16  GLU A OE2 
118 N  N   . GLU A 17 ? 0.1100 0.0895 0.1449 0.0146  0.0084  0.0161  17  GLU A N   
119 C  CA  . GLU A 17 ? 0.1146 0.1184 0.1059 0.0042  0.0167  0.0037  17  GLU A CA  
120 C  C   . GLU A 17 ? 0.1074 0.1131 0.0977 -0.0126 0.0214  0.0056  17  GLU A C   
121 O  O   . GLU A 17 ? 0.1504 0.1300 0.1178 -0.0359 0.0311  -0.0023 17  GLU A O   
122 C  CB  . GLU A 17 ? 0.1245 0.1398 0.1134 -0.0122 0.0067  0.0172  17  GLU A CB  
123 C  CG  . GLU A 17 ? 0.0892 0.1648 0.1588 0.0035  0.0229  0.0269  17  GLU A CG  
124 C  CD  . GLU A 17 ? 0.0908 0.1538 0.1299 0.0227  -0.0039 0.0058  17  GLU A CD  
125 O  OE1 . GLU A 17 ? 0.1233 0.1448 0.1499 0.0236  -0.0175 -0.0056 17  GLU A OE1 
126 O  OE2 . GLU A 17 ? 0.0943 0.1536 0.1119 0.0282  0.0087  -0.0182 17  GLU A OE2 
127 N  N   . ASN A 18 ? 0.1140 0.1048 0.0979 0.0011  0.0218  0.0154  18  ASN A N   
128 C  CA  . ASN A 18 ? 0.1217 0.1068 0.1140 -0.0017 0.0056  -0.0019 18  ASN A CA  
129 C  C   . ASN A 18 ? 0.1056 0.1013 0.1272 0.0030  0.0124  0.0101  18  ASN A C   
130 O  O   . ASN A 18 ? 0.1360 0.0974 0.1125 0.0073  -0.0360 -0.0065 18  ASN A O   
131 C  CB  . ASN A 18 ? 0.1143 0.1256 0.1362 -0.0163 0.0204  0.0096  18  ASN A CB  
132 C  CG  . ASN A 18 ? 0.1015 0.1018 0.1339 0.0056  0.0208  -0.0009 18  ASN A CG  
133 O  OD1 . ASN A 18 ? 0.1032 0.0971 0.0927 0.0044  0.0255  0.0002  18  ASN A OD1 
134 N  ND2 . ASN A 18 ? 0.1058 0.1583 0.1337 -0.0005 -0.0029 0.0242  18  ASN A ND2 
135 N  N   . ASP A 19 ? 0.1170 0.1031 0.1393 0.0092  0.0312  -0.0012 19  ASP A N   
136 C  CA  . ASP A 19 ? 0.1326 0.1076 0.1189 0.0045  0.0316  -0.0167 19  ASP A CA  
137 C  C   . ASP A 19 ? 0.1022 0.1042 0.1083 0.0091  0.0318  -0.0061 19  ASP A C   
138 O  O   . ASP A 19 ? 0.1228 0.1155 0.1454 0.0319  0.0318  0.0182  19  ASP A O   
139 C  CB  . ASP A 19 ? 0.1667 0.1417 0.1620 0.0066  0.0384  -0.0186 19  ASP A CB  
140 C  CG  . ASP A 19 ? 0.1953 0.1360 0.1607 0.0139  0.0260  -0.0605 19  ASP A CG  
141 O  OD1 . ASP A 19 ? 0.1999 0.1543 0.1325 -0.0073 0.0066  -0.0325 19  ASP A OD1 
142 O  OD2 . ASP A 19 ? 0.2128 0.1268 0.2206 -0.0028 -0.0002 -0.0885 19  ASP A OD2 
143 N  N   . PHE A 20 ? 0.1166 0.1051 0.1052 -0.0028 0.0203  0.0157  20  PHE A N   
144 C  CA  . PHE A 20 ? 0.1117 0.0866 0.1086 0.0127  0.0182  -0.0241 20  PHE A CA  
145 C  C   . PHE A 20 ? 0.0947 0.0803 0.0940 0.0327  0.0016  0.0160  20  PHE A C   
146 O  O   . PHE A 20 ? 0.0788 0.0994 0.0965 0.0173  0.0004  -0.0012 20  PHE A O   
147 C  CB  . PHE A 20 ? 0.1438 0.0986 0.1113 -0.0033 0.0297  -0.0203 20  PHE A CB  
148 C  CG  . PHE A 20 ? 0.1539 0.0860 0.1740 -0.0001 0.0378  -0.0204 20  PHE A CG  
149 C  CD1 . PHE A 20 ? 0.1630 0.0882 0.1898 -0.0157 0.0572  0.0172  20  PHE A CD1 
150 C  CD2 . PHE A 20 ? 0.1511 0.0783 0.2508 -0.0053 0.0485  0.0090  20  PHE A CD2 
151 C  CE1 . PHE A 20 ? 0.1933 0.0837 0.1963 -0.0240 0.0526  0.0016  20  PHE A CE1 
152 C  CE2 . PHE A 20 ? 0.1642 0.0761 0.2633 0.0040  0.0627  0.0198  20  PHE A CE2 
153 C  CZ  . PHE A 20 ? 0.1695 0.0782 0.2356 0.0001  0.0853  -0.0179 20  PHE A CZ  
154 N  N   . MET A 21 ? 0.0898 0.0856 0.0738 0.0048  0.0098  -0.0144 21  MET A N   
155 C  CA  . MET A 21 ? 0.0956 0.0973 0.0712 -0.0082 0.0049  0.0072  21  MET A CA  
156 C  C   . MET A 21 ? 0.0671 0.0905 0.0733 0.0284  0.0058  -0.0069 21  MET A C   
157 O  O   . MET A 21 ? 0.1034 0.1108 0.1067 0.0216  0.0036  0.0140  21  MET A O   
158 C  CB  . MET A 21 ? 0.1035 0.0936 0.1070 -0.0279 0.0135  0.0062  21  MET A CB  
159 C  CG  . MET A 21 ? 0.0996 0.1106 0.1110 -0.0023 0.0104  0.0397  21  MET A CG  
160 S  SD  . MET A 21 ? 0.1008 0.0916 0.0934 0.0044  0.0185  0.0094  21  MET A SD  
161 C  CE  . MET A 21 ? 0.1620 0.0920 0.1024 0.0069  -0.0035 0.0022  21  MET A CE  
162 N  N   . ILE A 22 ? 0.0942 0.0813 0.0652 -0.0028 0.0075  -0.0023 22  ILE A N   
163 C  CA  . ILE A 22 ? 0.0968 0.0923 0.0626 -0.0127 0.0175  -0.0060 22  ILE A CA  
164 C  C   . ILE A 22 ? 0.0820 0.0941 0.0616 -0.0050 0.0061  0.0132  22  ILE A C   
165 O  O   . ILE A 22 ? 0.1015 0.0941 0.0687 0.0089  -0.0077 0.0072  22  ILE A O   
166 C  CB  . ILE A 22 ? 0.0892 0.0884 0.1068 0.0082  0.0043  -0.0001 22  ILE A CB  
167 C  CG1 . ILE A 22 ? 0.0953 0.1146 0.0944 -0.0218 -0.0071 0.0175  22  ILE A CG1 
168 C  CG2 . ILE A 22 ? 0.1160 0.0924 0.1434 -0.0104 0.0179  -0.0348 22  ILE A CG2 
169 C  CD1 . ILE A 22 ? 0.1071 0.1132 0.1272 -0.0082 -0.0073 0.0110  22  ILE A CD1 
170 N  N   . GLN A 23 ? 0.1007 0.0738 0.0587 0.0044  0.0082  -0.0046 23  GLN A N   
171 C  CA  . GLN A 23 ? 0.0905 0.1106 0.0705 -0.0074 -0.0009 0.0037  23  GLN A CA  
172 C  C   . GLN A 23 ? 0.0769 0.0718 0.0646 0.0035  0.0077  -0.0224 23  GLN A C   
173 O  O   . GLN A 23 ? 0.0847 0.0884 0.0980 -0.0076 0.0138  0.0134  23  GLN A O   
174 C  CB  . GLN A 23 ? 0.0988 0.1136 0.0998 0.0067  -0.0205 0.0175  23  GLN A CB  
175 C  CG  . GLN A 23 ? 0.1074 0.1047 0.0965 0.0004  -0.0206 -0.0257 23  GLN A CG  
176 C  CD  . GLN A 23 ? 0.1161 0.1109 0.0930 0.0041  -0.0220 -0.0102 23  GLN A CD  
177 O  OE1 . GLN A 23 ? 0.1237 0.1203 0.1158 0.0133  -0.0375 -0.0072 23  GLN A OE1 
178 N  NE2 . GLN A 23 ? 0.0989 0.1315 0.0987 -0.0159 -0.0126 -0.0123 23  GLN A NE2 
179 N  N   . CYS A 24 ? 0.0729 0.0704 0.0718 0.0088  0.0095  -0.0214 24  CYS A N   
180 C  CA  . CYS A 24 ? 0.0923 0.0952 0.0819 0.0083  0.0094  -0.0020 24  CYS A CA  
181 C  C   . CYS A 24 ? 0.1082 0.0852 0.0819 0.0114  0.0064  -0.0017 24  CYS A C   
182 O  O   . CYS A 24 ? 0.1215 0.1087 0.0795 -0.0041 -0.0051 -0.0097 24  CYS A O   
183 C  CB  . CYS A 24 ? 0.0927 0.1160 0.1047 0.0069  0.0156  0.0066  24  CYS A CB  
184 S  SG  . CYS A 24 ? 0.0976 0.1054 0.1098 -0.0030 0.0112  -0.0077 24  CYS A SG  
185 N  N   . GLU A 25 ? 0.1466 0.1345 0.0912 0.0018  0.0285  0.0115  25  GLU A N   
186 C  CA  . GLU A 25 ? 0.2171 0.1581 0.1030 -0.0066 0.0326  0.0069  25  GLU A CA  
187 C  C   . GLU A 25 ? 0.1863 0.1714 0.1056 0.0003  0.0374  0.0073  25  GLU A C   
188 O  O   . GLU A 25 ? 0.1990 0.1933 0.0819 0.0096  0.0136  -0.0304 25  GLU A O   
189 C  CB  . GLU A 25 ? 0.2965 0.1966 0.1807 -0.0293 0.0334  -0.0014 25  GLU A CB  
190 C  CG  . GLU A 25 ? 0.3116 0.2397 0.2663 -0.0521 0.0282  0.0180  25  GLU A CG  
191 C  CD  . GLU A 25 ? 0.3190 0.2762 0.3409 -0.0789 0.0147  0.0492  25  GLU A CD  
192 O  OE1 . GLU A 25 ? 0.3126 0.2888 0.3735 -0.1092 0.0027  0.0875  25  GLU A OE1 
193 O  OE2 . GLU A 25 ? 0.3025 0.2776 0.3576 -0.0913 0.0192  0.0452  25  GLU A OE2 
194 N  N   . GLU A 26 ? 0.1595 0.1597 0.1330 0.0117  0.0423  -0.0331 26  GLU A N   
195 C  CA  . GLU A 26 ? 0.1885 0.1874 0.1446 0.0108  0.0269  -0.0259 26  GLU A CA  
196 C  C   . GLU A 26 ? 0.1836 0.1733 0.1550 -0.0052 0.0091  -0.0286 26  GLU A C   
197 O  O   . GLU A 26 ? 0.2373 0.1937 0.1567 -0.0402 -0.0127 -0.0268 26  GLU A O   
198 C  CB  . GLU A 26 ? 0.2525 0.2393 0.1852 0.0320  0.0510  -0.0608 26  GLU A CB  
199 C  CG  . GLU A 26 ? 0.3690 0.3736 0.2599 -0.0115 0.0455  -0.0443 26  GLU A CG  
200 C  CD  . GLU A 26 ? 0.4598 0.4844 0.3678 -0.0347 0.0465  -0.0325 26  GLU A CD  
201 O  OE1 . GLU A 26 ? 0.4641 0.5361 0.4366 -0.0575 0.0605  -0.0043 26  GLU A OE1 
202 O  OE2 . GLU A 26 ? 0.5150 0.5303 0.4353 -0.0415 0.0388  -0.0156 26  GLU A OE2 
203 N  N   . CYS A 27 ? 0.1307 0.1465 0.1537 -0.0037 0.0307  -0.0146 27  CYS A N   
204 C  CA  . CYS A 27 ? 0.1283 0.1487 0.1285 -0.0141 0.0187  -0.0307 27  CYS A CA  
205 C  C   . CYS A 27 ? 0.1149 0.1397 0.1087 0.0042  0.0178  -0.0278 27  CYS A C   
206 O  O   . CYS A 27 ? 0.1299 0.1266 0.1264 -0.0091 0.0141  -0.0286 27  CYS A O   
207 C  CB  . CYS A 27 ? 0.1372 0.1301 0.1480 0.0062  0.0186  -0.0256 27  CYS A CB  
208 S  SG  . CYS A 27 ? 0.0980 0.1066 0.1240 -0.0012 0.0057  -0.0123 27  CYS A SG  
209 N  N   . GLN A 28 ? 0.0877 0.1375 0.1032 0.0027  0.0113  -0.0205 28  GLN A N   
210 C  CA  . GLN A 28 ? 0.1074 0.1447 0.1081 -0.0037 -0.0069 -0.0209 28  GLN A CA  
211 C  C   . GLN A 28 ? 0.0869 0.0929 0.1176 0.0136  -0.0065 -0.0292 28  GLN A C   
212 O  O   . GLN A 28 ? 0.0847 0.1049 0.1230 0.0019  -0.0066 -0.0105 28  GLN A O   
213 C  CB  . GLN A 28 ? 0.1484 0.2083 0.1072 -0.0087 -0.0175 -0.0157 28  GLN A CB  
214 C  CG  . GLN A 28 ? 0.1589 0.2614 0.1275 -0.0502 -0.0106 0.0138  28  GLN A CG  
215 C  CD  . GLN A 28 ? 0.1613 0.2580 0.1360 -0.0564 -0.0146 0.0354  28  GLN A CD  
216 O  OE1 . GLN A 28 ? 0.1754 0.2672 0.1595 -0.0512 -0.0168 0.0254  28  GLN A OE1 
217 N  NE2 . GLN A 28 ? 0.1660 0.2474 0.1294 -0.0285 -0.0130 0.0402  28  GLN A NE2 
218 N  N   . SER A 29 ? 0.0970 0.1069 0.0958 0.0044  -0.0041 -0.0201 29  SER A N   
219 C  CA  . SER A 29 ? 0.0978 0.0896 0.1069 0.0005  -0.0025 -0.0213 29  SER A CA  
220 C  C   . SER A 29 ? 0.0855 0.0676 0.1069 -0.0005 0.0059  -0.0063 29  SER A C   
221 O  O   . SER A 29 ? 0.1026 0.1012 0.1125 -0.0186 0.0171  -0.0075 29  SER A O   
222 C  CB  . SER A 29 ? 0.0955 0.0914 0.1200 0.0127  -0.0325 -0.0115 29  SER A CB  
223 O  OG  . SER A 29 ? 0.1002 0.1041 0.1273 0.0073  -0.0088 0.0032  29  SER A OG  
224 N  N   . TRP A 30 ? 0.0798 0.0830 0.0797 0.0079  0.0039  -0.0073 30  TRP A N   
225 C  CA  . TRP A 30 ? 0.0610 0.0562 0.0731 0.0151  0.0047  -0.0169 30  TRP A CA  
226 C  C   . TRP A 30 ? 0.0735 0.0429 0.0556 -0.0001 -0.0055 0.0004  30  TRP A C   
227 O  O   . TRP A 30 ? 0.0715 0.0550 0.1023 -0.0021 -0.0106 -0.0008 30  TRP A O   
228 C  CB  . TRP A 30 ? 0.0787 0.1076 0.1028 0.0031  -0.0078 0.0038  30  TRP A CB  
229 C  CG  . TRP A 30 ? 0.0769 0.1031 0.0954 0.0031  0.0076  -0.0063 30  TRP A CG  
230 C  CD1 . TRP A 30 ? 0.0719 0.1135 0.0902 -0.0105 -0.0098 -0.0150 30  TRP A CD1 
231 C  CD2 . TRP A 30 ? 0.0722 0.0721 0.1068 0.0028  -0.0024 -0.0127 30  TRP A CD2 
232 N  NE1 . TRP A 30 ? 0.0839 0.0817 0.1094 0.0072  -0.0182 0.0155  30  TRP A NE1 
233 C  CE2 . TRP A 30 ? 0.0639 0.0623 0.0947 0.0060  -0.0078 -0.0053 30  TRP A CE2 
234 C  CE3 . TRP A 30 ? 0.0766 0.0825 0.1226 0.0079  0.0063  0.0096  30  TRP A CE3 
235 C  CZ2 . TRP A 30 ? 0.0617 0.0854 0.1272 0.0073  0.0085  -0.0088 30  TRP A CZ2 
236 C  CZ3 . TRP A 30 ? 0.0824 0.0869 0.1018 0.0203  -0.0054 0.0165  30  TRP A CZ3 
237 C  CH2 . TRP A 30 ? 0.0856 0.0947 0.1178 0.0079  -0.0136 0.0030  30  TRP A CH2 
238 N  N   . GLN A 31 ? 0.0547 0.0727 0.0775 0.0045  0.0101  -0.0156 31  GLN A N   
239 C  CA  . GLN A 31 ? 0.0617 0.0657 0.0805 -0.0111 -0.0128 -0.0027 31  GLN A CA  
240 C  C   . GLN A 31 ? 0.0493 0.0515 0.0586 -0.0080 -0.0079 -0.0051 31  GLN A C   
241 O  O   . GLN A 31 ? 0.0822 0.0631 0.0707 0.0136  0.0005  0.0155  31  GLN A O   
242 C  CB  . GLN A 31 ? 0.0823 0.0828 0.1039 -0.0137 -0.0094 -0.0012 31  GLN A CB  
243 C  CG  . GLN A 31 ? 0.0821 0.0711 0.0748 0.0136  -0.0015 -0.0074 31  GLN A CG  
244 C  CD  . GLN A 31 ? 0.0790 0.0835 0.0878 0.0064  0.0069  0.0062  31  GLN A CD  
245 O  OE1 . GLN A 31 ? 0.1071 0.0879 0.0801 0.0005  0.0087  0.0050  31  GLN A OE1 
246 N  NE2 . GLN A 31 ? 0.0817 0.0756 0.1304 0.0130  0.0008  -0.0304 31  GLN A NE2 
247 N  N   . HIS A 32 ? 0.0787 0.0859 0.0692 -0.0132 -0.0162 0.0000  32  HIS A N   
248 C  CA  . HIS A 32 ? 0.0927 0.0812 0.0543 -0.0122 -0.0093 0.0031  32  HIS A CA  
249 C  C   . HIS A 32 ? 0.0810 0.0765 0.0743 0.0054  -0.0030 0.0002  32  HIS A C   
250 O  O   . HIS A 32 ? 0.0791 0.0833 0.0861 0.0070  -0.0040 -0.0067 32  HIS A O   
251 C  CB  . HIS A 32 ? 0.0863 0.0913 0.0897 -0.0098 -0.0096 0.0010  32  HIS A CB  
252 C  CG  . HIS A 32 ? 0.0659 0.0817 0.1225 0.0011  0.0104  0.0199  32  HIS A CG  
253 N  ND1 . HIS A 32 ? 0.0855 0.1111 0.1173 0.0000  -0.0011 0.0215  32  HIS A ND1 
254 C  CD2 . HIS A 32 ? 0.0722 0.1092 0.1745 -0.0034 0.0162  0.0411  32  HIS A CD2 
255 C  CE1 . HIS A 32 ? 0.0615 0.1209 0.1639 -0.0158 0.0072  0.0351  32  HIS A CE1 
256 N  NE2 . HIS A 32 ? 0.0618 0.1040 0.1744 -0.0092 -0.0006 0.0617  32  HIS A NE2 
257 N  N   . GLY A 33 ? 0.0855 0.0730 0.0791 -0.0094 0.0024  0.0004  33  GLY A N   
258 C  CA  . GLY A 33 ? 0.0854 0.0891 0.0978 -0.0170 -0.0080 0.0056  33  GLY A CA  
259 C  C   . GLY A 33 ? 0.0913 0.0786 0.0950 -0.0032 0.0010  -0.0177 33  GLY A C   
260 O  O   . GLY A 33 ? 0.0679 0.0972 0.1336 -0.0043 -0.0019 -0.0052 33  GLY A O   
261 N  N   . VAL A 34 ? 0.1217 0.0748 0.0888 0.0235  -0.0099 -0.0165 34  VAL A N   
262 C  CA  . VAL A 34 ? 0.1212 0.1114 0.1139 0.0143  -0.0187 -0.0158 34  VAL A CA  
263 C  C   . VAL A 34 ? 0.1045 0.0834 0.0868 0.0061  -0.0077 -0.0030 34  VAL A C   
264 O  O   . VAL A 34 ? 0.1022 0.0992 0.1042 0.0006  -0.0174 -0.0138 34  VAL A O   
265 C  CB  . VAL A 34 ? 0.1069 0.1688 0.1259 0.0216  -0.0101 -0.0247 34  VAL A CB  
266 C  CG1 . VAL A 34 ? 0.1073 0.2039 0.1356 0.0261  0.0344  0.0042  34  VAL A CG1 
267 C  CG2 . VAL A 34 ? 0.1816 0.2185 0.1003 -0.0004 -0.0274 -0.0409 34  VAL A CG2 
268 N  N   . CYS A 35 ? 0.0987 0.0678 0.0821 0.0145  -0.0097 0.0081  35  CYS A N   
269 C  CA  . CYS A 35 ? 0.0932 0.0805 0.0922 -0.0037 -0.0011 0.0131  35  CYS A CA  
270 C  C   . CYS A 35 ? 0.0811 0.0753 0.0913 0.0126  -0.0008 -0.0011 35  CYS A C   
271 O  O   . CYS A 35 ? 0.0751 0.0841 0.1088 0.0016  -0.0145 0.0251  35  CYS A O   
272 C  CB  . CYS A 35 ? 0.0917 0.0813 0.0924 -0.0031 0.0011  -0.0068 35  CYS A CB  
273 S  SG  . CYS A 35 ? 0.0922 0.0994 0.0937 -0.0061 -0.0056 0.0123  35  CYS A SG  
274 N  N   . MET A 36 ? 0.0900 0.0835 0.0693 -0.0006 -0.0007 0.0002  36  MET A N   
275 C  CA  . MET A 36 ? 0.0907 0.0833 0.0858 0.0098  0.0048  -0.0024 36  MET A CA  
276 C  C   . MET A 36 ? 0.1029 0.0734 0.0866 0.0113  -0.0031 -0.0026 36  MET A C   
277 O  O   . MET A 36 ? 0.0939 0.0930 0.1173 -0.0025 -0.0010 0.0127  36  MET A O   
278 C  CB  . MET A 36 ? 0.0939 0.0980 0.0815 -0.0063 -0.0173 0.0056  36  MET A CB  
279 C  CG  . MET A 36 ? 0.0822 0.0837 0.1010 -0.0052 -0.0156 -0.0089 36  MET A CG  
280 S  SD  . MET A 36 ? 0.0733 0.0738 0.0877 -0.0001 0.0046  -0.0045 36  MET A SD  
281 C  CE  . MET A 36 ? 0.1071 0.1134 0.1105 -0.0193 0.0011  0.0177  36  MET A CE  
282 N  N   . GLY A 37 ? 0.1066 0.0664 0.0996 0.0041  -0.0224 -0.0158 37  GLY A N   
283 C  CA  . GLY A 37 ? 0.1368 0.0674 0.1110 -0.0126 -0.0221 0.0051  37  GLY A CA  
284 C  C   . GLY A 37 ? 0.0973 0.0688 0.0879 -0.0159 -0.0035 -0.0210 37  GLY A C   
285 O  O   . GLY A 37 ? 0.1061 0.0584 0.1078 -0.0249 -0.0081 0.0029  37  GLY A O   
286 N  N   . LEU A 38 ? 0.0940 0.0815 0.1011 0.0155  -0.0081 0.0259  38  LEU A N   
287 C  CA  . LEU A 38 ? 0.1117 0.0948 0.0957 0.0097  -0.0064 -0.0103 38  LEU A CA  
288 C  C   . LEU A 38 ? 0.1303 0.0955 0.1134 0.0147  0.0247  0.0234  38  LEU A C   
289 O  O   . LEU A 38 ? 0.1529 0.1018 0.1532 0.0322  0.0477  0.0323  38  LEU A O   
290 C  CB  . LEU A 38 ? 0.0897 0.0905 0.1057 -0.0047 0.0069  0.0055  38  LEU A CB  
291 C  CG  . LEU A 38 ? 0.0945 0.1083 0.0990 -0.0058 0.0007  -0.0026 38  LEU A CG  
292 C  CD1 . LEU A 38 ? 0.1331 0.1351 0.0641 -0.0286 -0.0185 -0.0142 38  LEU A CD1 
293 C  CD2 . LEU A 38 ? 0.1237 0.1289 0.1551 -0.0183 0.0274  -0.0063 38  LEU A CD2 
294 N  N   . LEU A 39 ? 0.1485 0.0923 0.1493 0.0377  0.0327  0.0261  39  LEU A N   
295 C  CA  . LEU A 39 ? 0.1732 0.1055 0.1799 0.0327  0.0152  0.0214  39  LEU A CA  
296 C  C   . LEU A 39 ? 0.1425 0.0954 0.1694 0.0254  0.0452  0.0129  39  LEU A C   
297 O  O   . LEU A 39 ? 0.1526 0.1025 0.1342 0.0117  0.0544  0.0090  39  LEU A O   
298 C  CB  . LEU A 39 ? 0.2211 0.1320 0.1611 0.0396  -0.0227 -0.0023 39  LEU A CB  
299 C  CG  . LEU A 39 ? 0.2636 0.1511 0.1771 0.0455  -0.0243 -0.0144 39  LEU A CG  
300 C  CD1 . LEU A 39 ? 0.2667 0.1677 0.1978 0.0260  -0.0337 -0.0299 39  LEU A CD1 
301 C  CD2 . LEU A 39 ? 0.2829 0.1592 0.1524 0.0528  -0.0096 -0.0081 39  LEU A CD2 
302 N  N   . GLU A 40 ? 0.1348 0.1102 0.1989 0.0309  0.0329  0.0267  40  GLU A N   
303 C  CA  . GLU A 40 ? 0.1419 0.1202 0.2211 0.0232  0.0335  0.0118  40  GLU A CA  
304 C  C   . GLU A 40 ? 0.1620 0.1133 0.1862 0.0116  0.0204  0.0286  40  GLU A C   
305 O  O   . GLU A 40 ? 0.1567 0.1359 0.1861 0.0010  0.0278  0.0244  40  GLU A O   
306 C  CB  . GLU A 40 ? 0.1695 0.1691 0.2830 0.0170  0.0535  0.0297  40  GLU A CB  
307 C  CG  . GLU A 40 ? 0.2344 0.2023 0.3216 0.0016  0.0739  0.0411  40  GLU A CG  
308 C  CD  . GLU A 40 ? 0.2723 0.2198 0.3097 -0.0278 0.1174  -0.0045 40  GLU A CD  
309 O  OE1 . GLU A 40 ? 0.2850 0.2215 0.3332 -0.0361 0.1185  -0.0243 40  GLU A OE1 
310 O  OE2 . GLU A 40 ? 0.3172 0.2437 0.2663 -0.0473 0.1504  -0.0276 40  GLU A OE2 
311 N  N   . GLU A 41 ? 0.1605 0.0909 0.1971 0.0270  0.0335  0.0022  41  GLU A N   
312 C  CA  . GLU A 41 ? 0.1609 0.1070 0.1736 0.0114  0.0396  0.0218  41  GLU A CA  
313 C  C   . GLU A 41 ? 0.1319 0.0991 0.0961 -0.0044 0.0123  0.0084  41  GLU A C   
314 O  O   . GLU A 41 ? 0.1404 0.0974 0.1572 -0.0264 0.0082  0.0395  41  GLU A O   
315 C  CB  . GLU A 41 ? 0.2336 0.1295 0.2127 0.0135  0.0632  -0.0139 41  GLU A CB  
316 C  CG  . GLU A 41 ? 0.2818 0.1547 0.2418 -0.0069 0.0611  0.0037  41  GLU A CG  
317 C  CD  . GLU A 41 ? 0.3232 0.1933 0.2319 0.0085  0.0493  0.0036  41  GLU A CD  
318 O  OE1 . GLU A 41 ? 0.3142 0.1999 0.2631 0.0094  0.0661  0.0216  41  GLU A OE1 
319 O  OE2 . GLU A 41 ? 0.3465 0.1895 0.2010 0.0404  0.0290  -0.0369 41  GLU A OE2 
320 N  N   . ASN A 42 ? 0.1184 0.1057 0.1403 -0.0056 0.0186  0.0118  42  ASN A N   
321 C  CA  . ASN A 42 ? 0.1294 0.1143 0.1376 -0.0240 0.0055  0.0185  42  ASN A CA  
322 C  C   . ASN A 42 ? 0.1359 0.1278 0.1236 -0.0317 -0.0110 0.0209  42  ASN A C   
323 O  O   . ASN A 42 ? 0.0931 0.1622 0.1275 -0.0277 0.0447  -0.0240 42  ASN A O   
324 C  CB  . ASN A 42 ? 0.1452 0.0839 0.1478 -0.0233 -0.0079 0.0154  42  ASN A CB  
325 C  CG  . ASN A 42 ? 0.1511 0.0859 0.1192 -0.0112 -0.0090 0.0108  42  ASN A CG  
326 O  OD1 . ASN A 42 ? 0.1213 0.0775 0.1045 -0.0353 0.0030  0.0224  42  ASN A OD1 
327 N  ND2 . ASN A 42 ? 0.2141 0.0947 0.1173 -0.0265 -0.0578 0.0052  42  ASN A ND2 
328 N  N   . VAL A 43 ? 0.1201 0.1083 0.1243 -0.0201 0.0025  0.0025  43  VAL A N   
329 C  CA  . VAL A 43 ? 0.1385 0.1206 0.1157 -0.0274 0.0006  0.0218  43  VAL A CA  
330 C  C   . VAL A 43 ? 0.1258 0.0926 0.1136 -0.0167 0.0039  0.0292  43  VAL A C   
331 O  O   . VAL A 43 ? 0.1364 0.0944 0.1201 -0.0057 -0.0270 0.0354  43  VAL A O   
332 C  CB  . VAL A 43 ? 0.1355 0.1335 0.1548 -0.0337 0.0106  0.0017  43  VAL A CB  
333 C  CG1 . VAL A 43 ? 0.1451 0.1463 0.2136 -0.0201 -0.0031 0.0006  43  VAL A CG1 
334 C  CG2 . VAL A 43 ? 0.1698 0.1090 0.1381 -0.0493 -0.0019 -0.0241 43  VAL A CG2 
335 N  N   . PRO A 44 ? 0.1220 0.1061 0.1038 -0.0121 -0.0088 0.0245  44  PRO A N   
336 C  CA  . PRO A 44 ? 0.1072 0.1257 0.0952 0.0007  0.0005  0.0015  44  PRO A CA  
337 C  C   . PRO A 44 ? 0.1271 0.1536 0.0927 -0.0107 -0.0089 0.0138  44  PRO A C   
338 O  O   . PRO A 44 ? 0.1306 0.1677 0.0970 -0.0390 -0.0096 0.0044  44  PRO A O   
339 C  CB  . PRO A 44 ? 0.1307 0.1583 0.1189 -0.0141 0.0012  0.0298  44  PRO A CB  
340 C  CG  . PRO A 44 ? 0.1522 0.1653 0.1305 0.0119  0.0090  0.0250  44  PRO A CG  
341 C  CD  . PRO A 44 ? 0.1381 0.1552 0.1229 0.0058  -0.0050 0.0245  44  PRO A CD  
342 N  N   . GLU A 45 ? 0.1317 0.1884 0.1071 -0.0021 0.0032  0.0345  45  GLU A N   
343 C  CA  . GLU A 45 ? 0.1649 0.2417 0.1334 -0.0299 -0.0252 0.0488  45  GLU A CA  
344 C  C   . GLU A 45 ? 0.1727 0.2670 0.1523 -0.0550 -0.0194 0.0326  45  GLU A C   
345 O  O   . GLU A 45 ? 0.1541 0.3236 0.1912 -0.1078 -0.0126 -0.0032 45  GLU A O   
346 C  CB  . GLU A 45 ? 0.2063 0.2938 0.1942 -0.0322 -0.0234 0.0943  45  GLU A CB  
347 C  CG  . GLU A 45 ? 0.2423 0.3510 0.2870 -0.0629 -0.0186 0.1249  45  GLU A CG  
348 C  CD  . GLU A 45 ? 0.2837 0.4091 0.3678 -0.0773 -0.0158 0.1411  45  GLU A CD  
349 O  OE1 . GLU A 45 ? 0.3012 0.4244 0.4194 -0.0922 -0.0364 0.1042  45  GLU A OE1 
350 O  OE2 . GLU A 45 ? 0.3086 0.4593 0.4098 -0.0640 0.0063  0.1718  45  GLU A OE2 
351 N  N   . LYS A 46 ? 0.1649 0.2424 0.1134 -0.0392 -0.0086 0.0347  46  LYS A N   
352 C  CA  . LYS A 46 ? 0.1827 0.2646 0.1308 -0.0147 0.0105  0.0527  46  LYS A CA  
353 C  C   . LYS A 46 ? 0.1578 0.2977 0.1472 0.0263  0.0171  0.0844  46  LYS A C   
354 O  O   . LYS A 46 ? 0.1663 0.4020 0.2050 0.0483  0.0074  0.1453  46  LYS A O   
355 C  CB  . LYS A 46 ? 0.2139 0.2557 0.1721 -0.0087 0.0230  0.0851  46  LYS A CB  
356 C  CG  . LYS A 46 ? 0.2630 0.2836 0.2328 -0.0050 0.0266  0.1141  46  LYS A CG  
357 C  CD  . LYS A 46 ? 0.2975 0.3081 0.2570 -0.0420 0.0040  0.1176  46  LYS A CD  
358 C  CE  . LYS A 46 ? 0.3179 0.3257 0.2887 -0.0621 -0.0112 0.1202  46  LYS A CE  
359 N  NZ  . LYS A 46 ? 0.3449 0.3432 0.3191 -0.0726 -0.0226 0.1252  46  LYS A NZ  
360 N  N   . TYR A 47 ? 0.1461 0.1851 0.1535 0.0012  0.0165  0.0550  47  TYR A N   
361 C  CA  . TYR A 47 ? 0.1537 0.1291 0.1226 0.0022  0.0188  0.0220  47  TYR A CA  
362 C  C   . TYR A 47 ? 0.1124 0.1078 0.1064 -0.0127 0.0186  0.0122  47  TYR A C   
363 O  O   . TYR A 47 ? 0.1161 0.1036 0.1185 -0.0253 -0.0007 0.0126  47  TYR A O   
364 C  CB  . TYR A 47 ? 0.1474 0.0943 0.1511 -0.0051 0.0282  0.0291  47  TYR A CB  
365 C  CG  . TYR A 47 ? 0.1186 0.0989 0.1279 0.0088  0.0315  0.0270  47  TYR A CG  
366 C  CD1 . TYR A 47 ? 0.1030 0.1023 0.1007 0.0007  0.0305  -0.0092 47  TYR A CD1 
367 C  CD2 . TYR A 47 ? 0.1122 0.1154 0.1131 -0.0131 0.0305  0.0061  47  TYR A CD2 
368 C  CE1 . TYR A 47 ? 0.0993 0.0997 0.0822 -0.0204 0.0180  0.0007  47  TYR A CE1 
369 C  CE2 . TYR A 47 ? 0.1245 0.0925 0.0967 0.0153  0.0119  0.0012  47  TYR A CE2 
370 C  CZ  . TYR A 47 ? 0.0840 0.0931 0.0784 -0.0036 0.0146  -0.0023 47  TYR A CZ  
371 O  OH  . TYR A 47 ? 0.0996 0.0952 0.0826 -0.0056 0.0027  0.0082  47  TYR A OH  
372 N  N   A THR A 48 ? 0.1181 0.1010 0.1233 0.0021  0.0247  0.0185  48  THR A N   
373 N  N   B THR A 48 ? 0.1137 0.0889 0.1326 0.0004  0.0232  0.0225  48  THR A N   
374 C  CA  A THR A 48 ? 0.1250 0.1399 0.1086 -0.0024 0.0301  0.0201  48  THR A CA  
375 C  CA  B THR A 48 ? 0.1287 0.1184 0.1018 -0.0067 0.0169  0.0140  48  THR A CA  
376 C  C   A THR A 48 ? 0.1027 0.1064 0.1000 0.0105  0.0182  0.0007  48  THR A C   
377 C  C   B THR A 48 ? 0.1021 0.1000 0.1037 0.0100  0.0109  0.0025  48  THR A C   
378 O  O   A THR A 48 ? 0.1359 0.1046 0.1021 0.0000  0.0065  -0.0010 48  THR A O   
379 O  O   B THR A 48 ? 0.1378 0.1068 0.1230 -0.0039 0.0003  -0.0002 48  THR A O   
380 C  CB  A THR A 48 ? 0.1562 0.2230 0.1480 -0.0081 0.0454  0.0487  48  THR A CB  
381 C  CB  B THR A 48 ? 0.1759 0.1717 0.1203 -0.0067 0.0288  0.0210  48  THR A CB  
382 O  OG1 A THR A 48 ? 0.1507 0.2537 0.1718 -0.0200 0.0544  0.0421  48  THR A OG1 
383 O  OG1 B THR A 48 ? 0.1873 0.1998 0.1499 0.0068  0.0227  0.0217  48  THR A OG1 
384 C  CG2 A THR A 48 ? 0.1673 0.2637 0.1683 0.0037  0.0389  0.0728  48  THR A CG2 
385 C  CG2 B THR A 48 ? 0.1909 0.1531 0.1171 0.0084  0.0415  -0.0233 48  THR A CG2 
386 N  N   . CYS A 49 ? 0.0958 0.0846 0.0988 0.0073  0.0146  0.0154  49  CYS A N   
387 C  CA  . CYS A 49 ? 0.0790 0.1081 0.1275 0.0071  0.0108  0.0245  49  CYS A CA  
388 C  C   . CYS A 49 ? 0.0762 0.0838 0.1310 0.0028  0.0033  0.0067  49  CYS A C   
389 O  O   . CYS A 49 ? 0.0969 0.1063 0.1414 0.0040  0.0156  -0.0010 49  CYS A O   
390 C  CB  . CYS A 49 ? 0.0861 0.0918 0.1190 0.0129  0.0091  -0.0042 49  CYS A CB  
391 S  SG  . CYS A 49 ? 0.0885 0.0902 0.1277 -0.0022 0.0073  -0.0032 49  CYS A SG  
392 N  N   . TYR A 50 ? 0.0989 0.0857 0.1176 -0.0030 -0.0026 0.0154  50  TYR A N   
393 C  CA  . TYR A 50 ? 0.0951 0.0881 0.1035 0.0071  -0.0073 -0.0041 50  TYR A CA  
394 C  C   . TYR A 50 ? 0.0745 0.0999 0.1175 -0.0090 0.0230  0.0046  50  TYR A C   
395 O  O   . TYR A 50 ? 0.0588 0.1314 0.1535 0.0182  0.0199  -0.0068 50  TYR A O   
396 C  CB  . TYR A 50 ? 0.0997 0.0991 0.1156 -0.0090 -0.0018 0.0242  50  TYR A CB  
397 C  CG  . TYR A 50 ? 0.0918 0.0902 0.0950 0.0063  0.0002  0.0095  50  TYR A CG  
398 C  CD1 . TYR A 50 ? 0.0971 0.1041 0.0994 0.0006  -0.0029 0.0082  50  TYR A CD1 
399 C  CD2 . TYR A 50 ? 0.1015 0.1278 0.1265 -0.0056 -0.0165 0.0114  50  TYR A CD2 
400 C  CE1 . TYR A 50 ? 0.1207 0.1199 0.1272 0.0066  0.0014  0.0206  50  TYR A CE1 
401 C  CE2 . TYR A 50 ? 0.0933 0.1130 0.1140 -0.0122 0.0090  0.0031  50  TYR A CE2 
402 C  CZ  . TYR A 50 ? 0.0842 0.1352 0.1373 -0.0214 0.0061  0.0210  50  TYR A CZ  
403 O  OH  . TYR A 50 ? 0.0932 0.1362 0.1553 -0.0310 -0.0078 0.0125  50  TYR A OH  
404 N  N   . VAL A 51 ? 0.1148 0.0646 0.1279 0.0086  0.0064  -0.0139 51  VAL A N   
405 C  CA  . VAL A 51 ? 0.1191 0.0978 0.1279 0.0021  0.0089  -0.0044 51  VAL A CA  
406 C  C   . VAL A 51 ? 0.1189 0.0931 0.1250 0.0247  0.0260  -0.0100 51  VAL A C   
407 O  O   . VAL A 51 ? 0.1090 0.1364 0.1392 0.0471  0.0323  -0.0069 51  VAL A O   
408 C  CB  . VAL A 51 ? 0.1519 0.0763 0.1364 0.0201  0.0022  -0.0208 51  VAL A CB  
409 C  CG1 . VAL A 51 ? 0.1781 0.0874 0.1659 0.0070  0.0126  -0.0216 51  VAL A CG1 
410 C  CG2 . VAL A 51 ? 0.1705 0.0940 0.1810 -0.0073 0.0075  0.0230  51  VAL A CG2 
411 N  N   . CYS A 52 ? 0.1436 0.0998 0.1205 -0.0045 0.0294  -0.0030 52  CYS A N   
412 C  CA  . CYS A 52 ? 0.0981 0.1258 0.1183 0.0073  0.0078  -0.0039 52  CYS A CA  
413 C  C   . CYS A 52 ? 0.0914 0.1638 0.1208 -0.0195 0.0153  -0.0215 52  CYS A C   
414 O  O   . CYS A 52 ? 0.1092 0.1891 0.1022 -0.0333 0.0385  -0.0150 52  CYS A O   
415 C  CB  . CYS A 52 ? 0.1063 0.1217 0.1239 0.0112  0.0049  -0.0051 52  CYS A CB  
416 S  SG  . CYS A 52 ? 0.0974 0.1091 0.1378 0.0113  0.0271  -0.0504 52  CYS A SG  
417 N  N   . GLN A 53 ? 0.1242 0.1795 0.1538 -0.0413 0.0095  -0.0038 53  GLN A N   
418 C  CA  . GLN A 53 ? 0.1273 0.2476 0.1387 -0.0481 0.0443  -0.0400 53  GLN A CA  
419 C  C   . GLN A 53 ? 0.1575 0.3600 0.1477 -0.1098 0.0325  -0.0412 53  GLN A C   
420 O  O   . GLN A 53 ? 0.2066 0.4538 0.2388 -0.1415 0.0289  0.0258  53  GLN A O   
421 C  CB  . GLN A 53 ? 0.1638 0.2160 0.1130 -0.0420 0.0186  -0.0124 53  GLN A CB  
422 C  CG  . GLN A 53 ? 0.1847 0.2096 0.0856 -0.0319 0.0235  0.0142  53  GLN A CG  
423 C  CD  . GLN A 53 ? 0.2310 0.1803 0.1374 -0.0330 0.0171  0.0252  53  GLN A CD  
424 O  OE1 . GLN A 53 ? 0.3011 0.1953 0.1203 -0.0809 0.0021  0.0182  53  GLN A OE1 
425 N  NE2 . GLN A 53 ? 0.2922 0.1717 0.1683 -0.0160 0.0074  0.0472  53  GLN A NE2 
426 ZN ZN  . ZN  B .  ? 0.0855 0.0925 0.1162 0.0051  0.0135  -0.0127 101 ZN  A ZN  
427 ZN ZN  . ZN  C .  ? 0.0785 0.0851 0.1002 0.0004  0.0002  0.0120  102 ZN  A ZN  
428 C  C1  A GOL D .  ? 0.4303 0.5700 0.5536 0.1204  0.0600  0.0409  103 GOL A C1  
429 C  C1  B GOL D .  ? 0.3191 0.4971 0.5611 0.1490  0.1056  0.0285  103 GOL A C1  
430 O  O1  A GOL D .  ? 0.4228 0.5570 0.5352 0.1364  0.0701  0.0233  103 GOL A O1  
431 O  O1  B GOL D .  ? 0.3004 0.4909 0.5596 0.1628  0.0965  0.0265  103 GOL A O1  
432 C  C2  A GOL D .  ? 0.4459 0.5815 0.5715 0.1010  0.0481  0.0623  103 GOL A C2  
433 C  C2  B GOL D .  ? 0.3584 0.5195 0.5770 0.1124  0.0952  0.0636  103 GOL A C2  
434 O  O2  A GOL D .  ? 0.4567 0.5960 0.5761 0.0981  0.0535  0.0623  103 GOL A O2  
435 O  O2  B GOL D .  ? 0.3790 0.5472 0.5858 0.1017  0.1057  0.0684  103 GOL A O2  
436 C  C3  A GOL D .  ? 0.4485 0.5742 0.5822 0.0839  0.0342  0.0826  103 GOL A C3  
437 C  C3  B GOL D .  ? 0.3658 0.5067 0.5842 0.0868  0.0841  0.0874  103 GOL A C3  
438 O  O3  A GOL D .  ? 0.4576 0.5678 0.5915 0.0714  0.0184  0.1004  103 GOL A O3  
439 O  O3  B GOL D .  ? 0.3805 0.4978 0.5938 0.0692  0.0674  0.1100  103 GOL A O3  
# 
